data_2RFZ
#
_entry.id   2RFZ
#
_cell.length_a   50.800
_cell.length_b   94.370
_cell.length_c   189.910
_cell.angle_alpha   90.000
_cell.angle_beta   90.190
_cell.angle_gamma   90.000
#
_symmetry.space_group_name_H-M   'P 1 21 1'
#
loop_
_entity.id
_entity.type
_entity.pdbx_description
1 polymer 'Cellulose 1,4-beta-cellobiosidase'
2 branched beta-D-glucopyranose-(1-4)-beta-D-glucopyranose-(1-4)-alpha-D-glucopyranose
3 water water
#
_entity_poly.entity_id   1
_entity_poly.type   'polypeptide(L)'
_entity_poly.pdbx_seq_one_letter_code
;(PCA)RAGNETPENHPPLTWQRCTAPGNCQTVNAEVVIDANWRWLHDDNMQNCYDGNQWTNACSTATDCAEKCMIEGAGD
YLGTYGASTSGDALTLKFVTKHEYGTNVGSRFYLMNGPDKYQMFNLMGNELAFDVDLSTVECGINSALYFVAMEEDGGMA
SYPSNQAGARYGTGYCDAQCARDLKFVGGKANIEGWKSSTSDPNAGVGPYGSCCAEIDVWESNAYAFAFTPHACTTNEYH
VCETTNCGGTYSEDRFAGKCDANGCDYNPYRMGNPDFYGKGKTLDTSRKFTVVSRFEENKLSQYFIQDGRKIEIPPPTWE
GMPNSSEITPELCSTMFDVFNDRNRFEEVGGFEQLNNALRVPMVLVMSIWDDHYANMLWLDSIYPPEKEGQPGAARGDCP
TDSGVPAEVEAQFPDAQVVWSNIRFGPIGSTYDF
;
_entity_poly.pdbx_strand_id   A,B,C,D
#
# COMPACT_ATOMS: atom_id res chain seq x y z
N ARG A 2 27.63 -4.63 15.67
CA ARG A 2 27.24 -3.93 14.45
C ARG A 2 26.97 -4.94 13.33
N ALA A 3 26.60 -4.44 12.16
CA ALA A 3 26.37 -5.33 11.03
C ALA A 3 27.54 -5.29 10.04
N GLY A 4 27.83 -6.45 9.46
CA GLY A 4 28.81 -6.67 8.42
C GLY A 4 28.19 -6.57 7.04
N ASN A 5 28.90 -5.97 6.09
CA ASN A 5 28.32 -5.68 4.79
C ASN A 5 28.81 -6.60 3.69
N GLU A 6 29.50 -7.68 4.05
CA GLU A 6 29.83 -8.64 2.98
C GLU A 6 28.54 -9.31 2.50
N THR A 7 27.50 -9.32 3.32
CA THR A 7 26.26 -9.90 2.84
C THR A 7 25.07 -9.00 3.17
N PRO A 8 24.32 -8.62 2.15
CA PRO A 8 23.05 -7.92 2.35
C PRO A 8 22.01 -8.86 2.97
N GLU A 9 21.04 -8.25 3.63
CA GLU A 9 19.97 -8.95 4.36
C GLU A 9 18.66 -8.88 3.60
N ASN A 10 18.13 -10.03 3.18
CA ASN A 10 16.90 -10.04 2.39
C ASN A 10 15.81 -10.89 3.04
N HIS A 11 14.85 -10.26 3.72
CA HIS A 11 13.74 -10.94 4.34
C HIS A 11 12.65 -11.40 3.38
N PRO A 12 12.52 -12.72 3.21
CA PRO A 12 11.39 -13.26 2.45
C PRO A 12 10.09 -12.69 2.99
N PRO A 13 9.17 -12.33 2.11
CA PRO A 13 7.90 -11.74 2.55
C PRO A 13 6.92 -12.81 3.02
N LEU A 14 6.23 -12.62 4.15
CA LEU A 14 5.27 -13.62 4.57
C LEU A 14 3.92 -13.04 4.99
N THR A 15 2.97 -13.19 4.05
CA THR A 15 1.63 -12.65 4.22
C THR A 15 0.89 -13.34 5.35
N TRP A 16 0.33 -12.52 6.24
CA TRP A 16 -0.61 -13.08 7.23
C TRP A 16 -1.86 -12.22 7.18
N GLN A 17 -2.84 -12.53 8.01
CA GLN A 17 -4.05 -11.70 7.94
C GLN A 17 -4.68 -11.43 9.30
N ARG A 18 -4.84 -10.14 9.53
CA ARG A 18 -5.54 -9.38 10.54
C ARG A 18 -7.05 -9.48 10.31
N CYS A 19 -7.78 -10.10 11.22
CA CYS A 19 -9.21 -10.28 11.04
C CYS A 19 -10.02 -9.30 11.86
N THR A 20 -11.31 -9.09 11.52
CA THR A 20 -12.12 -8.35 12.48
C THR A 20 -13.27 -9.23 13.00
N ALA A 21 -13.90 -9.94 12.07
CA ALA A 21 -15.05 -10.80 12.32
C ALA A 21 -14.99 -11.97 11.35
N PRO A 22 -15.74 -13.05 11.57
CA PRO A 22 -15.59 -14.24 10.70
C PRO A 22 -15.70 -13.91 9.22
N GLY A 23 -15.30 -14.84 8.37
CA GLY A 23 -15.36 -14.75 6.93
C GLY A 23 -15.02 -13.38 6.40
N ASN A 24 -14.04 -12.75 7.02
CA ASN A 24 -13.67 -11.38 6.70
C ASN A 24 -12.51 -10.92 7.59
N CYS A 25 -11.36 -10.67 6.98
CA CYS A 25 -10.20 -10.19 7.70
C CYS A 25 -9.57 -9.01 6.94
N GLN A 26 -8.25 -9.08 6.90
CA GLN A 26 -7.37 -8.18 6.19
C GLN A 26 -5.96 -8.77 6.17
N THR A 27 -5.45 -8.94 4.95
CA THR A 27 -4.10 -9.45 4.76
C THR A 27 -3.09 -8.55 5.47
N VAL A 28 -1.81 -8.91 5.40
CA VAL A 28 -0.78 -8.13 6.06
C VAL A 28 0.55 -8.31 5.33
N ASN A 29 0.93 -7.36 4.48
CA ASN A 29 2.17 -7.66 3.75
C ASN A 29 3.36 -7.56 4.69
N ALA A 30 3.72 -8.75 5.16
CA ALA A 30 4.84 -8.89 6.08
C ALA A 30 6.05 -9.51 5.40
N GLU A 31 7.11 -9.65 6.20
CA GLU A 31 8.34 -10.24 5.73
C GLU A 31 8.80 -11.24 6.79
N VAL A 32 9.96 -11.87 6.65
CA VAL A 32 10.44 -12.73 7.73
C VAL A 32 11.94 -12.60 7.92
N VAL A 33 12.36 -12.85 9.16
CA VAL A 33 13.78 -12.76 9.49
C VAL A 33 14.21 -13.98 10.32
N ILE A 34 15.43 -14.44 10.05
CA ILE A 34 16.08 -15.54 10.72
C ILE A 34 16.82 -15.04 11.96
N ASP A 35 16.68 -15.80 13.04
CA ASP A 35 17.35 -15.50 14.29
C ASP A 35 18.84 -15.30 13.99
N ALA A 36 19.44 -14.38 14.71
CA ALA A 36 20.80 -13.91 14.64
C ALA A 36 21.85 -14.94 15.03
N ASN A 37 21.48 -16.14 15.47
CA ASN A 37 22.53 -17.10 15.84
C ASN A 37 23.03 -17.86 14.63
N TRP A 38 22.39 -17.65 13.49
CA TRP A 38 22.74 -18.46 12.33
C TRP A 38 23.63 -17.68 11.36
N ARG A 39 23.85 -16.39 11.63
CA ARG A 39 24.63 -15.58 10.70
C ARG A 39 26.12 -15.63 10.99
N TRP A 40 26.91 -14.95 10.15
CA TRP A 40 28.34 -14.93 10.37
C TRP A 40 28.80 -13.67 11.10
N LEU A 41 29.71 -13.89 12.03
CA LEU A 41 30.41 -12.90 12.83
C LEU A 41 31.89 -12.79 12.44
N HIS A 42 32.35 -11.58 12.20
CA HIS A 42 33.74 -11.34 11.84
C HIS A 42 34.17 -9.94 12.23
N ASP A 43 35.39 -9.59 11.81
CA ASP A 43 35.84 -8.22 12.01
C ASP A 43 36.08 -7.55 10.66
N ASP A 44 36.67 -6.37 10.67
CA ASP A 44 36.94 -5.63 9.45
C ASP A 44 37.73 -6.45 8.44
N ASN A 45 38.90 -6.96 8.83
CA ASN A 45 39.75 -7.67 7.88
C ASN A 45 39.34 -9.12 7.71
N MET A 46 38.04 -9.35 7.76
CA MET A 46 37.34 -10.60 7.53
C MET A 46 38.04 -11.81 8.16
N GLN A 47 37.25 -12.52 8.94
CA GLN A 47 37.51 -13.75 9.64
C GLN A 47 36.76 -13.77 11.00
N ASN A 48 36.27 -14.97 11.24
CA ASN A 48 35.32 -15.33 12.27
C ASN A 48 35.69 -14.82 13.65
N CYS A 49 34.71 -14.26 14.33
CA CYS A 49 34.77 -13.84 15.72
C CYS A 49 34.31 -15.05 16.56
N TYR A 50 33.75 -15.97 15.79
CA TYR A 50 33.19 -17.25 16.20
C TYR A 50 33.14 -18.21 15.01
N ASP A 51 33.98 -19.22 15.08
CA ASP A 51 34.01 -20.34 14.15
C ASP A 51 33.51 -21.58 14.88
N GLY A 52 32.70 -22.41 14.21
CA GLY A 52 32.19 -23.61 14.84
C GLY A 52 31.55 -23.33 16.19
N ASN A 53 31.86 -24.17 17.19
CA ASN A 53 31.30 -24.00 18.52
C ASN A 53 32.17 -23.09 19.37
N GLN A 54 33.30 -22.65 18.84
CA GLN A 54 34.19 -21.82 19.66
C GLN A 54 34.41 -20.44 19.06
N TRP A 55 34.59 -19.47 19.95
CA TRP A 55 34.92 -18.09 19.64
C TRP A 55 36.35 -17.98 19.13
N THR A 56 36.76 -16.79 18.67
CA THR A 56 38.08 -16.68 18.05
C THR A 56 39.02 -15.79 18.82
N ASN A 57 40.31 -15.85 18.46
CA ASN A 57 41.28 -15.01 19.15
C ASN A 57 40.96 -13.54 18.88
N ALA A 58 40.35 -13.30 17.72
CA ALA A 58 39.92 -11.97 17.34
C ALA A 58 39.14 -11.29 18.46
N CYS A 59 38.36 -12.07 19.19
CA CYS A 59 37.53 -11.63 20.29
C CYS A 59 38.17 -11.84 21.65
N SER A 60 37.82 -11.00 22.63
CA SER A 60 38.36 -11.11 23.98
C SER A 60 37.31 -10.94 25.06
N THR A 61 36.30 -10.08 24.86
CA THR A 61 35.36 -9.87 25.97
C THR A 61 33.99 -9.39 25.50
N ALA A 62 33.04 -9.45 26.42
CA ALA A 62 31.64 -9.11 26.20
C ALA A 62 31.46 -7.78 25.47
N THR A 63 32.30 -6.83 25.87
CA THR A 63 32.20 -5.47 25.38
C THR A 63 32.93 -5.29 24.06
N ASP A 64 34.23 -5.60 24.04
CA ASP A 64 35.06 -5.36 22.85
C ASP A 64 34.72 -6.34 21.73
N CYS A 65 33.79 -7.27 21.96
CA CYS A 65 33.35 -8.18 20.92
C CYS A 65 32.21 -7.55 20.11
N ALA A 66 31.54 -6.57 20.71
CA ALA A 66 30.41 -5.86 20.13
C ALA A 66 30.86 -4.61 19.36
N GLU A 67 31.97 -4.02 19.79
CA GLU A 67 32.55 -2.88 19.09
C GLU A 67 33.57 -3.32 18.04
N LYS A 68 33.81 -4.62 17.89
CA LYS A 68 34.86 -5.10 16.99
C LYS A 68 34.28 -5.97 15.88
N CYS A 69 33.33 -6.82 16.27
CA CYS A 69 32.65 -7.70 15.33
C CYS A 69 31.35 -7.09 14.79
N MET A 70 30.75 -7.86 13.89
CA MET A 70 29.50 -7.49 13.25
C MET A 70 28.77 -8.71 12.69
N ILE A 71 27.46 -8.61 12.43
CA ILE A 71 26.77 -9.75 11.83
C ILE A 71 26.24 -9.44 10.43
N GLU A 72 26.01 -10.54 9.72
CA GLU A 72 25.87 -10.49 8.27
C GLU A 72 24.54 -10.93 7.72
N GLY A 73 24.19 -10.42 6.52
CA GLY A 73 22.96 -10.91 5.90
C GLY A 73 23.07 -12.41 5.70
N ALA A 74 21.94 -13.09 5.53
CA ALA A 74 21.97 -14.55 5.49
C ALA A 74 22.33 -15.20 4.16
N GLY A 75 22.87 -14.51 3.16
CA GLY A 75 23.05 -15.19 1.88
C GLY A 75 21.69 -15.63 1.34
N ASP A 76 21.66 -16.72 0.58
CA ASP A 76 20.38 -17.23 0.08
C ASP A 76 19.71 -18.11 1.11
N TYR A 77 18.58 -17.65 1.64
CA TYR A 77 17.89 -18.34 2.72
C TYR A 77 17.46 -19.74 2.34
N LEU A 78 17.40 -20.01 1.04
CA LEU A 78 16.91 -21.27 0.51
C LEU A 78 18.00 -22.34 0.47
N GLY A 79 19.17 -21.98 -0.03
CA GLY A 79 20.25 -22.92 -0.25
C GLY A 79 21.15 -23.13 0.95
N THR A 80 21.19 -22.12 1.80
CA THR A 80 22.05 -22.10 2.96
C THR A 80 21.32 -22.54 4.23
N TYR A 81 20.00 -22.39 4.27
CA TYR A 81 19.28 -22.68 5.50
C TYR A 81 17.91 -23.32 5.30
N GLY A 82 17.56 -23.78 4.11
CA GLY A 82 16.25 -24.40 3.93
C GLY A 82 15.11 -23.42 4.08
N ALA A 83 15.43 -22.14 4.14
CA ALA A 83 14.42 -21.09 4.28
C ALA A 83 13.74 -20.83 2.94
N SER A 84 12.41 -20.78 2.98
CA SER A 84 11.62 -20.60 1.78
C SER A 84 10.12 -20.42 2.08
N THR A 85 9.69 -19.22 1.76
CA THR A 85 8.41 -18.57 1.76
C THR A 85 7.81 -18.54 0.35
N SER A 86 6.49 -18.70 0.26
CA SER A 86 5.74 -18.69 -0.99
C SER A 86 4.40 -18.00 -0.80
N GLY A 87 4.42 -16.67 -0.78
CA GLY A 87 3.18 -15.96 -0.52
C GLY A 87 2.86 -15.94 0.97
N ASP A 88 2.05 -16.90 1.38
CA ASP A 88 1.63 -17.11 2.76
C ASP A 88 2.33 -18.29 3.41
N ALA A 89 2.87 -19.21 2.63
CA ALA A 89 3.60 -20.33 3.22
C ALA A 89 5.09 -20.06 3.40
N LEU A 90 5.56 -20.22 4.62
CA LEU A 90 6.93 -20.31 5.04
C LEU A 90 7.28 -21.78 5.33
N THR A 91 7.95 -22.38 4.36
CA THR A 91 8.59 -23.67 4.52
C THR A 91 9.89 -23.41 5.31
N LEU A 92 10.32 -24.42 6.01
CA LEU A 92 11.52 -24.51 6.81
C LEU A 92 12.09 -25.93 6.68
N LYS A 93 13.36 -26.08 6.32
CA LYS A 93 13.87 -27.43 6.10
C LYS A 93 14.71 -27.90 7.28
N PHE A 94 14.67 -29.19 7.58
CA PHE A 94 15.39 -29.62 8.79
C PHE A 94 16.88 -29.79 8.49
N VAL A 95 17.14 -30.66 7.53
CA VAL A 95 18.50 -31.02 7.14
C VAL A 95 18.81 -30.54 5.72
N THR A 96 19.70 -29.56 5.65
CA THR A 96 20.15 -28.93 4.42
C THR A 96 21.65 -29.08 4.22
N LYS A 97 22.00 -29.49 3.00
CA LYS A 97 23.37 -29.72 2.59
C LYS A 97 23.87 -28.66 1.62
N HIS A 98 25.07 -28.12 1.82
CA HIS A 98 25.66 -27.14 0.91
C HIS A 98 27.17 -27.36 0.77
N GLU A 99 27.76 -26.73 -0.23
CA GLU A 99 29.16 -26.79 -0.64
C GLU A 99 30.09 -27.00 0.54
N TYR A 100 30.14 -26.04 1.48
CA TYR A 100 31.02 -26.26 2.63
C TYR A 100 30.35 -25.86 3.94
N GLY A 101 29.42 -26.67 4.42
CA GLY A 101 28.73 -26.43 5.67
C GLY A 101 27.63 -27.44 5.94
N THR A 102 26.71 -27.13 6.83
CA THR A 102 25.57 -27.99 7.13
C THR A 102 24.63 -27.36 8.17
N ASN A 103 23.72 -26.49 7.73
CA ASN A 103 22.76 -25.86 8.61
C ASN A 103 21.78 -26.89 9.18
N VAL A 104 21.53 -26.74 10.47
CA VAL A 104 20.67 -27.59 11.28
C VAL A 104 19.59 -26.79 11.97
N GLY A 105 18.33 -26.99 11.58
CA GLY A 105 17.23 -26.22 12.11
C GLY A 105 17.42 -24.73 12.16
N SER A 106 16.31 -23.98 12.16
CA SER A 106 16.42 -22.52 12.26
C SER A 106 15.17 -21.91 12.88
N ARG A 107 15.25 -20.62 13.16
CA ARG A 107 14.22 -19.83 13.81
C ARG A 107 13.85 -18.61 12.97
N PHE A 108 12.57 -18.27 12.91
CA PHE A 108 12.12 -17.18 12.04
C PHE A 108 11.07 -16.34 12.76
N TYR A 109 11.19 -15.02 12.62
CA TYR A 109 10.31 -14.13 13.37
C TYR A 109 9.56 -13.21 12.40
N LEU A 110 8.24 -13.28 12.48
CA LEU A 110 7.43 -12.38 11.66
C LEU A 110 7.86 -10.95 11.94
N MET A 111 7.88 -10.16 10.88
CA MET A 111 8.35 -8.79 10.92
C MET A 111 7.24 -7.77 10.65
N ASN A 112 7.61 -6.53 10.90
CA ASN A 112 6.96 -5.30 10.50
C ASN A 112 8.06 -4.38 9.96
N GLY A 113 8.18 -4.27 8.63
CA GLY A 113 9.30 -3.49 8.11
C GLY A 113 10.62 -4.14 8.46
N PRO A 114 11.65 -3.86 7.67
CA PRO A 114 12.97 -4.45 7.87
C PRO A 114 13.65 -4.02 9.16
N ASP A 115 13.02 -3.20 10.00
CA ASP A 115 13.66 -2.66 11.19
C ASP A 115 13.07 -3.26 12.48
N LYS A 116 11.82 -3.64 12.39
CA LYS A 116 11.00 -4.04 13.51
C LYS A 116 10.33 -5.39 13.31
N TYR A 117 10.45 -6.31 14.28
CA TYR A 117 9.54 -7.44 14.13
C TYR A 117 8.16 -6.92 14.62
N GLN A 118 7.10 -7.63 14.33
CA GLN A 118 5.72 -7.29 14.57
C GLN A 118 5.19 -7.75 15.93
N MET A 119 4.84 -6.81 16.78
CA MET A 119 4.35 -7.02 18.14
C MET A 119 2.95 -7.59 18.15
N PHE A 120 2.54 -8.35 19.16
CA PHE A 120 1.27 -9.05 19.13
C PHE A 120 0.46 -8.97 20.42
N ASN A 121 -0.76 -8.44 20.29
CA ASN A 121 -1.60 -8.31 21.49
C ASN A 121 -2.55 -9.48 21.62
N LEU A 122 -2.09 -10.51 22.30
CA LEU A 122 -2.75 -11.78 22.51
C LEU A 122 -4.04 -11.69 23.33
N MET A 123 -3.86 -11.37 24.61
CA MET A 123 -4.89 -11.39 25.64
C MET A 123 -6.22 -10.85 25.14
N GLY A 124 -7.16 -11.76 24.87
CA GLY A 124 -8.51 -11.43 24.44
C GLY A 124 -8.70 -11.75 22.97
N ASN A 125 -7.61 -11.89 22.21
CA ASN A 125 -7.77 -12.31 20.81
C ASN A 125 -7.28 -13.73 20.61
N GLU A 126 -7.30 -14.24 19.37
CA GLU A 126 -6.77 -15.58 19.15
C GLU A 126 -5.79 -15.63 17.99
N LEU A 127 -5.05 -16.75 17.91
CA LEU A 127 -4.17 -16.96 16.77
C LEU A 127 -4.43 -18.34 16.15
N ALA A 128 -4.44 -18.37 14.84
CA ALA A 128 -4.66 -19.55 14.01
C ALA A 128 -3.67 -19.61 12.85
N PHE A 129 -3.47 -20.83 12.36
CA PHE A 129 -2.54 -21.13 11.29
C PHE A 129 -2.79 -22.52 10.71
N ASP A 130 -2.54 -22.67 9.41
CA ASP A 130 -2.51 -23.97 8.74
C ASP A 130 -1.12 -24.57 8.91
N VAL A 131 -0.94 -25.87 9.11
CA VAL A 131 0.36 -26.46 9.38
C VAL A 131 0.47 -27.82 8.71
N ASP A 132 1.56 -28.10 7.99
CA ASP A 132 1.75 -29.43 7.41
C ASP A 132 3.03 -30.05 7.95
N LEU A 133 2.93 -30.66 9.13
CA LEU A 133 4.08 -31.34 9.73
C LEU A 133 4.15 -32.81 9.32
N SER A 134 3.41 -33.28 8.33
CA SER A 134 3.23 -34.71 8.08
C SER A 134 4.55 -35.46 7.96
N THR A 135 5.65 -34.77 7.64
CA THR A 135 6.93 -35.48 7.62
C THR A 135 7.84 -34.94 8.72
N VAL A 136 7.22 -34.49 9.81
CA VAL A 136 8.07 -34.14 10.96
C VAL A 136 7.97 -35.29 11.97
N GLU A 137 9.02 -36.08 11.94
CA GLU A 137 9.31 -37.32 12.62
C GLU A 137 9.72 -37.07 14.08
N CYS A 138 9.78 -38.14 14.83
CA CYS A 138 10.18 -38.40 16.19
C CYS A 138 11.48 -37.74 16.59
N GLY A 139 11.47 -36.67 17.38
CA GLY A 139 12.75 -36.05 17.73
C GLY A 139 12.94 -34.67 17.17
N ILE A 140 12.03 -34.27 16.26
CA ILE A 140 12.16 -32.90 15.76
C ILE A 140 11.04 -32.00 16.25
N ASN A 141 11.36 -30.76 16.64
CA ASN A 141 10.27 -29.88 17.07
C ASN A 141 9.97 -28.77 16.06
N SER A 142 8.87 -28.94 15.32
CA SER A 142 8.37 -27.87 14.48
C SER A 142 7.37 -27.03 15.28
N ALA A 143 7.86 -25.93 15.77
CA ALA A 143 7.49 -24.94 16.73
C ALA A 143 6.90 -23.64 16.18
N LEU A 144 5.86 -23.15 16.83
CA LEU A 144 5.23 -21.87 16.58
C LEU A 144 4.76 -21.24 17.89
N TYR A 145 5.33 -20.08 18.21
CA TYR A 145 5.10 -19.54 19.54
C TYR A 145 5.39 -18.04 19.57
N PHE A 146 5.08 -17.47 20.73
CA PHE A 146 5.25 -16.08 21.10
C PHE A 146 6.27 -15.97 22.23
N VAL A 147 7.22 -15.05 22.06
CA VAL A 147 8.23 -14.78 23.07
C VAL A 147 8.51 -13.28 23.07
N ALA A 148 8.12 -12.62 24.15
CA ALA A 148 8.22 -11.16 24.28
C ALA A 148 9.61 -10.62 24.02
N MET A 149 10.08 -10.60 22.77
CA MET A 149 11.37 -9.93 22.54
C MET A 149 11.14 -8.44 22.43
N GLU A 150 12.19 -7.63 22.21
CA GLU A 150 11.86 -6.20 22.06
C GLU A 150 11.33 -5.89 20.67
N GLU A 151 10.73 -4.71 20.59
CA GLU A 151 10.16 -4.23 19.33
C GLU A 151 11.26 -4.03 18.29
N ASP A 152 12.20 -3.12 18.54
CA ASP A 152 13.19 -2.85 17.50
C ASP A 152 14.29 -3.89 17.38
N GLY A 153 14.46 -4.75 18.39
CA GLY A 153 15.53 -5.72 18.46
C GLY A 153 16.36 -5.58 19.73
N GLY A 154 15.98 -4.62 20.59
CA GLY A 154 16.69 -4.33 21.81
C GLY A 154 17.75 -3.26 21.59
N MET A 155 17.67 -2.66 20.41
CA MET A 155 18.64 -1.73 19.89
C MET A 155 18.71 -0.42 20.66
N ALA A 156 17.58 -0.07 21.28
CA ALA A 156 17.55 1.15 22.09
C ALA A 156 17.83 0.74 23.54
N SER A 157 17.38 -0.48 23.86
CA SER A 157 17.66 -0.95 25.22
C SER A 157 19.16 -1.22 25.35
N TYR A 158 19.75 -1.89 24.37
CA TYR A 158 21.19 -2.11 24.37
C TYR A 158 21.78 -1.76 22.99
N PRO A 159 22.20 -0.52 22.87
CA PRO A 159 22.75 0.07 21.65
C PRO A 159 24.18 -0.38 21.35
N SER A 160 24.65 -1.46 21.96
CA SER A 160 25.92 -2.06 21.57
C SER A 160 25.69 -2.87 20.30
N ASN A 161 24.39 -3.11 20.13
CA ASN A 161 23.83 -3.77 18.97
C ASN A 161 23.13 -2.71 18.12
N GLN A 162 23.73 -2.42 16.98
CA GLN A 162 23.19 -1.55 15.96
C GLN A 162 22.65 -2.36 14.77
N ALA A 163 22.52 -3.66 14.97
CA ALA A 163 21.92 -4.53 13.96
C ALA A 163 20.43 -4.58 14.21
N GLY A 164 19.99 -4.80 15.46
CA GLY A 164 18.57 -4.69 15.71
C GLY A 164 17.73 -5.74 15.05
N ALA A 165 16.39 -5.57 15.04
CA ALA A 165 15.50 -6.57 14.46
C ALA A 165 15.80 -6.79 12.98
N ARG A 166 16.40 -5.79 12.37
CA ARG A 166 16.97 -5.86 11.03
C ARG A 166 17.71 -7.16 10.82
N TYR A 167 18.47 -7.62 11.82
CA TYR A 167 19.16 -8.90 11.58
C TYR A 167 18.85 -9.93 12.66
N GLY A 168 17.59 -10.10 13.07
CA GLY A 168 17.27 -11.19 13.95
C GLY A 168 17.99 -11.21 15.27
N THR A 169 18.46 -10.05 15.74
CA THR A 169 19.04 -10.03 17.10
C THR A 169 17.94 -10.07 18.15
N GLY A 170 18.23 -10.40 19.41
CA GLY A 170 17.29 -10.14 20.47
C GLY A 170 16.45 -11.26 21.02
N TYR A 171 16.55 -12.48 20.52
CA TYR A 171 15.68 -13.60 20.88
C TYR A 171 15.72 -13.89 22.37
N CYS A 172 14.56 -14.14 22.94
CA CYS A 172 14.45 -14.48 24.35
C CYS A 172 13.18 -15.29 24.59
N ASP A 173 13.29 -16.32 25.41
CA ASP A 173 12.05 -17.04 25.77
C ASP A 173 12.05 -17.21 27.29
N ALA A 174 11.55 -18.33 27.80
CA ALA A 174 11.38 -18.46 29.25
C ALA A 174 12.36 -19.45 29.85
N GLN A 175 13.37 -19.81 29.05
CA GLN A 175 14.46 -20.66 29.51
C GLN A 175 15.78 -19.90 29.50
N CYS A 176 15.74 -18.60 29.26
CA CYS A 176 16.92 -17.74 29.15
C CYS A 176 17.86 -18.25 28.05
N ALA A 177 17.76 -17.68 26.87
CA ALA A 177 18.49 -18.12 25.70
C ALA A 177 20.00 -18.02 25.86
N ARG A 178 20.57 -18.87 26.72
CA ARG A 178 21.98 -18.79 27.03
C ARG A 178 22.85 -19.09 25.80
N ASP A 179 22.31 -19.78 24.80
CA ASP A 179 23.08 -20.20 23.62
C ASP A 179 23.37 -19.04 22.67
N LEU A 180 22.61 -17.96 22.77
CA LEU A 180 22.80 -16.84 21.84
C LEU A 180 24.24 -16.33 21.95
N LYS A 181 24.79 -15.73 20.89
CA LYS A 181 26.19 -15.32 21.01
C LYS A 181 26.29 -13.91 21.61
N PHE A 182 25.18 -13.20 21.54
CA PHE A 182 24.98 -11.86 22.07
C PHE A 182 23.67 -11.77 22.84
N VAL A 183 23.68 -11.13 24.01
CA VAL A 183 22.47 -10.84 24.76
C VAL A 183 22.58 -9.45 25.36
N GLY A 184 21.58 -8.60 25.10
CA GLY A 184 21.70 -7.19 25.49
C GLY A 184 22.99 -6.64 24.91
N GLY A 185 23.11 -6.69 23.59
CA GLY A 185 24.27 -6.24 22.87
C GLY A 185 25.62 -6.51 23.48
N LYS A 186 25.81 -7.52 24.31
CA LYS A 186 27.14 -7.89 24.81
C LYS A 186 27.50 -9.29 24.31
N ALA A 187 28.77 -9.60 24.02
CA ALA A 187 29.01 -10.98 23.59
C ALA A 187 29.17 -11.92 24.77
N ASN A 188 28.57 -13.09 24.67
CA ASN A 188 28.64 -14.12 25.72
C ASN A 188 29.92 -14.93 25.61
N ILE A 189 31.01 -14.33 25.13
CA ILE A 189 32.23 -15.09 24.91
C ILE A 189 32.96 -15.46 26.20
N GLU A 190 33.01 -14.53 27.15
CA GLU A 190 33.75 -14.80 28.38
C GLU A 190 33.26 -16.05 29.09
N GLY A 191 34.08 -17.11 29.15
CA GLY A 191 33.62 -18.32 29.82
C GLY A 191 32.71 -19.12 28.92
N TRP A 192 32.67 -18.74 27.64
CA TRP A 192 31.86 -19.52 26.71
C TRP A 192 32.41 -20.94 26.61
N LYS A 193 31.61 -21.90 27.06
CA LYS A 193 32.01 -23.30 26.91
C LYS A 193 31.32 -23.92 25.70
N SER A 194 32.07 -24.74 24.97
CA SER A 194 31.50 -25.35 23.78
C SER A 194 30.61 -26.54 24.12
N SER A 195 29.73 -26.85 23.19
CA SER A 195 28.81 -27.96 23.25
C SER A 195 29.59 -29.27 23.36
N THR A 196 28.87 -30.35 23.60
CA THR A 196 29.51 -31.67 23.70
C THR A 196 28.93 -32.63 22.66
N SER A 197 28.07 -32.11 21.79
CA SER A 197 27.53 -32.93 20.71
C SER A 197 27.16 -32.03 19.53
N ASP A 198 26.87 -30.77 19.79
CA ASP A 198 26.55 -29.80 18.76
C ASP A 198 27.75 -29.01 18.27
N PRO A 199 28.19 -29.32 17.05
CA PRO A 199 29.36 -28.65 16.48
C PRO A 199 29.12 -27.18 16.15
N ASN A 200 27.88 -26.72 16.33
CA ASN A 200 27.60 -25.31 16.08
C ASN A 200 27.26 -24.55 17.35
N ALA A 201 27.09 -25.30 18.44
CA ALA A 201 26.60 -24.68 19.66
C ALA A 201 27.66 -24.56 20.76
N GLY A 202 27.25 -23.82 21.77
CA GLY A 202 27.91 -23.54 23.03
C GLY A 202 26.96 -22.85 24.00
N VAL A 203 27.25 -22.92 25.30
CA VAL A 203 26.37 -22.20 26.24
C VAL A 203 27.14 -21.01 26.80
N GLY A 204 26.48 -19.87 26.90
CA GLY A 204 27.12 -18.65 27.32
C GLY A 204 26.87 -18.36 28.80
N PRO A 205 27.52 -17.33 29.34
CA PRO A 205 27.26 -16.84 30.68
C PRO A 205 25.88 -16.19 30.83
N TYR A 206 25.60 -15.15 30.04
CA TYR A 206 24.30 -14.52 30.09
C TYR A 206 23.30 -15.26 29.21
N GLY A 207 22.02 -15.23 29.62
CA GLY A 207 20.93 -15.77 28.82
C GLY A 207 19.94 -14.62 28.56
N SER A 208 19.01 -14.79 27.64
CA SER A 208 18.08 -13.71 27.31
C SER A 208 16.68 -14.05 27.78
N CYS A 209 16.29 -13.45 28.91
CA CYS A 209 15.07 -13.98 29.50
C CYS A 209 13.89 -13.05 29.27
N CYS A 210 12.70 -13.60 29.46
CA CYS A 210 11.42 -12.95 29.20
C CYS A 210 10.36 -14.06 29.19
N ALA A 211 9.13 -13.73 28.85
CA ALA A 211 8.01 -14.66 28.83
C ALA A 211 7.90 -15.35 27.46
N GLU A 212 7.20 -16.49 27.47
CA GLU A 212 7.12 -17.42 26.37
C GLU A 212 5.77 -18.11 26.24
N ILE A 213 5.06 -17.96 25.11
CA ILE A 213 3.81 -18.75 25.08
C ILE A 213 3.77 -19.62 23.82
N ASP A 214 4.01 -20.90 24.08
CA ASP A 214 4.23 -22.02 23.21
C ASP A 214 2.92 -22.58 22.65
N VAL A 215 2.24 -21.78 21.84
CA VAL A 215 1.05 -22.22 21.11
C VAL A 215 1.23 -23.57 20.43
N TRP A 216 2.45 -23.90 20.01
CA TRP A 216 2.64 -25.09 19.18
C TRP A 216 4.05 -25.64 19.17
N GLU A 217 4.33 -26.59 20.05
CA GLU A 217 5.61 -27.30 20.06
C GLU A 217 5.34 -28.71 19.57
N SER A 218 5.87 -29.14 18.42
CA SER A 218 5.40 -30.47 18.00
C SER A 218 6.20 -31.15 16.90
N ASN A 219 5.52 -32.05 16.20
CA ASN A 219 5.77 -32.89 15.06
C ASN A 219 4.57 -33.81 14.81
N ALA A 220 4.61 -34.77 13.90
CA ALA A 220 3.40 -35.51 13.56
C ALA A 220 2.96 -36.56 14.56
N TYR A 221 3.60 -36.72 15.71
CA TYR A 221 3.22 -37.83 16.64
C TYR A 221 2.55 -37.24 17.87
N ALA A 222 2.92 -36.03 18.27
CA ALA A 222 2.25 -35.38 19.40
C ALA A 222 2.42 -33.87 19.29
N PHE A 223 1.55 -33.12 19.96
CA PHE A 223 1.74 -31.67 20.06
C PHE A 223 1.55 -31.29 21.52
N ALA A 224 1.91 -30.07 21.89
CA ALA A 224 1.86 -29.53 23.23
C ALA A 224 1.61 -28.03 23.15
N PHE A 225 0.70 -27.58 24.00
CA PHE A 225 0.34 -26.17 24.12
C PHE A 225 0.87 -25.68 25.46
N THR A 226 1.97 -24.91 25.49
CA THR A 226 2.54 -24.58 26.80
C THR A 226 2.81 -23.11 27.02
N PRO A 227 2.01 -22.41 27.80
CA PRO A 227 2.46 -21.04 28.13
C PRO A 227 3.54 -21.13 29.20
N HIS A 228 4.30 -20.08 29.47
CA HIS A 228 5.21 -20.02 30.61
C HIS A 228 5.31 -18.56 31.08
N ALA A 229 5.31 -18.33 32.39
CA ALA A 229 5.27 -16.98 32.92
C ALA A 229 6.48 -16.64 33.76
N CYS A 230 6.80 -15.35 33.86
CA CYS A 230 7.91 -14.88 34.67
C CYS A 230 7.52 -13.81 35.69
N THR A 231 8.39 -13.62 36.66
CA THR A 231 8.24 -12.64 37.76
C THR A 231 8.31 -11.22 37.21
N THR A 232 8.85 -11.15 36.02
CA THR A 232 8.98 -10.20 34.96
C THR A 232 9.06 -10.96 33.63
N ASN A 233 8.03 -10.74 32.83
CA ASN A 233 7.73 -11.29 31.54
C ASN A 233 8.51 -10.64 30.40
N GLU A 234 8.81 -9.36 30.62
CA GLU A 234 9.44 -8.53 29.60
C GLU A 234 10.88 -8.97 29.39
N TYR A 235 11.54 -8.45 28.34
CA TYR A 235 12.91 -8.93 28.10
C TYR A 235 13.79 -8.60 29.30
N HIS A 236 14.69 -9.53 29.64
CA HIS A 236 15.53 -9.28 30.82
C HIS A 236 16.65 -10.31 30.95
N VAL A 237 17.76 -9.85 31.52
CA VAL A 237 19.01 -10.60 31.54
C VAL A 237 19.29 -11.28 32.86
N CYS A 238 19.64 -12.57 32.81
CA CYS A 238 20.04 -13.29 34.00
C CYS A 238 21.56 -13.44 34.06
N GLU A 239 22.17 -13.57 35.24
CA GLU A 239 23.63 -13.68 35.22
C GLU A 239 24.16 -14.88 36.01
N THR A 240 24.49 -15.92 35.28
CA THR A 240 25.11 -17.18 35.64
C THR A 240 24.44 -17.87 36.81
N THR A 241 24.62 -17.32 38.02
CA THR A 241 23.88 -17.98 39.10
C THR A 241 22.39 -17.76 38.91
N ASN A 242 22.07 -16.56 38.40
CA ASN A 242 20.66 -16.19 38.29
C ASN A 242 20.10 -16.60 36.92
N CYS A 243 20.70 -17.63 36.33
CA CYS A 243 20.19 -18.26 35.14
C CYS A 243 19.79 -19.72 35.38
N GLY A 244 18.55 -20.03 35.05
CA GLY A 244 17.95 -21.34 34.97
C GLY A 244 17.81 -21.75 33.50
N GLY A 245 17.04 -22.79 33.23
CA GLY A 245 16.77 -23.39 31.95
C GLY A 245 17.62 -24.61 31.67
N THR A 246 17.52 -25.17 30.46
CA THR A 246 18.28 -26.34 30.06
C THR A 246 19.78 -26.10 30.17
N TYR A 247 20.14 -24.83 30.06
CA TYR A 247 21.49 -24.38 29.80
C TYR A 247 22.22 -23.99 31.09
N SER A 248 21.56 -24.13 32.22
CA SER A 248 22.13 -23.83 33.53
C SER A 248 21.88 -24.97 34.50
N GLU A 249 22.78 -25.26 35.45
CA GLU A 249 22.57 -26.46 36.26
C GLU A 249 21.28 -26.35 37.07
N ASP A 250 20.75 -25.15 37.28
CA ASP A 250 19.48 -25.09 38.01
C ASP A 250 18.36 -24.63 37.07
N ARG A 251 17.61 -25.62 36.60
CA ARG A 251 16.49 -25.38 35.71
C ARG A 251 15.61 -24.26 36.23
N PHE A 252 14.93 -24.50 37.35
CA PHE A 252 14.17 -23.42 37.98
C PHE A 252 14.99 -22.35 38.64
N ALA A 253 16.13 -21.96 38.06
CA ALA A 253 16.87 -20.84 38.67
C ALA A 253 16.62 -19.55 37.90
N GLY A 254 16.25 -18.44 38.56
CA GLY A 254 15.95 -17.22 37.81
C GLY A 254 14.52 -16.77 38.05
N LYS A 255 13.96 -15.96 37.16
CA LYS A 255 12.65 -15.37 37.38
C LYS A 255 11.53 -16.01 36.56
N CYS A 256 11.82 -17.04 35.79
CA CYS A 256 10.90 -17.63 34.85
C CYS A 256 10.66 -19.12 35.11
N ASP A 257 9.60 -19.57 34.47
CA ASP A 257 8.92 -20.82 34.25
C ASP A 257 9.48 -21.52 33.01
N ALA A 258 10.31 -22.54 33.14
CA ALA A 258 10.90 -23.19 31.96
C ALA A 258 10.07 -24.39 31.52
N ASN A 259 9.21 -24.84 32.43
CA ASN A 259 8.29 -25.92 32.13
C ASN A 259 6.93 -25.37 31.76
N GLY A 260 6.55 -24.33 32.48
CA GLY A 260 5.21 -23.80 32.25
C GLY A 260 4.16 -24.88 32.47
N CYS A 261 2.99 -24.62 31.92
CA CYS A 261 1.79 -25.42 32.14
C CYS A 261 1.30 -26.05 30.84
N ASP A 262 1.81 -27.23 30.50
CA ASP A 262 1.40 -27.69 29.17
C ASP A 262 0.06 -28.42 29.21
N TYR A 263 -0.40 -28.63 27.99
CA TYR A 263 -1.46 -29.51 27.57
C TYR A 263 -1.01 -30.11 26.22
N ASN A 264 -0.55 -31.33 26.35
CA ASN A 264 -0.32 -32.41 25.44
C ASN A 264 -1.43 -33.46 25.65
N PRO A 265 -2.33 -33.57 24.68
CA PRO A 265 -3.43 -34.53 24.77
C PRO A 265 -2.94 -35.91 25.20
N TYR A 266 -1.90 -36.40 24.54
CA TYR A 266 -1.38 -37.72 24.91
C TYR A 266 -1.02 -37.75 26.39
N ARG A 267 -0.25 -36.75 26.80
CA ARG A 267 0.20 -36.70 28.19
C ARG A 267 -0.97 -36.66 29.16
N MET A 268 -2.10 -36.14 28.70
CA MET A 268 -3.28 -35.94 29.56
C MET A 268 -4.21 -37.13 29.52
N GLY A 269 -3.75 -38.18 28.82
CA GLY A 269 -4.34 -39.49 28.81
C GLY A 269 -5.07 -39.89 27.56
N ASN A 270 -4.89 -39.18 26.44
CA ASN A 270 -5.56 -39.55 25.20
C ASN A 270 -4.52 -39.86 24.12
N PRO A 271 -4.33 -41.15 23.87
CA PRO A 271 -3.30 -41.67 22.99
C PRO A 271 -3.56 -41.55 21.49
N ASP A 272 -4.77 -41.88 21.09
CA ASP A 272 -5.35 -42.08 19.79
C ASP A 272 -5.99 -40.81 19.22
N PHE A 273 -5.70 -39.67 19.83
CA PHE A 273 -6.33 -38.45 19.37
C PHE A 273 -5.50 -37.80 18.27
N TYR A 274 -4.17 -37.83 18.43
CA TYR A 274 -3.37 -37.05 17.47
C TYR A 274 -2.24 -37.88 16.85
N GLY A 275 -2.27 -37.93 15.52
CA GLY A 275 -1.23 -38.49 14.71
C GLY A 275 -1.57 -38.82 13.28
N LYS A 276 -0.71 -39.68 12.71
CA LYS A 276 -1.11 -40.28 11.45
C LYS A 276 -2.26 -41.24 11.77
N GLY A 277 -3.36 -41.10 11.07
CA GLY A 277 -4.53 -41.93 11.19
C GLY A 277 -5.45 -41.57 12.32
N LYS A 278 -5.02 -40.69 13.22
CA LYS A 278 -5.84 -40.43 14.40
C LYS A 278 -6.99 -39.50 14.06
N THR A 279 -7.81 -39.13 15.05
CA THR A 279 -8.92 -38.21 14.87
C THR A 279 -8.43 -36.97 14.13
N LEU A 280 -7.52 -36.27 14.78
CA LEU A 280 -6.71 -35.23 14.17
C LEU A 280 -5.64 -35.89 13.29
N ASP A 281 -5.85 -36.05 11.99
CA ASP A 281 -4.83 -36.77 11.22
C ASP A 281 -3.64 -35.89 10.85
N THR A 282 -2.48 -36.17 11.47
CA THR A 282 -1.29 -35.39 11.16
C THR A 282 -0.66 -35.85 9.85
N SER A 283 -1.23 -36.80 9.14
CA SER A 283 -0.59 -37.16 7.87
C SER A 283 -0.86 -36.03 6.88
N ARG A 284 -1.93 -35.31 7.19
CA ARG A 284 -2.43 -34.26 6.29
C ARG A 284 -2.30 -32.90 6.94
N LYS A 285 -2.63 -31.82 6.23
CA LYS A 285 -2.43 -30.50 6.83
C LYS A 285 -3.72 -30.02 7.49
N PHE A 286 -3.58 -29.18 8.51
CA PHE A 286 -4.70 -28.71 9.30
C PHE A 286 -4.58 -27.26 9.80
N THR A 287 -5.61 -26.89 10.57
CA THR A 287 -5.79 -25.56 11.14
C THR A 287 -5.83 -25.61 12.66
N VAL A 288 -5.01 -24.79 13.32
CA VAL A 288 -5.01 -24.74 14.78
C VAL A 288 -5.36 -23.37 15.33
N VAL A 289 -6.63 -23.09 15.61
CA VAL A 289 -6.96 -21.77 16.17
C VAL A 289 -6.81 -21.74 17.68
N SER A 290 -6.17 -20.70 18.23
CA SER A 290 -5.91 -20.72 19.67
C SER A 290 -6.16 -19.36 20.28
N ARG A 291 -6.72 -19.40 21.48
CA ARG A 291 -7.24 -18.24 22.17
C ARG A 291 -6.54 -17.93 23.49
N PHE A 292 -6.67 -16.70 23.95
CA PHE A 292 -6.05 -16.07 25.10
C PHE A 292 -7.03 -15.26 25.94
N GLU A 293 -7.50 -15.80 27.06
CA GLU A 293 -8.36 -15.07 27.98
C GLU A 293 -7.77 -15.20 29.39
N GLU A 294 -7.94 -14.17 30.22
CA GLU A 294 -7.44 -14.30 31.59
C GLU A 294 -8.06 -15.54 32.22
N ASN A 295 -7.19 -16.35 32.80
CA ASN A 295 -7.49 -17.67 33.31
C ASN A 295 -8.00 -18.60 32.22
N LYS A 296 -7.93 -18.24 30.94
CA LYS A 296 -8.24 -19.31 29.98
C LYS A 296 -7.57 -19.14 28.62
N LEU A 297 -6.89 -20.18 28.16
CA LEU A 297 -6.29 -20.35 26.83
C LEU A 297 -6.93 -21.52 26.09
N SER A 298 -7.68 -21.26 25.03
CA SER A 298 -8.34 -22.32 24.28
C SER A 298 -7.66 -22.57 22.95
N GLN A 299 -7.81 -23.76 22.40
CA GLN A 299 -7.08 -24.27 21.24
C GLN A 299 -7.89 -25.40 20.62
N TYR A 300 -8.44 -25.20 19.43
CA TYR A 300 -9.28 -26.16 18.71
C TYR A 300 -8.74 -26.41 17.31
N PHE A 301 -9.06 -27.54 16.67
CA PHE A 301 -8.57 -27.66 15.30
C PHE A 301 -9.71 -27.66 14.27
N ILE A 302 -9.28 -27.40 13.04
CA ILE A 302 -10.16 -27.56 11.89
C ILE A 302 -9.55 -28.53 10.87
N GLN A 303 -9.97 -29.79 10.81
CA GLN A 303 -9.42 -30.69 9.79
C GLN A 303 -10.47 -31.15 8.79
N ASP A 304 -10.24 -30.87 7.50
CA ASP A 304 -11.24 -31.10 6.47
C ASP A 304 -12.50 -30.28 6.77
N GLY A 305 -12.33 -29.02 7.11
CA GLY A 305 -13.45 -28.17 7.51
C GLY A 305 -13.90 -28.45 8.93
N ARG A 306 -14.03 -29.71 9.33
CA ARG A 306 -14.62 -29.98 10.64
C ARG A 306 -13.86 -29.34 11.79
N LYS A 307 -14.59 -28.88 12.79
CA LYS A 307 -14.00 -28.49 14.06
C LYS A 307 -13.55 -29.75 14.79
N ILE A 308 -12.36 -29.74 15.36
CA ILE A 308 -11.98 -30.90 16.16
C ILE A 308 -11.63 -30.45 17.57
N GLU A 309 -12.40 -30.91 18.56
CA GLU A 309 -12.03 -30.47 19.91
C GLU A 309 -11.01 -31.45 20.48
N ILE A 310 -10.03 -30.93 21.19
CA ILE A 310 -9.06 -31.76 21.91
C ILE A 310 -9.78 -32.42 23.07
N PRO A 311 -9.45 -33.66 23.36
CA PRO A 311 -10.10 -34.39 24.46
C PRO A 311 -9.73 -33.86 25.83
N PRO A 312 -10.69 -33.85 26.77
CA PRO A 312 -10.33 -33.47 28.14
C PRO A 312 -9.41 -34.59 28.67
N PRO A 313 -8.73 -34.38 29.79
CA PRO A 313 -7.74 -35.33 30.28
C PRO A 313 -8.32 -36.62 30.81
N THR A 314 -7.47 -37.56 31.28
CA THR A 314 -8.15 -38.77 31.77
C THR A 314 -7.94 -38.97 33.27
N TRP A 315 -6.71 -38.88 33.75
CA TRP A 315 -6.34 -39.30 35.09
C TRP A 315 -7.23 -38.65 36.14
N GLU A 316 -7.47 -39.40 37.21
CA GLU A 316 -8.25 -38.96 38.36
C GLU A 316 -7.60 -37.73 39.00
N GLY A 317 -8.43 -36.77 39.40
CA GLY A 317 -8.06 -35.59 40.14
C GLY A 317 -7.57 -34.46 39.25
N MET A 318 -7.82 -34.60 37.95
CA MET A 318 -7.51 -33.55 36.99
C MET A 318 -8.80 -32.84 36.56
N PRO A 319 -8.66 -31.62 36.05
CA PRO A 319 -9.87 -30.88 35.66
C PRO A 319 -10.68 -31.66 34.63
N ASN A 320 -11.97 -31.33 34.58
CA ASN A 320 -12.87 -31.95 33.63
C ASN A 320 -12.58 -31.54 32.19
N SER A 321 -11.74 -30.52 31.99
CA SER A 321 -11.72 -29.96 30.64
C SER A 321 -10.33 -29.87 30.03
N SER A 322 -10.27 -29.43 28.77
CA SER A 322 -9.00 -29.38 28.05
C SER A 322 -8.33 -28.01 28.17
N GLU A 323 -9.10 -27.00 28.51
CA GLU A 323 -8.66 -25.60 28.56
C GLU A 323 -7.54 -25.35 29.55
N ILE A 324 -6.64 -24.42 29.25
CA ILE A 324 -5.55 -24.09 30.16
C ILE A 324 -5.95 -22.91 31.04
N THR A 325 -6.54 -23.24 32.16
CA THR A 325 -7.10 -22.60 33.30
C THR A 325 -6.33 -22.95 34.57
N PRO A 326 -6.34 -22.10 35.58
CA PRO A 326 -5.54 -22.30 36.80
C PRO A 326 -6.01 -23.47 37.65
N GLU A 327 -7.09 -24.12 37.26
CA GLU A 327 -7.53 -25.31 38.00
C GLU A 327 -6.71 -26.50 37.53
N LEU A 328 -6.40 -26.46 36.24
CA LEU A 328 -5.52 -27.36 35.51
C LEU A 328 -4.12 -27.33 36.12
N CYS A 329 -3.52 -26.16 36.01
CA CYS A 329 -2.17 -25.86 36.45
C CYS A 329 -1.93 -26.18 37.92
N SER A 330 -3.01 -26.13 38.68
CA SER A 330 -2.99 -26.50 40.09
C SER A 330 -2.93 -28.03 40.25
N THR A 331 -3.98 -28.66 39.74
CA THR A 331 -4.26 -30.08 39.86
C THR A 331 -3.28 -30.97 39.11
N MET A 332 -2.79 -30.43 38.00
CA MET A 332 -1.89 -31.11 37.08
C MET A 332 -0.76 -31.77 37.86
N PHE A 333 -0.30 -31.02 38.84
CA PHE A 333 0.79 -31.27 39.75
C PHE A 333 0.42 -32.04 41.01
N ASP A 334 -0.86 -32.31 41.27
CA ASP A 334 -1.13 -33.12 42.48
C ASP A 334 -0.97 -34.60 42.14
N VAL A 335 -0.72 -34.87 40.86
CA VAL A 335 -0.66 -36.26 40.40
C VAL A 335 0.35 -36.47 39.27
N PHE A 336 0.86 -35.41 38.66
CA PHE A 336 1.79 -35.56 37.55
C PHE A 336 3.23 -35.71 38.03
N ASN A 337 3.45 -35.68 39.32
CA ASN A 337 4.73 -36.01 39.92
C ASN A 337 5.84 -35.02 39.57
N ASP A 338 5.55 -33.75 39.32
CA ASP A 338 6.54 -32.80 38.84
C ASP A 338 6.62 -31.51 39.65
N ARG A 339 7.77 -30.82 39.62
CA ARG A 339 7.97 -29.57 40.36
C ARG A 339 7.09 -28.44 39.82
N ASN A 340 6.29 -27.83 40.69
CA ASN A 340 5.34 -26.78 40.34
C ASN A 340 5.98 -25.40 40.25
N ARG A 341 6.66 -25.12 39.13
CA ARG A 341 7.22 -23.78 38.98
C ARG A 341 6.11 -22.74 38.86
N PHE A 342 5.09 -23.11 38.08
CA PHE A 342 3.89 -22.34 37.77
C PHE A 342 3.37 -21.52 38.95
N GLU A 343 3.27 -22.15 40.13
CA GLU A 343 2.78 -21.45 41.32
C GLU A 343 3.91 -20.60 41.90
N GLU A 344 5.14 -21.07 41.76
CA GLU A 344 6.32 -20.39 42.26
C GLU A 344 6.48 -18.97 41.71
N VAL A 345 6.45 -18.89 40.38
CA VAL A 345 6.78 -17.65 39.68
C VAL A 345 5.58 -16.74 39.57
N GLY A 346 4.42 -17.14 40.10
CA GLY A 346 3.27 -16.25 40.05
C GLY A 346 1.96 -16.96 39.88
N GLY A 347 1.95 -18.21 39.45
CA GLY A 347 0.67 -18.91 39.22
C GLY A 347 -0.01 -18.26 38.02
N PHE A 348 -1.21 -18.66 37.66
CA PHE A 348 -1.91 -18.21 36.46
C PHE A 348 -2.29 -16.75 36.53
N GLU A 349 -2.07 -16.12 37.70
CA GLU A 349 -2.31 -14.66 37.55
C GLU A 349 -1.10 -14.12 36.79
N GLN A 350 0.11 -14.40 37.27
CA GLN A 350 1.32 -13.93 36.62
C GLN A 350 1.35 -14.23 35.12
N LEU A 351 0.72 -15.34 34.74
CA LEU A 351 0.66 -15.64 33.31
C LEU A 351 -0.31 -14.65 32.66
N ASN A 352 -1.36 -14.28 33.39
CA ASN A 352 -2.31 -13.39 32.70
C ASN A 352 -1.68 -12.02 32.54
N ASN A 353 -0.69 -11.75 33.40
CA ASN A 353 -0.09 -10.41 33.36
C ASN A 353 1.05 -10.38 32.36
N ALA A 354 1.25 -11.54 31.77
CA ALA A 354 2.07 -12.03 30.72
C ALA A 354 1.30 -12.10 29.39
N LEU A 355 -0.01 -12.31 29.55
CA LEU A 355 -0.87 -12.37 28.38
C LEU A 355 -1.09 -10.97 27.84
N ARG A 356 -0.75 -9.97 28.64
CA ARG A 356 -0.87 -8.59 28.16
C ARG A 356 0.45 -7.99 27.71
N VAL A 357 1.53 -8.77 27.61
CA VAL A 357 2.80 -8.18 27.20
C VAL A 357 3.10 -8.41 25.73
N PRO A 358 3.38 -7.32 25.03
CA PRO A 358 3.74 -7.29 23.61
C PRO A 358 4.56 -8.49 23.17
N MET A 359 4.09 -9.25 22.19
CA MET A 359 4.87 -10.41 21.80
C MET A 359 5.09 -10.56 20.29
N VAL A 360 6.05 -11.43 19.99
CA VAL A 360 6.40 -11.69 18.60
C VAL A 360 6.44 -13.19 18.29
N LEU A 361 5.90 -13.46 17.11
CA LEU A 361 5.61 -14.77 16.58
C LEU A 361 6.85 -15.42 15.98
N VAL A 362 7.25 -16.51 16.61
CA VAL A 362 8.38 -17.27 16.10
C VAL A 362 7.88 -18.52 15.39
N MET A 363 8.46 -18.89 14.25
CA MET A 363 8.13 -20.24 13.72
C MET A 363 9.44 -21.01 13.62
N SER A 364 9.45 -22.33 13.86
CA SER A 364 10.77 -22.96 13.90
C SER A 364 10.75 -24.48 13.81
N ILE A 365 11.92 -25.01 13.50
CA ILE A 365 12.19 -26.44 13.45
C ILE A 365 13.62 -26.71 13.90
N TRP A 366 13.80 -27.67 14.81
CA TRP A 366 15.01 -27.91 15.56
C TRP A 366 15.03 -29.30 16.20
N ASP A 367 16.22 -29.76 16.55
CA ASP A 367 16.42 -30.96 17.36
C ASP A 367 17.22 -30.54 18.60
N ASP A 368 16.99 -31.25 19.70
CA ASP A 368 17.45 -30.78 21.01
C ASP A 368 18.49 -31.69 21.63
N HIS A 369 19.71 -31.17 21.78
CA HIS A 369 20.87 -31.93 22.20
C HIS A 369 20.77 -32.50 23.61
N TYR A 370 20.08 -31.81 24.50
CA TYR A 370 20.05 -32.18 25.90
C TYR A 370 19.02 -33.26 26.22
N ALA A 371 18.04 -33.54 25.37
CA ALA A 371 17.03 -34.53 25.74
C ALA A 371 16.38 -35.25 24.56
N ASN A 372 16.83 -35.00 23.33
CA ASN A 372 16.34 -35.63 22.12
C ASN A 372 14.83 -35.55 21.95
N MET A 373 14.24 -34.42 22.36
CA MET A 373 12.79 -34.26 22.23
C MET A 373 12.08 -35.33 23.04
N LEU A 374 12.73 -35.82 24.08
CA LEU A 374 12.14 -36.90 24.86
C LEU A 374 10.85 -36.46 25.55
N TRP A 375 10.87 -35.25 26.08
CA TRP A 375 9.84 -34.60 26.86
C TRP A 375 8.56 -34.31 26.07
N LEU A 376 8.69 -34.31 24.74
CA LEU A 376 7.60 -33.99 23.83
C LEU A 376 7.01 -35.25 23.21
N ASP A 377 7.85 -36.13 22.68
CA ASP A 377 7.27 -37.20 21.87
C ASP A 377 7.20 -38.53 22.60
N SER A 378 7.57 -38.63 23.88
CA SER A 378 7.37 -39.94 24.50
C SER A 378 7.38 -39.88 26.02
N ILE A 379 7.83 -40.99 26.59
CA ILE A 379 8.06 -41.14 28.02
C ILE A 379 9.39 -40.45 28.35
N TYR A 380 9.31 -39.48 29.24
CA TYR A 380 10.45 -38.73 29.77
C TYR A 380 10.08 -38.22 31.16
N PRO A 381 11.04 -38.04 32.03
CA PRO A 381 12.40 -38.59 31.95
C PRO A 381 12.42 -40.12 31.99
N PRO A 382 13.05 -40.72 30.98
CA PRO A 382 13.06 -42.18 30.85
C PRO A 382 13.86 -42.84 31.98
N GLU A 383 13.30 -42.73 33.17
CA GLU A 383 13.73 -43.14 34.47
C GLU A 383 12.55 -43.76 35.24
N LYS A 384 12.27 -45.00 34.87
CA LYS A 384 11.17 -45.85 35.23
C LYS A 384 10.16 -45.89 34.06
N GLU A 385 9.28 -44.90 34.01
CA GLU A 385 8.16 -44.74 33.10
C GLU A 385 6.93 -45.38 33.73
N GLY A 386 5.79 -45.41 33.05
CA GLY A 386 4.61 -46.05 33.62
C GLY A 386 3.95 -45.22 34.71
N GLN A 387 4.41 -43.97 34.83
CA GLN A 387 3.81 -43.03 35.77
C GLN A 387 3.02 -41.98 35.02
N PRO A 388 2.19 -41.22 35.71
CA PRO A 388 1.45 -40.15 35.04
C PRO A 388 2.38 -38.99 34.69
N GLY A 389 2.38 -38.61 33.41
CA GLY A 389 3.17 -37.44 33.04
C GLY A 389 4.40 -37.79 32.23
N ALA A 390 4.95 -38.98 32.48
CA ALA A 390 6.14 -39.42 31.75
C ALA A 390 5.83 -39.72 30.29
N ALA A 391 4.77 -40.52 30.04
CA ALA A 391 4.46 -40.76 28.62
C ALA A 391 3.92 -39.48 28.00
N ARG A 392 4.55 -39.01 26.92
CA ARG A 392 4.06 -37.76 26.33
C ARG A 392 3.92 -37.89 24.82
N GLY A 393 4.17 -39.09 24.29
CA GLY A 393 4.03 -39.39 22.89
C GLY A 393 4.03 -40.87 22.56
N ASP A 394 4.11 -41.15 21.26
CA ASP A 394 4.19 -42.49 20.71
C ASP A 394 5.56 -42.72 20.06
N CYS A 395 6.59 -42.02 20.52
CA CYS A 395 7.92 -42.27 19.97
C CYS A 395 8.73 -43.16 20.90
N PRO A 396 9.43 -44.19 20.43
CA PRO A 396 10.29 -44.94 21.38
C PRO A 396 11.36 -43.99 21.91
N THR A 397 11.87 -44.27 23.11
CA THR A 397 12.80 -43.37 23.77
C THR A 397 14.23 -43.47 23.24
N ASP A 398 14.35 -44.13 22.11
CA ASP A 398 15.60 -44.32 21.37
C ASP A 398 15.81 -43.12 20.44
N SER A 399 14.71 -42.51 20.01
CA SER A 399 14.80 -41.50 18.96
C SER A 399 15.23 -40.13 19.51
N GLY A 400 15.27 -39.16 18.60
CA GLY A 400 15.59 -37.78 18.86
C GLY A 400 17.07 -37.48 18.83
N VAL A 401 17.87 -38.52 19.02
CA VAL A 401 19.32 -38.46 18.93
C VAL A 401 19.78 -37.66 17.73
N PRO A 402 20.26 -36.45 18.02
CA PRO A 402 20.67 -35.41 17.08
C PRO A 402 21.19 -35.92 15.74
N ALA A 403 22.41 -36.44 15.82
CA ALA A 403 23.10 -37.01 14.67
C ALA A 403 22.22 -37.98 13.89
N GLU A 404 21.56 -38.85 14.62
CA GLU A 404 20.76 -39.98 14.16
C GLU A 404 19.48 -39.57 13.45
N VAL A 405 18.66 -38.72 14.08
CA VAL A 405 17.44 -38.37 13.34
C VAL A 405 17.77 -37.32 12.29
N GLU A 406 19.00 -36.83 12.32
CA GLU A 406 19.46 -35.94 11.28
C GLU A 406 19.81 -36.74 10.02
N ALA A 407 20.07 -38.03 10.22
CA ALA A 407 20.43 -38.94 9.13
C ALA A 407 19.26 -39.79 8.64
N GLN A 408 18.27 -40.06 9.47
CA GLN A 408 17.17 -40.95 9.13
C GLN A 408 16.12 -40.41 8.17
N PHE A 409 15.75 -39.15 8.26
CA PHE A 409 14.75 -38.55 7.39
C PHE A 409 15.07 -37.06 7.20
N PRO A 410 16.22 -36.77 6.62
CA PRO A 410 16.75 -35.40 6.57
C PRO A 410 16.03 -34.50 5.58
N ASP A 411 14.92 -34.96 5.02
CA ASP A 411 14.10 -34.15 4.14
C ASP A 411 12.96 -33.51 4.94
N ALA A 412 12.89 -33.91 6.20
CA ALA A 412 11.83 -33.47 7.11
C ALA A 412 11.71 -31.95 7.00
N GLN A 413 10.47 -31.50 6.99
CA GLN A 413 10.16 -30.10 6.80
C GLN A 413 8.95 -29.67 7.61
N VAL A 414 8.92 -28.45 8.12
CA VAL A 414 7.61 -27.99 8.64
C VAL A 414 7.13 -26.97 7.61
N VAL A 415 5.83 -26.80 7.43
CA VAL A 415 5.26 -25.84 6.48
C VAL A 415 4.13 -25.03 7.16
N TRP A 416 4.48 -23.78 7.43
CA TRP A 416 3.81 -22.73 8.15
C TRP A 416 3.05 -21.80 7.22
N SER A 417 1.79 -21.48 7.51
CA SER A 417 1.10 -20.64 6.54
C SER A 417 -0.30 -20.25 6.98
N ASN A 418 -0.92 -19.41 6.16
CA ASN A 418 -2.31 -18.98 6.33
C ASN A 418 -2.56 -18.58 7.78
N ILE A 419 -1.74 -17.65 8.24
CA ILE A 419 -1.86 -17.08 9.57
C ILE A 419 -3.08 -16.16 9.60
N ARG A 420 -3.78 -16.18 10.70
CA ARG A 420 -4.97 -15.42 11.02
C ARG A 420 -4.92 -14.84 12.43
N PHE A 421 -5.08 -13.52 12.56
CA PHE A 421 -5.08 -12.90 13.87
C PHE A 421 -6.19 -11.87 14.04
N GLY A 422 -6.85 -11.91 15.20
CA GLY A 422 -7.91 -10.98 15.57
C GLY A 422 -8.66 -11.39 16.82
N PRO A 423 -9.66 -10.61 17.20
CA PRO A 423 -10.52 -10.96 18.33
C PRO A 423 -11.03 -12.40 18.27
N ILE A 424 -11.36 -12.89 19.47
CA ILE A 424 -11.81 -14.27 19.61
C ILE A 424 -13.00 -14.55 18.70
N GLY A 425 -12.76 -15.39 17.71
CA GLY A 425 -13.67 -16.02 16.78
C GLY A 425 -13.79 -15.30 15.46
N SER A 426 -12.74 -14.56 15.10
CA SER A 426 -12.75 -13.77 13.88
C SER A 426 -12.13 -14.52 12.70
N THR A 427 -11.12 -15.31 13.04
CA THR A 427 -10.26 -16.00 12.09
C THR A 427 -10.94 -17.16 11.39
N TYR A 428 -11.94 -17.74 12.05
CA TYR A 428 -12.78 -18.79 11.52
C TYR A 428 -14.18 -18.65 12.12
N ASP A 429 -14.94 -19.73 12.15
CA ASP A 429 -16.30 -19.62 12.68
C ASP A 429 -16.71 -20.94 13.28
N PHE A 430 -15.86 -21.40 14.23
CA PHE A 430 -16.20 -22.72 14.76
C PHE A 430 -16.50 -22.57 16.24
N ARG B 2 -31.22 -0.84 -2.01
CA ARG B 2 -29.81 -1.08 -2.25
C ARG B 2 -28.96 0.16 -2.01
N ALA B 3 -27.64 -0.02 -2.12
CA ALA B 3 -26.72 1.11 -2.09
C ALA B 3 -26.86 1.93 -3.37
N GLY B 4 -26.93 3.25 -3.25
CA GLY B 4 -26.92 4.07 -4.46
C GLY B 4 -25.47 4.31 -4.83
N ASN B 5 -25.16 4.39 -6.11
CA ASN B 5 -23.76 4.52 -6.53
C ASN B 5 -23.45 5.90 -7.10
N GLU B 6 -24.05 6.94 -6.55
CA GLU B 6 -23.80 8.30 -6.98
C GLU B 6 -22.66 8.96 -6.21
N THR B 7 -22.91 9.17 -4.92
CA THR B 7 -21.95 9.72 -3.98
C THR B 7 -21.16 8.62 -3.26
N PRO B 8 -19.86 8.85 -3.12
CA PRO B 8 -18.99 7.93 -2.39
C PRO B 8 -19.14 8.01 -0.88
N GLU B 9 -19.54 6.89 -0.29
CA GLU B 9 -19.66 6.74 1.16
C GLU B 9 -18.28 6.38 1.73
N ASN B 10 -17.69 7.36 2.40
CA ASN B 10 -16.44 7.22 3.12
C ASN B 10 -16.65 7.42 4.62
N HIS B 11 -16.71 6.34 5.38
CA HIS B 11 -16.92 6.39 6.82
C HIS B 11 -15.74 7.05 7.54
N PRO B 12 -15.98 8.12 8.30
CA PRO B 12 -14.90 8.76 9.03
C PRO B 12 -14.17 7.77 9.93
N PRO B 13 -12.87 8.00 10.06
CA PRO B 13 -12.05 7.20 10.96
C PRO B 13 -12.24 7.72 12.39
N LEU B 14 -11.75 6.95 13.35
CA LEU B 14 -11.89 7.23 14.77
C LEU B 14 -11.21 6.10 15.50
N THR B 15 -10.53 6.30 16.63
CA THR B 15 -10.07 5.02 17.22
C THR B 15 -10.57 4.93 18.66
N TRP B 16 -10.49 3.70 19.17
CA TRP B 16 -10.76 3.49 20.60
C TRP B 16 -9.70 2.53 21.15
N GLN B 17 -9.68 2.37 22.47
CA GLN B 17 -8.68 1.52 23.09
C GLN B 17 -9.36 0.31 23.73
N ARG B 18 -9.06 -0.90 23.24
CA ARG B 18 -9.73 -2.06 23.82
C ARG B 18 -8.92 -2.51 25.04
N CYS B 19 -9.50 -2.25 26.21
CA CYS B 19 -8.78 -2.41 27.47
C CYS B 19 -9.03 -3.77 28.10
N THR B 20 -7.94 -4.41 28.51
CA THR B 20 -7.95 -5.72 29.13
C THR B 20 -7.59 -5.64 30.61
N ALA B 21 -6.86 -4.59 30.97
CA ALA B 21 -6.39 -4.52 32.35
C ALA B 21 -6.17 -3.09 32.81
N PRO B 22 -6.13 -2.90 34.13
CA PRO B 22 -5.72 -1.62 34.73
C PRO B 22 -4.31 -1.24 34.28
N GLY B 23 -4.19 -0.84 33.02
CA GLY B 23 -2.95 -0.37 32.46
C GLY B 23 -2.70 -0.66 31.00
N ASN B 24 -3.38 -1.63 30.37
CA ASN B 24 -2.97 -1.94 28.99
C ASN B 24 -4.12 -1.85 27.98
N CYS B 25 -4.04 -0.85 27.09
CA CYS B 25 -5.07 -0.68 26.09
C CYS B 25 -4.47 -0.52 24.69
N GLN B 26 -4.95 -1.38 23.81
CA GLN B 26 -4.70 -1.49 22.39
C GLN B 26 -5.29 -0.30 21.66
N THR B 27 -4.92 -0.08 20.40
CA THR B 27 -5.58 1.02 19.70
C THR B 27 -6.39 0.44 18.55
N VAL B 28 -7.66 0.81 18.52
CA VAL B 28 -8.53 0.27 17.48
C VAL B 28 -8.82 1.34 16.44
N ASN B 29 -8.20 1.19 15.27
CA ASN B 29 -8.46 2.05 14.13
C ASN B 29 -9.76 1.63 13.44
N ALA B 30 -10.83 2.16 14.01
CA ALA B 30 -12.19 1.95 13.54
C ALA B 30 -12.66 3.10 12.63
N GLU B 31 -13.98 3.22 12.54
CA GLU B 31 -14.63 4.24 11.74
C GLU B 31 -16.15 4.17 11.99
N VAL B 32 -16.83 5.18 11.48
CA VAL B 32 -18.20 5.49 11.84
C VAL B 32 -19.08 5.72 10.64
N VAL B 33 -20.40 5.69 10.80
CA VAL B 33 -21.32 5.90 9.68
C VAL B 33 -22.61 6.58 10.18
N ILE B 34 -23.05 7.60 9.46
CA ILE B 34 -24.27 8.28 9.91
C ILE B 34 -25.49 7.42 9.64
N ASP B 35 -26.34 7.37 10.66
CA ASP B 35 -27.65 6.77 10.51
C ASP B 35 -28.29 7.20 9.19
N ALA B 36 -28.86 6.22 8.52
CA ALA B 36 -29.40 6.36 7.18
C ALA B 36 -30.57 7.32 7.08
N ASN B 37 -31.14 7.80 8.18
CA ASN B 37 -32.41 8.51 7.98
C ASN B 37 -32.14 9.83 7.25
N TRP B 38 -30.99 10.39 7.55
CA TRP B 38 -30.38 11.59 7.03
C TRP B 38 -29.97 11.54 5.57
N ARG B 39 -29.98 10.38 4.95
CA ARG B 39 -29.43 10.18 3.61
C ARG B 39 -30.44 10.38 2.49
N TRP B 40 -29.93 10.58 1.29
CA TRP B 40 -30.66 10.85 0.07
C TRP B 40 -31.38 9.61 -0.46
N LEU B 41 -32.68 9.70 -0.77
CA LEU B 41 -33.44 8.55 -1.24
C LEU B 41 -33.96 8.76 -2.64
N HIS B 42 -33.64 7.94 -3.65
CA HIS B 42 -34.21 8.34 -4.94
C HIS B 42 -34.22 7.25 -6.01
N ASP B 43 -35.14 7.40 -6.93
CA ASP B 43 -35.42 6.86 -8.24
C ASP B 43 -34.20 6.24 -8.87
N ASP B 44 -34.39 5.34 -9.81
CA ASP B 44 -33.32 4.94 -10.72
C ASP B 44 -33.40 5.83 -11.98
N ASN B 45 -33.76 7.08 -11.70
CA ASN B 45 -34.05 8.18 -12.58
C ASN B 45 -33.91 9.51 -11.84
N MET B 46 -33.22 9.44 -10.71
CA MET B 46 -32.84 10.58 -9.90
C MET B 46 -33.96 11.13 -9.03
N GLN B 47 -35.22 11.05 -9.41
CA GLN B 47 -36.32 11.55 -8.58
C GLN B 47 -36.18 10.94 -7.18
N ASN B 48 -36.56 11.63 -6.11
CA ASN B 48 -36.40 11.06 -4.77
C ASN B 48 -37.42 9.97 -4.51
N CYS B 49 -37.20 9.23 -3.42
CA CYS B 49 -38.14 8.20 -3.01
C CYS B 49 -39.02 8.73 -1.88
N TYR B 50 -38.36 9.62 -1.14
CA TYR B 50 -38.86 10.43 -0.06
C TYR B 50 -38.61 11.90 -0.36
N ASP B 51 -39.27 12.80 0.35
CA ASP B 51 -39.02 14.21 0.09
C ASP B 51 -39.43 15.07 1.28
N GLY B 52 -38.52 15.90 1.76
CA GLY B 52 -38.79 16.73 2.92
C GLY B 52 -39.33 15.91 4.07
N ASN B 53 -40.64 16.02 4.31
CA ASN B 53 -41.20 15.21 5.40
C ASN B 53 -42.41 14.42 4.90
N GLN B 54 -42.27 13.88 3.70
CA GLN B 54 -43.27 13.02 3.08
C GLN B 54 -42.75 12.56 1.72
N TRP B 55 -42.98 11.31 1.41
CA TRP B 55 -42.59 10.41 0.35
C TRP B 55 -43.01 10.82 -1.06
N THR B 56 -42.06 11.04 -1.97
CA THR B 56 -42.34 11.46 -3.33
C THR B 56 -43.34 10.56 -4.03
N ASN B 57 -43.29 10.52 -5.36
CA ASN B 57 -44.29 9.77 -6.14
C ASN B 57 -43.69 8.54 -6.80
N ALA B 58 -42.39 8.33 -6.63
CA ALA B 58 -41.73 7.11 -7.07
C ALA B 58 -41.91 5.98 -6.07
N CYS B 59 -43.10 5.90 -5.50
CA CYS B 59 -43.47 4.98 -4.45
C CYS B 59 -44.97 5.05 -4.15
N SER B 60 -45.49 3.99 -3.55
CA SER B 60 -46.90 3.80 -3.25
C SER B 60 -47.11 2.77 -2.14
N THR B 61 -46.27 1.75 -2.11
CA THR B 61 -46.42 0.68 -1.12
C THR B 61 -45.18 0.51 -0.27
N ALA B 62 -45.31 -0.24 0.81
CA ALA B 62 -44.25 -0.59 1.74
C ALA B 62 -43.28 -1.61 1.17
N THR B 63 -43.41 -1.90 -0.12
CA THR B 63 -42.62 -2.94 -0.76
C THR B 63 -41.73 -2.42 -1.88
N ASP B 64 -42.32 -1.72 -2.83
CA ASP B 64 -41.59 -1.32 -4.04
C ASP B 64 -40.55 -0.25 -3.74
N CYS B 65 -40.68 0.38 -2.57
CA CYS B 65 -39.71 1.38 -2.16
C CYS B 65 -38.38 0.71 -1.84
N ALA B 66 -38.39 -0.35 -1.05
CA ALA B 66 -37.16 -1.13 -0.87
C ALA B 66 -36.57 -1.56 -2.21
N GLU B 67 -37.44 -2.06 -3.09
CA GLU B 67 -37.04 -2.63 -4.37
C GLU B 67 -36.43 -1.60 -5.30
N LYS B 68 -37.15 -0.50 -5.54
CA LYS B 68 -36.80 0.56 -6.47
C LYS B 68 -35.91 1.63 -5.86
N CYS B 69 -35.86 1.69 -4.54
CA CYS B 69 -35.05 2.72 -3.92
C CYS B 69 -33.71 2.17 -3.42
N MET B 70 -32.71 3.05 -3.53
CA MET B 70 -31.38 2.81 -3.01
C MET B 70 -30.87 4.08 -2.33
N ILE B 71 -30.29 3.95 -1.15
CA ILE B 71 -29.88 5.13 -0.38
C ILE B 71 -28.51 5.63 -0.82
N GLU B 72 -28.25 6.93 -0.77
CA GLU B 72 -26.93 7.38 -1.26
C GLU B 72 -25.94 7.66 -0.14
N GLY B 73 -24.71 8.01 -0.46
CA GLY B 73 -23.63 8.19 0.49
C GLY B 73 -23.55 9.49 1.23
N ALA B 74 -22.63 9.58 2.21
CA ALA B 74 -22.67 10.80 3.00
C ALA B 74 -21.95 11.94 2.30
N GLY B 75 -21.33 11.64 1.16
CA GLY B 75 -20.53 12.67 0.47
C GLY B 75 -19.52 13.21 1.47
N ASP B 76 -19.41 14.53 1.56
CA ASP B 76 -18.60 15.10 2.64
C ASP B 76 -19.51 15.24 3.86
N TYR B 77 -19.11 14.52 4.89
CA TYR B 77 -19.66 14.34 6.20
C TYR B 77 -19.73 15.67 6.96
N LEU B 78 -18.74 16.50 6.68
CA LEU B 78 -18.57 17.83 7.24
C LEU B 78 -19.53 18.85 6.66
N GLY B 79 -19.67 18.82 5.34
CA GLY B 79 -20.43 19.82 4.62
C GLY B 79 -21.92 19.70 4.77
N THR B 80 -22.39 18.46 4.85
CA THR B 80 -23.78 18.08 4.86
C THR B 80 -24.35 18.01 6.27
N TYR B 81 -23.49 17.63 7.22
CA TYR B 81 -24.02 17.25 8.53
C TYR B 81 -23.41 17.94 9.72
N GLY B 82 -22.21 18.49 9.60
CA GLY B 82 -21.51 19.02 10.75
C GLY B 82 -20.62 18.05 11.49
N ALA B 83 -20.42 16.82 11.03
CA ALA B 83 -19.55 15.86 11.69
C ALA B 83 -18.15 15.82 11.07
N SER B 84 -17.13 15.74 11.93
CA SER B 84 -15.75 15.58 11.50
C SER B 84 -14.96 14.71 12.46
N THR B 85 -13.78 14.23 12.06
CA THR B 85 -13.11 13.33 13.02
C THR B 85 -11.69 13.78 13.21
N SER B 86 -10.85 13.15 14.02
CA SER B 86 -9.46 13.56 14.23
C SER B 86 -8.90 12.82 15.46
N GLY B 87 -7.94 11.92 15.22
CA GLY B 87 -7.42 11.05 16.27
C GLY B 87 -8.54 10.10 16.68
N ASP B 88 -8.99 10.23 17.90
CA ASP B 88 -10.01 9.48 18.59
C ASP B 88 -11.22 10.35 18.97
N ALA B 89 -11.38 11.40 18.21
CA ALA B 89 -12.34 12.47 18.28
C ALA B 89 -13.31 12.54 17.10
N LEU B 90 -14.58 12.63 17.42
CA LEU B 90 -15.69 12.76 16.50
C LEU B 90 -16.61 13.90 16.92
N THR B 91 -16.47 15.08 16.32
CA THR B 91 -17.33 16.21 16.69
C THR B 91 -18.63 16.17 15.89
N LEU B 92 -19.73 16.66 16.46
CA LEU B 92 -20.99 16.76 15.74
C LEU B 92 -21.63 18.13 15.90
N LYS B 93 -21.66 18.99 14.88
CA LYS B 93 -22.36 20.27 15.04
C LYS B 93 -23.88 20.05 14.98
N PHE B 94 -24.63 20.97 15.56
CA PHE B 94 -26.07 20.89 15.76
C PHE B 94 -26.85 21.17 14.48
N VAL B 95 -26.45 22.23 13.77
CA VAL B 95 -27.12 22.72 12.58
C VAL B 95 -26.17 22.98 11.41
N THR B 96 -26.69 22.79 10.21
CA THR B 96 -26.04 23.21 8.97
C THR B 96 -27.08 23.94 8.13
N LYS B 97 -26.96 25.27 8.08
CA LYS B 97 -27.98 26.03 7.37
C LYS B 97 -27.73 26.03 5.85
N HIS B 98 -26.67 25.36 5.47
CA HIS B 98 -25.97 25.22 4.24
C HIS B 98 -26.80 25.54 2.99
N GLU B 99 -26.06 25.58 1.89
CA GLU B 99 -26.48 26.00 0.56
C GLU B 99 -27.77 25.34 0.10
N TYR B 100 -28.03 24.12 0.56
CA TYR B 100 -29.20 23.41 0.05
C TYR B 100 -30.17 22.87 1.08
N GLY B 101 -30.09 23.29 2.34
CA GLY B 101 -31.08 22.90 3.33
C GLY B 101 -30.91 23.63 4.66
N THR B 102 -30.98 22.89 5.74
CA THR B 102 -30.81 23.20 7.14
C THR B 102 -30.80 21.91 7.97
N ASN B 103 -29.66 21.24 8.07
CA ASN B 103 -29.62 19.99 8.84
C ASN B 103 -29.67 20.31 10.33
N VAL B 104 -30.35 19.43 11.08
CA VAL B 104 -30.43 19.62 12.53
C VAL B 104 -30.21 18.31 13.27
N GLY B 105 -29.05 18.24 13.93
CA GLY B 105 -28.63 17.12 14.74
C GLY B 105 -27.97 16.02 13.94
N SER B 106 -27.74 14.88 14.57
CA SER B 106 -27.10 13.77 13.86
C SER B 106 -26.95 12.56 14.79
N ARG B 107 -26.79 11.39 14.19
CA ARG B 107 -26.70 10.10 14.86
C ARG B 107 -25.72 9.19 14.14
N PHE B 108 -24.61 8.87 14.80
CA PHE B 108 -23.50 8.14 14.25
C PHE B 108 -23.37 6.72 14.79
N TYR B 109 -22.57 5.89 14.13
CA TYR B 109 -22.36 4.51 14.50
C TYR B 109 -20.87 4.13 14.39
N LEU B 110 -20.33 3.62 15.47
CA LEU B 110 -19.01 3.05 15.57
C LEU B 110 -18.98 1.69 14.87
N MET B 111 -18.23 1.59 13.77
CA MET B 111 -18.25 0.43 12.91
C MET B 111 -17.13 -0.55 13.22
N ASN B 112 -17.42 -1.82 12.95
CA ASN B 112 -16.38 -2.85 13.09
C ASN B 112 -16.16 -3.41 11.70
N GLY B 113 -15.03 -3.05 11.08
CA GLY B 113 -14.91 -3.35 9.66
C GLY B 113 -15.89 -2.45 8.91
N PRO B 114 -15.89 -2.49 7.59
CA PRO B 114 -16.68 -1.55 6.80
C PRO B 114 -18.09 -2.07 6.52
N ASP B 115 -18.31 -3.34 6.76
CA ASP B 115 -19.53 -4.10 6.54
C ASP B 115 -20.23 -4.58 7.80
N LYS B 116 -19.67 -4.32 8.98
CA LYS B 116 -20.20 -4.71 10.28
C LYS B 116 -20.11 -3.54 11.25
N TYR B 117 -21.04 -3.44 12.18
CA TYR B 117 -21.01 -2.45 13.25
C TYR B 117 -20.20 -2.99 14.42
N GLN B 118 -19.52 -2.13 15.15
CA GLN B 118 -18.87 -2.61 16.37
C GLN B 118 -19.91 -3.11 17.36
N MET B 119 -19.80 -4.37 17.75
CA MET B 119 -20.67 -4.92 18.80
C MET B 119 -20.01 -4.76 20.16
N PHE B 120 -20.79 -4.80 21.23
CA PHE B 120 -20.27 -4.68 22.58
C PHE B 120 -21.05 -5.55 23.55
N ASN B 121 -20.35 -6.38 24.32
CA ASN B 121 -20.99 -7.21 25.33
C ASN B 121 -20.86 -6.56 26.71
N LEU B 122 -21.74 -5.63 27.03
CA LEU B 122 -21.68 -4.83 28.24
C LEU B 122 -21.31 -5.63 29.48
N MET B 123 -22.11 -6.66 29.79
CA MET B 123 -22.03 -7.42 31.01
C MET B 123 -20.60 -7.82 31.34
N GLY B 124 -20.17 -7.40 32.54
CA GLY B 124 -18.83 -7.66 33.03
C GLY B 124 -17.89 -6.54 32.61
N ASN B 125 -18.34 -5.72 31.67
CA ASN B 125 -17.53 -4.66 31.08
C ASN B 125 -18.16 -3.27 31.19
N GLU B 126 -17.30 -2.28 31.02
CA GLU B 126 -17.48 -0.86 31.16
C GLU B 126 -16.94 -0.08 29.96
N LEU B 127 -17.62 1.01 29.64
CA LEU B 127 -17.18 1.95 28.63
C LEU B 127 -16.71 3.25 29.26
N ALA B 128 -15.69 3.86 28.66
CA ALA B 128 -15.30 5.20 29.11
C ALA B 128 -15.18 6.15 27.93
N PHE B 129 -15.60 7.41 28.11
CA PHE B 129 -15.36 8.32 26.97
C PHE B 129 -15.03 9.69 27.55
N ASP B 130 -14.51 10.62 26.76
CA ASP B 130 -14.48 11.99 27.26
C ASP B 130 -15.55 12.81 26.55
N VAL B 131 -16.18 13.79 27.20
CA VAL B 131 -17.08 14.59 26.36
C VAL B 131 -16.98 16.07 26.69
N ASP B 132 -17.28 16.88 25.67
CA ASP B 132 -17.34 18.33 25.86
C ASP B 132 -18.67 18.85 25.30
N LEU B 133 -19.68 18.94 26.14
CA LEU B 133 -21.01 19.42 25.80
C LEU B 133 -21.22 20.84 26.30
N SER B 134 -20.13 21.61 26.35
CA SER B 134 -20.24 22.97 26.87
C SER B 134 -21.18 23.79 25.98
N THR B 135 -21.24 23.39 24.71
CA THR B 135 -21.99 24.08 23.68
C THR B 135 -23.42 23.58 23.47
N VAL B 136 -23.81 22.49 24.12
CA VAL B 136 -25.16 21.93 23.99
C VAL B 136 -26.10 22.60 24.99
N GLU B 137 -26.97 23.51 24.55
CA GLU B 137 -27.68 24.33 25.53
C GLU B 137 -29.02 23.70 25.90
N CYS B 138 -29.84 24.30 26.74
CA CYS B 138 -31.20 23.87 27.03
C CYS B 138 -31.90 23.34 25.76
N GLY B 139 -32.55 22.20 25.84
CA GLY B 139 -33.23 21.57 24.75
C GLY B 139 -32.40 20.79 23.79
N ILE B 140 -31.06 20.82 23.88
CA ILE B 140 -30.34 20.00 22.90
C ILE B 140 -29.72 18.79 23.59
N ASN B 141 -30.03 17.57 23.15
CA ASN B 141 -29.44 16.39 23.74
C ASN B 141 -28.20 15.97 22.95
N SER B 142 -27.13 15.63 23.66
CA SER B 142 -25.91 15.08 23.10
C SER B 142 -25.68 13.70 23.71
N ALA B 143 -26.25 12.64 23.13
CA ALA B 143 -26.25 11.42 23.93
C ALA B 143 -25.55 10.21 23.33
N LEU B 144 -24.71 9.57 24.15
CA LEU B 144 -24.03 8.33 23.79
C LEU B 144 -24.73 7.13 24.41
N TYR B 145 -25.06 6.18 23.55
CA TYR B 145 -25.74 4.98 24.02
C TYR B 145 -25.42 3.75 23.17
N PHE B 146 -25.94 2.64 23.66
CA PHE B 146 -26.00 1.31 23.10
C PHE B 146 -27.43 1.05 22.61
N VAL B 147 -27.61 0.09 21.71
CA VAL B 147 -28.93 -0.32 21.26
C VAL B 147 -28.83 -1.70 20.65
N ALA B 148 -29.71 -2.64 20.98
CA ALA B 148 -29.50 -3.97 20.40
C ALA B 148 -29.83 -4.00 18.91
N MET B 149 -28.93 -3.50 18.09
CA MET B 149 -28.92 -3.52 16.64
C MET B 149 -28.28 -4.78 16.06
N GLU B 150 -28.82 -5.29 14.95
CA GLU B 150 -28.09 -6.41 14.33
C GLU B 150 -26.76 -5.89 13.77
N GLU B 151 -25.67 -6.61 14.02
CA GLU B 151 -24.34 -6.23 13.60
C GLU B 151 -24.24 -5.83 12.13
N ASP B 152 -24.98 -6.49 11.24
CA ASP B 152 -24.97 -6.18 9.82
C ASP B 152 -26.14 -5.30 9.40
N GLY B 153 -26.94 -4.80 10.34
CA GLY B 153 -27.97 -3.80 10.04
C GLY B 153 -29.28 -4.45 9.60
N GLY B 154 -29.41 -5.74 9.89
CA GLY B 154 -30.55 -6.56 9.52
C GLY B 154 -30.58 -6.96 8.06
N MET B 155 -29.53 -6.62 7.32
CA MET B 155 -29.40 -6.95 5.90
C MET B 155 -29.84 -8.37 5.57
N ALA B 156 -29.50 -9.32 6.44
CA ALA B 156 -29.78 -10.73 6.18
C ALA B 156 -31.20 -11.11 6.56
N SER B 157 -31.62 -10.67 7.74
CA SER B 157 -32.90 -11.14 8.26
C SER B 157 -34.05 -10.43 7.56
N TYR B 158 -33.66 -9.42 6.82
CA TYR B 158 -34.45 -8.57 5.95
C TYR B 158 -33.65 -8.32 4.67
N PRO B 159 -33.76 -9.22 3.70
CA PRO B 159 -32.97 -9.22 2.47
C PRO B 159 -33.35 -8.13 1.48
N SER B 160 -34.30 -7.28 1.86
CA SER B 160 -34.72 -6.20 0.98
C SER B 160 -33.81 -5.00 1.24
N ASN B 161 -33.20 -5.04 2.41
CA ASN B 161 -32.26 -4.08 2.95
C ASN B 161 -30.83 -4.41 2.50
N GLN B 162 -30.48 -3.94 1.32
CA GLN B 162 -29.20 -4.17 0.68
C GLN B 162 -28.27 -2.97 0.87
N ALA B 163 -28.52 -2.27 1.98
CA ALA B 163 -27.64 -1.20 2.39
C ALA B 163 -26.72 -1.67 3.50
N GLY B 164 -27.32 -2.12 4.60
CA GLY B 164 -26.57 -2.68 5.71
C GLY B 164 -25.62 -1.66 6.32
N ALA B 165 -25.08 -1.99 7.48
CA ALA B 165 -24.18 -1.23 8.33
C ALA B 165 -23.33 -0.22 7.57
N ARG B 166 -22.85 -0.54 6.38
CA ARG B 166 -22.11 0.45 5.61
C ARG B 166 -22.94 1.71 5.42
N TYR B 167 -24.26 1.58 5.36
CA TYR B 167 -25.16 2.71 5.12
C TYR B 167 -26.13 2.98 6.27
N GLY B 168 -25.63 2.89 7.49
CA GLY B 168 -26.29 3.14 8.75
C GLY B 168 -27.74 2.72 8.80
N THR B 169 -28.03 1.45 8.53
CA THR B 169 -29.44 1.06 8.49
C THR B 169 -29.90 0.32 9.74
N GLY B 170 -31.19 0.04 9.77
CA GLY B 170 -31.87 -0.72 10.79
C GLY B 170 -31.71 -0.23 12.21
N TYR B 171 -31.89 1.08 12.47
CA TYR B 171 -31.84 1.55 13.84
C TYR B 171 -32.86 0.80 14.71
N CYS B 172 -32.68 0.84 16.02
CA CYS B 172 -33.61 0.33 17.00
C CYS B 172 -33.35 0.91 18.39
N ASP B 173 -34.41 1.16 19.12
CA ASP B 173 -34.45 1.52 20.53
C ASP B 173 -35.76 1.01 21.16
N ALA B 174 -36.02 1.43 22.38
CA ALA B 174 -37.17 1.06 23.18
C ALA B 174 -38.38 1.92 22.87
N GLN B 175 -38.12 3.09 22.28
CA GLN B 175 -39.25 3.91 21.85
C GLN B 175 -39.99 3.19 20.72
N CYS B 176 -39.23 2.68 19.77
CA CYS B 176 -39.60 1.93 18.58
C CYS B 176 -39.49 2.87 17.37
N ALA B 177 -38.43 2.73 16.60
CA ALA B 177 -38.16 3.68 15.54
C ALA B 177 -39.21 3.67 14.43
N ARG B 178 -40.35 4.29 14.71
CA ARG B 178 -41.39 4.58 13.74
C ARG B 178 -40.96 5.73 12.80
N ASP B 179 -39.99 6.48 13.31
CA ASP B 179 -39.36 7.64 12.74
C ASP B 179 -38.43 7.25 11.60
N LEU B 180 -38.30 5.94 11.44
CA LEU B 180 -37.49 5.33 10.40
C LEU B 180 -38.32 5.18 9.13
N LYS B 181 -37.83 5.81 8.07
CA LYS B 181 -38.48 5.70 6.77
C LYS B 181 -38.39 4.26 6.27
N PHE B 182 -37.39 3.55 6.79
CA PHE B 182 -37.19 2.16 6.41
C PHE B 182 -37.03 1.31 7.66
N VAL B 183 -38.05 0.49 7.88
CA VAL B 183 -38.06 -0.43 9.02
C VAL B 183 -38.19 -1.87 8.56
N GLY B 184 -37.36 -2.70 9.17
CA GLY B 184 -37.24 -4.11 8.82
C GLY B 184 -37.21 -4.26 7.30
N GLY B 185 -36.48 -3.38 6.60
CA GLY B 185 -36.47 -3.55 5.16
C GLY B 185 -37.71 -3.01 4.49
N LYS B 186 -38.82 -2.84 5.21
CA LYS B 186 -40.02 -2.26 4.61
C LYS B 186 -40.01 -0.73 4.71
N ALA B 187 -40.51 -0.06 3.68
CA ALA B 187 -40.60 1.40 3.71
C ALA B 187 -41.86 1.85 4.44
N ASN B 188 -41.71 2.81 5.34
CA ASN B 188 -42.85 3.20 6.18
C ASN B 188 -43.86 4.03 5.38
N ILE B 189 -43.51 4.33 4.14
CA ILE B 189 -44.25 5.07 3.14
C ILE B 189 -45.76 5.01 3.35
N GLU B 190 -46.29 3.82 3.60
CA GLU B 190 -47.73 3.72 3.85
C GLU B 190 -48.10 4.62 5.03
N GLY B 191 -49.29 5.20 4.93
CA GLY B 191 -49.94 6.08 5.87
C GLY B 191 -49.04 7.12 6.51
N TRP B 192 -47.98 7.52 5.81
CA TRP B 192 -46.98 8.46 6.31
C TRP B 192 -47.65 9.80 6.62
N LYS B 193 -47.98 9.96 7.89
CA LYS B 193 -48.54 11.21 8.41
C LYS B 193 -47.41 12.22 8.62
N SER B 194 -47.34 13.26 7.81
CA SER B 194 -46.28 14.26 7.93
C SER B 194 -46.24 14.91 9.31
N SER B 195 -45.09 15.42 9.74
CA SER B 195 -44.90 15.98 11.07
C SER B 195 -45.38 17.43 11.24
N THR B 196 -45.47 17.82 12.50
CA THR B 196 -46.00 19.08 12.98
C THR B 196 -44.91 20.10 13.30
N SER B 197 -43.66 19.86 12.90
CA SER B 197 -42.61 20.79 13.27
C SER B 197 -41.25 20.36 12.73
N ASP B 198 -41.02 19.07 12.76
CA ASP B 198 -39.86 18.32 12.31
C ASP B 198 -39.67 18.47 10.80
N PRO B 199 -38.61 19.17 10.42
CA PRO B 199 -38.39 19.59 9.03
C PRO B 199 -38.56 18.42 8.08
N ASN B 200 -38.05 17.28 8.54
CA ASN B 200 -37.97 16.15 7.63
C ASN B 200 -38.56 14.89 8.22
N ALA B 201 -39.20 14.98 9.39
CA ALA B 201 -39.70 13.72 9.94
C ALA B 201 -41.11 13.42 9.43
N GLY B 202 -41.66 12.36 10.00
CA GLY B 202 -42.98 11.84 9.75
C GLY B 202 -43.26 10.68 10.70
N VAL B 203 -44.41 10.03 10.55
CA VAL B 203 -44.70 8.84 11.33
C VAL B 203 -45.17 7.72 10.39
N GLY B 204 -44.66 6.51 10.58
CA GLY B 204 -45.09 5.37 9.79
C GLY B 204 -45.89 4.39 10.62
N PRO B 205 -46.32 3.27 10.07
CA PRO B 205 -47.10 2.30 10.85
C PRO B 205 -46.19 1.21 11.41
N TYR B 206 -44.92 1.19 10.97
CA TYR B 206 -44.00 0.21 11.56
C TYR B 206 -43.08 0.97 12.53
N GLY B 207 -42.04 0.32 13.02
CA GLY B 207 -41.09 0.85 13.98
C GLY B 207 -40.11 -0.22 14.45
N SER B 208 -38.90 0.16 14.85
CA SER B 208 -37.91 -0.83 15.29
C SER B 208 -37.69 -0.77 16.78
N CYS B 209 -38.04 -1.85 17.49
CA CYS B 209 -37.78 -1.75 18.94
C CYS B 209 -36.56 -2.59 19.33
N CYS B 210 -36.17 -2.54 20.60
CA CYS B 210 -35.04 -3.25 21.16
C CYS B 210 -34.57 -2.54 22.43
N ALA B 211 -33.85 -3.28 23.27
CA ALA B 211 -33.41 -2.83 24.56
C ALA B 211 -32.39 -1.70 24.44
N GLU B 212 -32.61 -0.64 25.22
CA GLU B 212 -31.65 0.47 25.10
C GLU B 212 -31.17 0.85 26.49
N ILE B 213 -29.85 0.95 26.57
CA ILE B 213 -29.12 1.53 27.69
C ILE B 213 -28.78 2.97 27.40
N ASP B 214 -29.55 3.94 27.91
CA ASP B 214 -29.06 5.32 27.76
C ASP B 214 -27.81 5.54 28.60
N VAL B 215 -26.62 5.22 28.12
CA VAL B 215 -25.43 5.50 28.92
C VAL B 215 -25.26 6.99 29.16
N TRP B 216 -25.45 7.78 28.10
CA TRP B 216 -25.17 9.20 28.32
C TRP B 216 -26.08 10.10 27.49
N GLU B 217 -27.30 10.31 27.92
CA GLU B 217 -28.17 11.42 27.54
C GLU B 217 -27.73 12.65 28.34
N SER B 218 -27.62 13.81 27.73
CA SER B 218 -27.03 14.93 28.47
C SER B 218 -26.81 16.18 27.61
N ASN B 219 -26.66 17.28 28.33
CA ASN B 219 -26.30 18.57 27.75
C ASN B 219 -25.48 19.36 28.76
N ALA B 220 -25.29 20.64 28.48
CA ALA B 220 -24.56 21.57 29.34
C ALA B 220 -25.26 21.79 30.67
N TYR B 221 -26.54 21.41 30.78
CA TYR B 221 -27.26 21.77 32.01
C TYR B 221 -27.66 20.56 32.85
N ALA B 222 -27.99 19.43 32.23
CA ALA B 222 -28.37 18.25 33.00
C ALA B 222 -27.90 16.95 32.32
N PHE B 223 -28.22 15.83 32.93
CA PHE B 223 -27.95 14.49 32.41
C PHE B 223 -28.77 13.44 33.18
N ALA B 224 -28.78 12.24 32.62
CA ALA B 224 -29.40 11.06 33.18
C ALA B 224 -28.85 9.75 32.62
N PHE B 225 -28.56 8.83 33.54
CA PHE B 225 -28.22 7.45 33.18
C PHE B 225 -29.54 6.68 33.10
N THR B 226 -29.81 5.91 32.06
CA THR B 226 -31.15 5.34 31.87
C THR B 226 -31.19 3.98 31.21
N PRO B 227 -31.58 2.89 31.87
CA PRO B 227 -31.80 1.62 31.17
C PRO B 227 -33.24 1.43 30.71
N HIS B 228 -33.43 0.80 29.56
CA HIS B 228 -34.75 0.49 29.02
C HIS B 228 -34.81 -0.96 28.55
N ALA B 229 -35.56 -1.82 29.22
CA ALA B 229 -35.64 -3.20 28.70
C ALA B 229 -36.87 -3.30 27.80
N CYS B 230 -37.21 -4.48 27.33
CA CYS B 230 -38.39 -4.83 26.58
C CYS B 230 -38.68 -6.32 26.84
N THR B 231 -39.86 -6.77 26.46
CA THR B 231 -40.30 -8.15 26.63
C THR B 231 -40.00 -8.98 25.39
N THR B 232 -38.83 -8.73 24.84
CA THR B 232 -38.27 -9.09 23.57
C THR B 232 -37.03 -8.23 23.34
N ASN B 233 -35.87 -8.57 23.90
CA ASN B 233 -34.90 -7.45 23.95
C ASN B 233 -34.22 -7.25 22.61
N GLU B 234 -33.76 -8.33 22.01
CA GLU B 234 -33.17 -8.33 20.67
C GLU B 234 -34.05 -7.56 19.69
N TYR B 235 -33.47 -6.96 18.66
CA TYR B 235 -34.15 -6.21 17.61
C TYR B 235 -35.42 -6.94 17.19
N HIS B 236 -36.52 -6.21 17.20
CA HIS B 236 -37.80 -6.75 16.69
C HIS B 236 -38.56 -5.62 16.01
N VAL B 237 -39.62 -5.94 15.28
CA VAL B 237 -40.36 -4.87 14.60
C VAL B 237 -41.71 -4.67 15.27
N CYS B 238 -42.16 -3.42 15.40
CA CYS B 238 -43.48 -3.20 15.98
C CYS B 238 -44.43 -2.67 14.92
N GLU B 239 -45.72 -2.64 15.25
CA GLU B 239 -46.71 -2.13 14.30
C GLU B 239 -47.81 -1.33 15.00
N THR B 240 -48.05 -0.15 14.48
CA THR B 240 -49.06 0.83 14.84
C THR B 240 -49.51 0.72 16.28
N THR B 241 -50.76 0.30 16.49
CA THR B 241 -51.29 0.13 17.84
C THR B 241 -50.38 -0.72 18.72
N ASN B 242 -49.66 -1.66 18.11
CA ASN B 242 -48.74 -2.54 18.83
C ASN B 242 -47.43 -1.87 19.20
N CYS B 243 -47.26 -0.59 18.85
CA CYS B 243 -46.06 0.17 19.08
C CYS B 243 -46.14 1.20 20.20
N GLY B 244 -45.41 1.00 21.29
CA GLY B 244 -45.32 2.06 22.30
C GLY B 244 -44.42 3.17 21.81
N GLY B 245 -43.92 3.95 22.76
CA GLY B 245 -43.02 5.05 22.55
C GLY B 245 -43.71 6.37 22.24
N THR B 246 -42.90 7.41 22.25
CA THR B 246 -43.29 8.79 22.02
C THR B 246 -44.29 8.94 20.88
N TYR B 247 -43.92 8.47 19.68
CA TYR B 247 -44.69 8.72 18.47
C TYR B 247 -46.18 8.40 18.64
N SER B 248 -46.52 7.13 18.67
CA SER B 248 -47.76 6.44 18.84
C SER B 248 -48.81 7.13 19.70
N GLU B 249 -49.93 6.43 19.90
CA GLU B 249 -51.10 6.86 20.63
C GLU B 249 -50.94 6.67 22.14
N ASP B 250 -50.58 5.44 22.45
CA ASP B 250 -50.33 4.87 23.77
C ASP B 250 -48.84 4.60 23.92
N ARG B 251 -48.14 5.50 24.59
CA ARG B 251 -46.69 5.48 24.81
C ARG B 251 -46.21 4.23 25.54
N PHE B 252 -47.15 3.50 26.13
CA PHE B 252 -46.93 2.30 26.90
C PHE B 252 -47.44 1.04 26.21
N ALA B 253 -47.70 1.12 24.90
CA ALA B 253 -48.29 -0.04 24.25
C ALA B 253 -47.30 -1.05 23.70
N GLY B 254 -46.09 -0.66 23.30
CA GLY B 254 -45.16 -1.63 22.72
C GLY B 254 -44.83 -2.76 23.66
N LYS B 255 -43.80 -3.56 23.37
CA LYS B 255 -43.40 -4.61 24.29
C LYS B 255 -42.24 -4.14 25.16
N CYS B 256 -41.95 -2.85 25.07
CA CYS B 256 -40.76 -2.15 25.53
C CYS B 256 -40.97 -1.19 26.69
N ASP B 257 -39.88 -0.64 27.22
CA ASP B 257 -39.92 0.38 28.27
C ASP B 257 -39.49 1.74 27.73
N ALA B 258 -40.49 2.48 27.25
CA ALA B 258 -40.33 3.75 26.58
C ALA B 258 -39.45 4.73 27.34
N ASN B 259 -39.45 4.59 28.66
CA ASN B 259 -38.93 5.60 29.57
C ASN B 259 -37.81 5.14 30.51
N GLY B 260 -37.66 3.84 30.73
CA GLY B 260 -36.55 3.31 31.51
C GLY B 260 -36.30 3.92 32.85
N CYS B 261 -35.61 3.16 33.70
CA CYS B 261 -35.21 3.56 35.04
C CYS B 261 -34.12 4.63 35.00
N ASP B 262 -34.44 5.86 34.62
CA ASP B 262 -33.36 6.84 34.53
C ASP B 262 -32.81 7.19 35.91
N TYR B 263 -31.62 7.79 35.94
CA TYR B 263 -31.00 8.43 37.08
C TYR B 263 -30.37 9.74 36.58
N ASN B 264 -30.72 10.78 37.27
CA ASN B 264 -30.48 12.19 37.22
C ASN B 264 -30.39 12.77 38.63
N PRO B 265 -29.18 13.08 39.08
CA PRO B 265 -29.04 13.78 40.38
C PRO B 265 -29.96 14.99 40.48
N TYR B 266 -30.17 15.75 39.40
CA TYR B 266 -31.12 16.86 39.53
C TYR B 266 -32.51 16.29 39.78
N ARG B 267 -33.00 15.40 38.92
CA ARG B 267 -34.28 14.76 39.23
C ARG B 267 -34.25 14.14 40.62
N MET B 268 -33.10 13.64 41.05
CA MET B 268 -32.96 12.95 42.33
C MET B 268 -32.55 13.85 43.48
N GLY B 269 -32.54 15.15 43.23
CA GLY B 269 -32.35 16.13 44.28
C GLY B 269 -30.92 16.46 44.61
N ASN B 270 -30.10 16.66 43.58
CA ASN B 270 -28.72 17.13 43.76
C ASN B 270 -28.44 18.29 42.82
N PRO B 271 -29.23 19.35 42.91
CA PRO B 271 -29.30 20.40 41.89
C PRO B 271 -28.07 21.28 41.83
N ASP B 272 -27.01 20.97 42.58
CA ASP B 272 -25.82 21.80 42.48
C ASP B 272 -24.60 20.98 42.05
N PHE B 273 -24.76 19.73 41.65
CA PHE B 273 -23.62 18.91 41.23
C PHE B 273 -23.27 19.01 39.75
N TYR B 274 -24.22 18.83 38.84
CA TYR B 274 -23.83 18.83 37.43
C TYR B 274 -24.30 20.09 36.72
N GLY B 275 -23.38 20.68 35.99
CA GLY B 275 -23.52 21.87 35.19
C GLY B 275 -22.31 22.79 35.30
N LYS B 276 -22.35 23.91 34.56
CA LYS B 276 -21.19 24.77 34.39
C LYS B 276 -20.66 25.32 35.71
N GLY B 277 -19.36 25.16 35.92
CA GLY B 277 -18.71 25.65 37.11
C GLY B 277 -18.86 24.67 38.26
N LYS B 278 -20.03 24.05 38.35
CA LYS B 278 -20.37 23.13 39.42
C LYS B 278 -19.29 22.10 39.68
N THR B 279 -19.59 21.25 40.66
CA THR B 279 -18.77 20.10 41.01
C THR B 279 -18.32 19.36 39.75
N LEU B 280 -19.31 19.05 38.91
CA LEU B 280 -18.98 18.57 37.56
C LEU B 280 -19.22 19.73 36.56
N ASP B 281 -18.12 20.20 36.03
CA ASP B 281 -17.98 21.33 35.13
C ASP B 281 -18.48 21.06 33.73
N THR B 282 -19.70 21.47 33.39
CA THR B 282 -20.16 21.29 32.02
C THR B 282 -19.58 22.35 31.09
N SER B 283 -18.64 23.15 31.58
CA SER B 283 -17.97 24.18 30.81
C SER B 283 -16.63 23.71 30.25
N ARG B 284 -16.21 22.51 30.60
CA ARG B 284 -14.86 22.02 30.33
C ARG B 284 -14.85 20.49 30.36
N LYS B 285 -14.03 19.85 29.53
CA LYS B 285 -14.07 18.40 29.33
C LYS B 285 -14.01 17.58 30.62
N PHE B 286 -14.56 16.37 30.59
CA PHE B 286 -14.63 15.36 31.64
C PHE B 286 -14.82 13.95 31.08
N THR B 287 -14.45 12.92 31.85
CA THR B 287 -14.58 11.53 31.46
C THR B 287 -15.82 10.88 32.11
N VAL B 288 -16.59 10.10 31.37
CA VAL B 288 -17.69 9.32 31.91
C VAL B 288 -17.38 7.83 31.88
N VAL B 289 -17.31 7.18 33.05
CA VAL B 289 -17.17 5.73 33.10
C VAL B 289 -18.47 5.10 33.58
N SER B 290 -18.85 4.09 32.82
CA SER B 290 -20.08 3.35 32.96
C SER B 290 -19.76 1.86 32.96
N ARG B 291 -20.43 1.16 33.85
CA ARG B 291 -20.20 -0.24 34.12
C ARG B 291 -21.50 -1.00 34.22
N PHE B 292 -21.53 -2.23 33.75
CA PHE B 292 -22.79 -2.96 33.66
C PHE B 292 -22.67 -4.32 34.33
N GLU B 293 -23.43 -4.52 35.41
CA GLU B 293 -23.43 -5.79 36.12
C GLU B 293 -24.82 -6.39 36.28
N GLU B 294 -24.85 -7.70 36.49
CA GLU B 294 -26.14 -8.29 36.88
C GLU B 294 -26.57 -7.61 38.19
N ASN B 295 -27.61 -6.81 38.08
CA ASN B 295 -28.25 -6.05 39.14
C ASN B 295 -27.39 -4.90 39.66
N LYS B 296 -26.51 -4.33 38.82
CA LYS B 296 -25.80 -3.14 39.22
C LYS B 296 -24.95 -2.50 38.12
N LEU B 297 -25.40 -1.34 37.66
CA LEU B 297 -24.63 -0.46 36.79
C LEU B 297 -24.02 0.64 37.65
N SER B 298 -22.76 0.99 37.40
CA SER B 298 -22.12 2.13 38.03
C SER B 298 -21.74 3.19 36.99
N GLN B 299 -21.52 4.40 37.50
CA GLN B 299 -21.06 5.52 36.70
C GLN B 299 -20.35 6.50 37.62
N TYR B 300 -19.32 7.15 37.14
CA TYR B 300 -18.64 8.27 37.77
C TYR B 300 -18.01 9.08 36.63
N PHE B 301 -17.36 10.18 36.97
CA PHE B 301 -16.60 11.01 36.04
C PHE B 301 -15.14 11.12 36.47
N ILE B 302 -14.25 11.50 35.56
CA ILE B 302 -12.94 12.00 36.00
C ILE B 302 -12.70 13.39 35.41
N GLN B 303 -12.97 14.43 36.21
CA GLN B 303 -12.77 15.78 35.70
C GLN B 303 -11.44 16.36 36.18
N ASP B 304 -10.69 16.96 35.28
CA ASP B 304 -9.35 17.45 35.56
C ASP B 304 -8.40 16.42 36.15
N GLY B 305 -8.55 15.15 35.81
CA GLY B 305 -7.59 14.15 36.26
C GLY B 305 -7.92 13.70 37.68
N ARG B 306 -9.10 14.07 38.17
CA ARG B 306 -9.54 13.69 39.51
C ARG B 306 -10.87 12.96 39.44
N LYS B 307 -10.99 11.81 40.09
CA LYS B 307 -12.28 11.13 40.15
C LYS B 307 -13.38 12.07 40.66
N ILE B 308 -14.58 11.97 40.15
CA ILE B 308 -15.71 12.71 40.71
C ILE B 308 -16.91 11.75 40.79
N GLU B 309 -17.30 11.42 42.01
CA GLU B 309 -18.39 10.46 42.18
C GLU B 309 -19.73 11.17 42.39
N ILE B 310 -20.74 10.62 41.75
CA ILE B 310 -22.11 11.04 41.65
C ILE B 310 -22.93 10.82 42.92
N PRO B 311 -23.49 11.89 43.47
CA PRO B 311 -24.24 11.86 44.72
C PRO B 311 -25.52 11.02 44.68
N PRO B 312 -25.80 10.41 45.83
CA PRO B 312 -26.96 9.53 46.06
C PRO B 312 -28.27 10.29 46.19
N PRO B 313 -29.42 9.62 46.26
CA PRO B 313 -30.71 10.30 46.36
C PRO B 313 -31.03 10.99 47.68
N THR B 314 -31.57 12.19 47.56
CA THR B 314 -32.09 12.95 48.70
C THR B 314 -33.59 12.71 48.94
N TRP B 315 -34.28 12.01 48.04
CA TRP B 315 -35.68 11.69 48.23
C TRP B 315 -35.83 10.48 49.17
N GLU B 316 -36.51 10.74 50.28
CA GLU B 316 -36.78 9.70 51.26
C GLU B 316 -37.62 8.58 50.65
N GLY B 317 -37.32 7.37 51.10
CA GLY B 317 -37.89 6.15 50.60
C GLY B 317 -37.06 5.59 49.45
N MET B 318 -35.83 6.09 49.31
CA MET B 318 -34.89 5.68 48.28
C MET B 318 -33.50 5.35 48.81
N PRO B 319 -32.84 4.38 48.17
CA PRO B 319 -31.49 3.96 48.56
C PRO B 319 -30.51 5.13 48.55
N ASN B 320 -29.60 5.09 49.52
CA ASN B 320 -28.52 6.06 49.63
C ASN B 320 -27.42 5.72 48.63
N SER B 321 -27.70 5.90 47.33
CA SER B 321 -26.74 5.58 46.28
C SER B 321 -27.24 5.90 44.88
N SER B 322 -26.34 6.39 44.05
CA SER B 322 -26.56 6.76 42.66
C SER B 322 -26.71 5.56 41.74
N GLU B 323 -26.11 4.43 42.09
CA GLU B 323 -26.11 3.25 41.24
C GLU B 323 -27.51 2.85 40.78
N ILE B 324 -27.59 2.21 39.61
CA ILE B 324 -28.87 1.62 39.20
C ILE B 324 -28.88 0.16 39.64
N THR B 325 -29.86 -0.20 40.45
CA THR B 325 -30.14 -1.42 41.16
C THR B 325 -31.64 -1.69 41.30
N PRO B 326 -32.01 -2.94 41.57
CA PRO B 326 -33.40 -3.28 41.89
C PRO B 326 -34.09 -2.29 42.81
N GLU B 327 -33.38 -1.88 43.86
CA GLU B 327 -33.88 -1.10 44.98
C GLU B 327 -34.19 0.33 44.59
N LEU B 328 -33.28 0.94 43.81
CA LEU B 328 -33.54 2.30 43.38
C LEU B 328 -34.80 2.36 42.53
N CYS B 329 -34.73 1.63 41.42
CA CYS B 329 -35.78 1.65 40.41
C CYS B 329 -37.12 1.40 41.08
N SER B 330 -37.12 0.51 42.09
CA SER B 330 -38.41 0.29 42.73
C SER B 330 -38.89 1.57 43.42
N THR B 331 -38.20 1.94 44.48
CA THR B 331 -38.50 3.07 45.35
C THR B 331 -38.84 4.34 44.57
N MET B 332 -38.27 4.52 43.38
CA MET B 332 -38.56 5.72 42.60
C MET B 332 -39.94 5.66 41.97
N PHE B 333 -40.65 4.53 42.18
CA PHE B 333 -42.00 4.51 41.61
C PHE B 333 -43.04 4.64 42.69
N ASP B 334 -42.53 4.74 43.92
CA ASP B 334 -43.43 5.06 45.03
C ASP B 334 -43.18 6.50 45.46
N VAL B 335 -41.98 7.01 45.15
CA VAL B 335 -41.65 8.42 45.42
C VAL B 335 -42.09 9.28 44.25
N PHE B 336 -41.64 9.02 43.03
CA PHE B 336 -42.05 9.77 41.84
C PHE B 336 -43.40 9.27 41.31
N ASN B 337 -43.78 8.09 41.74
CA ASN B 337 -45.09 7.50 41.52
C ASN B 337 -45.39 7.16 40.07
N ASP B 338 -44.50 7.51 39.15
CA ASP B 338 -44.75 7.35 37.73
C ASP B 338 -45.14 5.89 37.47
N ARG B 339 -45.88 5.65 36.41
CA ARG B 339 -46.23 4.30 35.99
C ARG B 339 -44.96 3.45 35.97
N ASN B 340 -44.96 2.33 36.70
CA ASN B 340 -43.76 1.49 36.78
C ASN B 340 -43.62 0.59 35.54
N ARG B 341 -43.60 1.23 34.38
CA ARG B 341 -43.51 0.51 33.12
C ARG B 341 -42.31 -0.44 33.14
N PHE B 342 -41.26 0.01 33.81
CA PHE B 342 -40.09 -0.84 34.08
C PHE B 342 -40.52 -2.16 34.69
N GLU B 343 -41.45 -2.09 35.66
CA GLU B 343 -41.84 -3.35 36.29
C GLU B 343 -42.73 -4.17 35.36
N GLU B 344 -43.51 -3.43 34.57
CA GLU B 344 -44.40 -4.10 33.65
C GLU B 344 -43.66 -5.12 32.80
N VAL B 345 -42.59 -4.65 32.17
CA VAL B 345 -41.87 -5.47 31.19
C VAL B 345 -40.93 -6.48 31.81
N GLY B 346 -41.06 -6.82 33.09
CA GLY B 346 -40.19 -7.83 33.67
C GLY B 346 -39.08 -7.28 34.54
N GLY B 347 -39.06 -5.98 34.76
CA GLY B 347 -38.15 -5.22 35.56
C GLY B 347 -36.67 -5.26 35.31
N PHE B 348 -35.90 -5.48 36.38
CA PHE B 348 -34.45 -5.56 36.29
C PHE B 348 -33.98 -6.88 35.70
N GLU B 349 -34.71 -7.98 35.94
CA GLU B 349 -34.16 -9.22 35.38
C GLU B 349 -34.27 -9.13 33.86
N GLN B 350 -35.35 -8.53 33.38
CA GLN B 350 -35.58 -8.33 31.96
C GLN B 350 -34.43 -7.51 31.38
N LEU B 351 -34.05 -6.45 32.06
CA LEU B 351 -32.85 -5.66 31.87
C LEU B 351 -31.60 -6.54 31.98
N ASN B 352 -31.66 -7.45 32.94
CA ASN B 352 -30.55 -8.39 33.14
C ASN B 352 -30.29 -9.12 31.83
N ASN B 353 -31.36 -9.47 31.12
CA ASN B 353 -31.29 -10.09 29.80
C ASN B 353 -30.85 -9.09 28.75
N ALA B 354 -31.45 -7.90 28.69
CA ALA B 354 -31.01 -6.80 27.85
C ALA B 354 -29.48 -6.67 27.89
N LEU B 355 -28.95 -6.76 29.10
CA LEU B 355 -27.53 -6.73 29.41
C LEU B 355 -26.75 -7.73 28.58
N ARG B 356 -27.41 -8.82 28.18
CA ARG B 356 -26.65 -9.84 27.42
C ARG B 356 -26.98 -9.80 25.94
N VAL B 357 -27.79 -8.83 25.51
CA VAL B 357 -27.90 -8.64 24.06
C VAL B 357 -26.66 -7.86 23.65
N PRO B 358 -26.11 -8.10 22.47
CA PRO B 358 -24.97 -7.29 22.00
C PRO B 358 -25.46 -5.93 21.53
N MET B 359 -24.70 -4.86 21.78
CA MET B 359 -25.20 -3.54 21.41
C MET B 359 -24.32 -2.81 20.40
N VAL B 360 -24.97 -2.03 19.53
CA VAL B 360 -24.21 -1.15 18.63
C VAL B 360 -23.97 0.16 19.38
N LEU B 361 -22.85 0.83 19.21
CA LEU B 361 -22.53 2.04 19.96
C LEU B 361 -22.92 3.29 19.16
N VAL B 362 -23.83 4.06 19.75
CA VAL B 362 -24.37 5.25 19.11
C VAL B 362 -24.03 6.52 19.88
N MET B 363 -23.95 7.60 19.13
CA MET B 363 -23.67 8.94 19.62
C MET B 363 -24.31 9.97 18.69
N SER B 364 -24.99 10.94 19.30
CA SER B 364 -25.75 11.94 18.57
C SER B 364 -25.73 13.33 19.19
N ILE B 365 -26.61 14.17 18.68
CA ILE B 365 -26.93 15.52 19.15
C ILE B 365 -28.29 15.91 18.60
N TRP B 366 -29.26 16.22 19.47
CA TRP B 366 -30.61 16.46 18.97
C TRP B 366 -31.48 17.37 19.83
N ASP B 367 -32.65 17.65 19.26
CA ASP B 367 -33.71 18.43 19.82
C ASP B 367 -35.03 17.65 19.77
N ASP B 368 -35.91 18.02 20.68
CA ASP B 368 -37.12 17.27 21.02
C ASP B 368 -38.39 18.04 20.69
N HIS B 369 -38.94 17.68 19.54
CA HIS B 369 -40.13 18.30 18.98
C HIS B 369 -41.40 17.84 19.70
N TYR B 370 -41.26 16.85 20.59
CA TYR B 370 -42.41 16.33 21.31
C TYR B 370 -42.50 16.91 22.71
N ALA B 371 -41.35 17.27 23.30
CA ALA B 371 -41.39 17.85 24.64
C ALA B 371 -40.41 18.99 24.81
N ASN B 372 -39.45 19.16 23.91
CA ASN B 372 -38.45 20.21 23.94
C ASN B 372 -37.34 19.90 24.95
N MET B 373 -37.14 18.63 25.19
CA MET B 373 -36.18 18.04 26.09
C MET B 373 -36.45 18.42 27.54
N LEU B 374 -37.68 18.84 27.79
CA LEU B 374 -37.96 19.34 29.14
C LEU B 374 -37.81 18.22 30.17
N TRP B 375 -38.03 17.01 29.67
CA TRP B 375 -38.00 15.75 30.37
C TRP B 375 -36.61 15.37 30.87
N LEU B 376 -35.63 16.22 30.60
CA LEU B 376 -34.23 16.04 30.96
C LEU B 376 -33.65 17.28 31.63
N ASP B 377 -34.07 18.47 31.18
CA ASP B 377 -33.44 19.69 31.68
C ASP B 377 -34.39 20.65 32.38
N SER B 378 -35.63 20.29 32.67
CA SER B 378 -36.52 21.24 33.32
C SER B 378 -37.58 20.55 34.19
N ILE B 379 -38.79 21.10 34.17
CA ILE B 379 -39.93 20.53 34.89
C ILE B 379 -40.89 19.87 33.91
N TYR B 380 -41.26 18.63 34.20
CA TYR B 380 -42.03 17.81 33.26
C TYR B 380 -42.78 16.72 34.00
N PRO B 381 -44.04 16.45 33.71
CA PRO B 381 -44.86 17.21 32.76
C PRO B 381 -45.35 18.54 33.32
N PRO B 382 -45.83 19.41 32.44
CA PRO B 382 -46.38 20.71 32.81
C PRO B 382 -47.71 20.64 33.54
N GLU B 383 -48.11 19.46 33.96
CA GLU B 383 -49.43 19.26 34.56
C GLU B 383 -49.42 19.52 36.05
N LYS B 384 -48.29 19.35 36.77
CA LYS B 384 -48.43 19.60 38.22
C LYS B 384 -47.20 20.23 38.86
N GLU B 385 -45.97 20.00 38.42
CA GLU B 385 -44.78 20.61 39.01
C GLU B 385 -44.75 20.43 40.54
N GLY B 386 -43.74 20.99 41.18
CA GLY B 386 -43.43 21.03 42.59
C GLY B 386 -43.57 19.70 43.30
N GLN B 387 -43.40 18.63 42.51
CA GLN B 387 -43.51 17.32 43.16
C GLN B 387 -42.22 16.56 42.91
N PRO B 388 -41.96 15.50 43.67
CA PRO B 388 -40.76 14.72 43.36
C PRO B 388 -40.87 14.22 41.92
N GLY B 389 -39.82 14.35 41.14
CA GLY B 389 -39.74 13.74 39.83
C GLY B 389 -40.16 14.64 38.70
N ALA B 390 -40.20 15.96 38.95
CA ALA B 390 -40.60 16.87 37.89
C ALA B 390 -39.40 17.71 37.46
N ALA B 391 -38.46 17.85 38.38
CA ALA B 391 -37.28 18.67 38.32
C ALA B 391 -36.06 17.92 37.79
N ARG B 392 -35.80 18.07 36.50
CA ARG B 392 -34.72 17.32 35.87
C ARG B 392 -33.51 18.21 35.58
N GLY B 393 -33.70 19.51 35.71
CA GLY B 393 -32.70 20.54 35.48
C GLY B 393 -33.34 21.92 35.67
N ASP B 394 -32.54 22.96 35.58
CA ASP B 394 -32.90 24.36 35.67
C ASP B 394 -33.36 24.94 34.35
N CYS B 395 -33.53 24.13 33.30
CA CYS B 395 -33.84 24.83 32.03
C CYS B 395 -35.23 25.44 32.04
N PRO B 396 -35.32 26.68 31.54
CA PRO B 396 -36.61 27.35 31.39
C PRO B 396 -37.63 26.47 30.71
N THR B 397 -38.83 26.37 31.28
CA THR B 397 -39.76 25.41 30.69
C THR B 397 -40.24 25.76 29.30
N ASP B 398 -39.88 26.94 28.79
CA ASP B 398 -40.26 27.22 27.40
C ASP B 398 -39.04 27.07 26.51
N SER B 399 -38.01 26.39 27.04
CA SER B 399 -36.82 26.15 26.23
C SER B 399 -37.06 24.93 25.36
N GLY B 400 -36.00 24.36 24.79
CA GLY B 400 -36.13 23.15 24.01
C GLY B 400 -36.77 23.31 22.64
N VAL B 401 -37.65 24.30 22.50
CA VAL B 401 -38.30 24.64 21.26
C VAL B 401 -37.24 24.67 20.14
N PRO B 402 -37.26 23.60 19.35
CA PRO B 402 -36.37 23.40 18.22
C PRO B 402 -36.00 24.69 17.50
N ALA B 403 -37.02 25.38 16.97
CA ALA B 403 -36.78 26.60 16.21
C ALA B 403 -36.03 27.64 17.02
N GLU B 404 -36.31 27.70 18.32
CA GLU B 404 -35.67 28.75 19.11
C GLU B 404 -34.24 28.37 19.48
N VAL B 405 -33.96 27.07 19.48
CA VAL B 405 -32.62 26.62 19.81
C VAL B 405 -31.77 26.42 18.57
N GLU B 406 -32.45 26.04 17.49
CA GLU B 406 -31.76 26.05 16.20
C GLU B 406 -31.42 27.49 15.82
N ALA B 407 -32.20 28.40 16.39
CA ALA B 407 -32.10 29.84 16.34
C ALA B 407 -30.93 30.38 17.13
N GLN B 408 -30.94 30.27 18.47
CA GLN B 408 -29.84 30.99 19.13
C GLN B 408 -28.53 30.25 18.94
N PHE B 409 -28.55 28.91 18.99
CA PHE B 409 -27.27 28.21 18.95
C PHE B 409 -27.16 27.18 17.82
N PRO B 410 -26.61 27.67 16.72
CA PRO B 410 -26.24 26.91 15.53
C PRO B 410 -24.81 26.39 15.59
N ASP B 411 -23.95 27.00 16.42
CA ASP B 411 -22.58 26.45 16.47
C ASP B 411 -22.46 25.51 17.67
N ALA B 412 -23.61 25.23 18.30
CA ALA B 412 -23.68 24.13 19.24
C ALA B 412 -23.19 22.84 18.57
N GLN B 413 -22.40 22.08 19.28
CA GLN B 413 -21.65 20.90 18.94
C GLN B 413 -21.35 20.03 20.15
N VAL B 414 -21.16 18.74 19.91
CA VAL B 414 -20.61 17.89 20.96
C VAL B 414 -19.29 17.27 20.48
N VAL B 415 -18.35 17.13 21.41
CA VAL B 415 -17.02 16.65 21.00
C VAL B 415 -16.64 15.44 21.84
N TRP B 416 -16.97 14.28 21.28
CA TRP B 416 -16.82 12.94 21.81
C TRP B 416 -15.42 12.40 21.51
N SER B 417 -14.87 11.56 22.39
CA SER B 417 -13.53 11.06 22.10
C SER B 417 -13.02 10.08 23.16
N ASN B 418 -11.85 9.53 22.88
CA ASN B 418 -11.12 8.66 23.78
C ASN B 418 -11.93 7.40 24.12
N ILE B 419 -12.76 6.98 23.19
CA ILE B 419 -13.59 5.78 23.30
C ILE B 419 -12.72 4.63 23.83
N ARG B 420 -13.16 4.01 24.90
CA ARG B 420 -12.47 2.93 25.58
C ARG B 420 -13.51 2.06 26.28
N PHE B 421 -13.39 0.75 26.17
CA PHE B 421 -14.34 -0.22 26.72
C PHE B 421 -13.63 -1.50 27.13
N GLY B 422 -13.74 -1.92 28.38
CA GLY B 422 -13.09 -3.14 28.82
C GLY B 422 -13.65 -3.65 30.13
N PRO B 423 -12.93 -4.55 30.79
CA PRO B 423 -13.39 -5.08 32.08
C PRO B 423 -13.74 -3.97 33.07
N ILE B 424 -14.52 -4.34 34.08
CA ILE B 424 -14.79 -3.44 35.19
C ILE B 424 -13.43 -2.95 35.66
N GLY B 425 -13.29 -1.65 35.85
CA GLY B 425 -12.06 -1.04 36.30
C GLY B 425 -10.85 -1.39 35.45
N SER B 426 -10.95 -1.18 34.14
CA SER B 426 -9.86 -1.54 33.24
C SER B 426 -9.47 -0.36 32.36
N THR B 427 -10.38 0.61 32.24
CA THR B 427 -10.09 1.75 31.36
C THR B 427 -9.43 2.88 32.14
N TYR B 428 -9.76 2.91 33.43
CA TYR B 428 -9.27 3.86 34.41
C TYR B 428 -9.29 3.18 35.78
N ASP B 429 -8.32 3.53 36.62
CA ASP B 429 -8.18 2.87 37.90
C ASP B 429 -8.79 3.70 39.02
N PHE B 430 -10.09 3.50 39.19
CA PHE B 430 -10.98 4.25 40.06
C PHE B 430 -12.26 3.51 40.41
N ARG C 2 -19.78 40.27 -0.11
CA ARG C 2 -19.40 39.96 1.25
C ARG C 2 -19.37 38.46 1.54
N ALA C 3 -18.53 38.11 2.52
CA ALA C 3 -18.45 36.73 2.98
C ALA C 3 -19.78 36.27 3.59
N GLY C 4 -20.37 35.27 2.96
CA GLY C 4 -21.56 34.62 3.48
C GLY C 4 -21.24 33.94 4.81
N ASN C 5 -22.25 33.87 5.66
CA ASN C 5 -22.12 33.45 7.05
C ASN C 5 -23.15 32.39 7.43
N GLU C 6 -23.96 31.97 6.46
CA GLU C 6 -24.91 30.89 6.75
C GLU C 6 -24.17 29.54 6.77
N THR C 7 -23.21 29.39 5.87
CA THR C 7 -22.47 28.20 5.49
C THR C 7 -20.95 28.31 5.63
N PRO C 8 -20.34 27.43 6.41
CA PRO C 8 -18.89 27.36 6.57
C PRO C 8 -18.19 26.76 5.36
N GLU C 9 -17.19 27.48 4.87
CA GLU C 9 -16.42 27.05 3.71
C GLU C 9 -15.16 26.32 4.15
N ASN C 10 -15.08 25.00 3.92
CA ASN C 10 -13.83 24.32 4.26
C ASN C 10 -13.12 23.88 2.98
N HIS C 11 -12.05 24.59 2.65
CA HIS C 11 -11.20 24.23 1.53
C HIS C 11 -10.69 22.81 1.62
N PRO C 12 -10.71 22.02 0.55
CA PRO C 12 -10.09 20.69 0.60
C PRO C 12 -8.57 20.78 0.69
N PRO C 13 -7.92 19.79 1.28
CA PRO C 13 -6.46 19.70 1.34
C PRO C 13 -5.81 19.04 0.13
N LEU C 14 -4.69 19.62 -0.29
CA LEU C 14 -3.94 19.10 -1.41
C LEU C 14 -2.47 19.42 -1.19
N THR C 15 -1.61 18.41 -1.28
CA THR C 15 -0.18 18.67 -1.20
C THR C 15 0.40 18.84 -2.60
N TRP C 16 1.56 19.48 -2.68
CA TRP C 16 2.27 19.63 -3.93
C TRP C 16 3.75 19.86 -3.65
N GLN C 17 4.63 19.54 -4.61
CA GLN C 17 6.07 19.59 -4.29
C GLN C 17 6.77 20.78 -4.97
N ARG C 18 7.77 21.29 -4.24
CA ARG C 18 8.63 22.38 -4.70
C ARG C 18 10.00 21.79 -4.97
N CYS C 19 10.38 21.68 -6.24
CA CYS C 19 11.60 20.93 -6.55
C CYS C 19 12.81 21.84 -6.71
N THR C 20 13.92 21.41 -6.10
CA THR C 20 15.18 22.14 -6.16
C THR C 20 15.97 21.69 -7.38
N ALA C 21 15.77 20.42 -7.69
CA ALA C 21 16.42 19.71 -8.79
C ALA C 21 15.83 18.30 -8.85
N PRO C 22 16.15 17.45 -9.81
CA PRO C 22 15.54 16.10 -9.73
C PRO C 22 16.03 15.40 -8.46
N GLY C 23 15.11 14.70 -7.78
CA GLY C 23 15.45 13.97 -6.58
C GLY C 23 15.18 14.76 -5.31
N ASN C 24 15.35 16.08 -5.35
CA ASN C 24 15.09 16.90 -4.18
C ASN C 24 13.84 17.77 -4.38
N CYS C 25 12.75 17.38 -3.72
CA CYS C 25 11.53 18.18 -3.78
C CYS C 25 10.91 18.27 -2.40
N GLN C 26 10.22 19.36 -2.07
CA GLN C 26 9.67 19.47 -0.71
C GLN C 26 8.16 19.43 -0.72
N THR C 27 7.59 18.72 0.26
CA THR C 27 6.13 18.66 0.27
C THR C 27 5.57 19.99 0.74
N VAL C 28 4.58 20.46 0.00
CA VAL C 28 3.88 21.70 0.38
C VAL C 28 2.41 21.35 0.54
N ASN C 29 1.91 21.46 1.76
CA ASN C 29 0.53 21.07 2.09
C ASN C 29 -0.39 22.25 1.78
N ALA C 30 -1.00 22.16 0.61
CA ALA C 30 -1.76 23.33 0.18
C ALA C 30 -3.24 23.22 0.53
N GLU C 31 -4.09 23.51 -0.45
CA GLU C 31 -5.54 23.47 -0.42
C GLU C 31 -6.05 24.20 -1.66
N VAL C 32 -7.32 24.01 -1.95
CA VAL C 32 -7.98 24.51 -3.16
C VAL C 32 -9.38 24.99 -2.85
N VAL C 33 -9.87 25.92 -3.68
CA VAL C 33 -11.17 26.55 -3.46
C VAL C 33 -12.01 26.72 -4.72
N ILE C 34 -13.31 26.46 -4.73
CA ILE C 34 -14.09 26.64 -5.96
C ILE C 34 -14.34 28.11 -6.27
N ASP C 35 -14.31 28.43 -7.56
CA ASP C 35 -14.54 29.76 -8.07
C ASP C 35 -15.87 30.26 -7.52
N ALA C 36 -15.96 31.57 -7.32
CA ALA C 36 -17.10 32.20 -6.68
C ALA C 36 -18.40 32.03 -7.46
N ASN C 37 -18.29 31.99 -8.77
CA ASN C 37 -19.47 31.86 -9.64
C ASN C 37 -20.35 30.68 -9.24
N TRP C 38 -19.76 29.60 -8.78
CA TRP C 38 -20.49 28.39 -8.37
C TRP C 38 -21.18 28.57 -7.03
N ARG C 39 -21.25 29.81 -6.52
CA ARG C 39 -21.56 29.93 -5.10
C ARG C 39 -22.88 30.62 -4.83
N TRP C 40 -23.39 30.41 -3.62
CA TRP C 40 -24.68 31.01 -3.27
C TRP C 40 -24.48 32.44 -2.76
N LEU C 41 -25.19 33.37 -3.37
CA LEU C 41 -25.21 34.77 -2.92
C LEU C 41 -26.62 35.15 -2.51
N HIS C 42 -26.82 35.55 -1.26
CA HIS C 42 -28.15 35.94 -0.80
C HIS C 42 -28.08 37.21 0.06
N ASP C 43 -29.23 37.81 0.27
CA ASP C 43 -29.55 39.03 0.98
C ASP C 43 -29.97 38.77 2.43
N ASP C 44 -29.63 39.68 3.31
CA ASP C 44 -29.69 39.62 4.76
C ASP C 44 -31.09 39.31 5.32
N ASN C 45 -31.65 38.23 4.84
CA ASN C 45 -32.86 37.52 5.17
C ASN C 45 -33.28 36.68 3.95
N MET C 46 -32.78 35.46 3.98
CA MET C 46 -33.02 34.36 3.07
C MET C 46 -33.47 34.79 1.69
N GLN C 47 -32.74 35.68 1.04
CA GLN C 47 -33.17 36.09 -0.30
C GLN C 47 -32.00 36.16 -1.28
N ASN C 48 -31.98 35.28 -2.28
CA ASN C 48 -30.88 35.28 -3.22
C ASN C 48 -30.85 36.56 -4.04
N CYS C 49 -29.66 37.02 -4.43
CA CYS C 49 -29.69 38.11 -5.42
C CYS C 49 -29.27 37.55 -6.78
N TYR C 50 -29.17 36.22 -6.85
CA TYR C 50 -29.02 35.50 -8.11
C TYR C 50 -29.83 34.21 -8.07
N ASP C 51 -30.64 34.02 -9.12
CA ASP C 51 -31.42 32.80 -9.24
C ASP C 51 -31.54 32.49 -10.73
N GLY C 52 -31.50 31.21 -11.08
CA GLY C 52 -31.53 30.81 -12.47
C GLY C 52 -30.44 31.50 -13.26
N ASN C 53 -30.84 32.12 -14.36
CA ASN C 53 -29.91 32.83 -15.23
C ASN C 53 -30.03 34.33 -15.05
N GLN C 54 -30.63 34.78 -13.94
CA GLN C 54 -30.72 36.24 -13.80
C GLN C 54 -30.73 36.70 -12.35
N TRP C 55 -30.27 37.93 -12.14
CA TRP C 55 -30.31 38.55 -10.83
C TRP C 55 -31.78 38.68 -10.44
N THR C 56 -32.02 39.06 -9.19
CA THR C 56 -33.37 39.10 -8.63
C THR C 56 -33.68 40.47 -8.04
N ASN C 57 -34.83 40.56 -7.39
CA ASN C 57 -35.27 41.81 -6.78
C ASN C 57 -34.77 41.88 -5.33
N ALA C 58 -33.64 41.24 -5.15
CA ALA C 58 -32.78 41.25 -3.99
C ALA C 58 -31.84 42.45 -4.10
N CYS C 59 -31.66 42.88 -5.35
CA CYS C 59 -30.72 43.99 -5.57
C CYS C 59 -30.82 44.58 -6.95
N SER C 60 -30.08 45.65 -7.29
CA SER C 60 -30.29 46.26 -8.61
C SER C 60 -29.10 46.93 -9.25
N THR C 61 -28.06 47.32 -8.54
CA THR C 61 -26.97 48.03 -9.24
C THR C 61 -25.63 47.36 -9.00
N ALA C 62 -24.56 47.94 -9.54
CA ALA C 62 -23.22 47.42 -9.47
C ALA C 62 -22.65 47.31 -8.05
N THR C 63 -22.99 48.31 -7.26
CA THR C 63 -22.45 48.58 -5.94
C THR C 63 -23.34 48.10 -4.80
N ASP C 64 -24.65 48.29 -4.90
CA ASP C 64 -25.53 47.90 -3.79
C ASP C 64 -25.59 46.38 -3.70
N CYS C 65 -25.18 45.72 -4.78
CA CYS C 65 -25.13 44.26 -4.83
C CYS C 65 -23.80 43.79 -4.27
N ALA C 66 -22.78 44.57 -4.60
CA ALA C 66 -21.48 44.34 -3.97
C ALA C 66 -21.65 44.48 -2.47
N GLU C 67 -22.44 45.43 -1.96
CA GLU C 67 -22.46 45.53 -0.49
C GLU C 67 -23.55 44.70 0.17
N LYS C 68 -24.63 44.39 -0.52
CA LYS C 68 -25.78 43.66 0.03
C LYS C 68 -25.70 42.15 -0.02
N CYS C 69 -25.09 41.57 -1.05
CA CYS C 69 -25.09 40.14 -1.25
C CYS C 69 -23.87 39.41 -0.70
N MET C 70 -24.12 38.33 0.04
CA MET C 70 -23.07 37.48 0.55
C MET C 70 -22.92 36.20 -0.27
N ILE C 71 -21.68 35.88 -0.61
CA ILE C 71 -21.32 34.60 -1.20
C ILE C 71 -21.20 33.54 -0.13
N GLU C 72 -21.65 32.30 -0.36
CA GLU C 72 -21.54 31.38 0.78
C GLU C 72 -20.45 30.33 0.64
N GLY C 73 -20.27 29.55 1.73
CA GLY C 73 -19.29 28.47 1.66
C GLY C 73 -19.84 27.40 0.73
N ALA C 74 -19.00 26.46 0.31
CA ALA C 74 -19.52 25.41 -0.56
C ALA C 74 -20.11 24.24 0.22
N GLY C 75 -19.88 24.19 1.54
CA GLY C 75 -20.27 23.03 2.31
C GLY C 75 -19.55 21.78 1.82
N ASP C 76 -20.35 20.80 1.42
CA ASP C 76 -19.96 19.52 0.87
C ASP C 76 -19.58 19.64 -0.60
N TYR C 77 -18.28 19.73 -0.83
CA TYR C 77 -17.64 19.83 -2.12
C TYR C 77 -17.88 18.59 -2.97
N LEU C 78 -17.95 17.47 -2.28
CA LEU C 78 -18.22 16.18 -2.92
C LEU C 78 -19.67 16.24 -3.42
N GLY C 79 -20.58 16.03 -2.49
CA GLY C 79 -22.02 15.96 -2.72
C GLY C 79 -22.53 16.94 -3.73
N THR C 80 -22.16 18.22 -3.58
CA THR C 80 -22.70 19.20 -4.51
C THR C 80 -21.81 19.38 -5.72
N TYR C 81 -20.48 19.37 -5.55
CA TYR C 81 -19.61 19.77 -6.66
C TYR C 81 -18.82 18.65 -7.30
N GLY C 82 -18.99 17.39 -6.89
CA GLY C 82 -18.20 16.32 -7.49
C GLY C 82 -16.70 16.46 -7.32
N ALA C 83 -16.25 17.35 -6.46
CA ALA C 83 -14.85 17.57 -6.11
C ALA C 83 -14.47 17.03 -4.72
N SER C 84 -13.36 16.31 -4.68
CA SER C 84 -12.77 15.70 -3.49
C SER C 84 -11.26 15.56 -3.64
N THR C 85 -10.55 15.25 -2.55
CA THR C 85 -9.09 15.17 -2.58
C THR C 85 -8.56 14.01 -1.75
N SER C 86 -7.35 13.59 -2.05
CA SER C 86 -6.64 12.51 -1.40
C SER C 86 -5.15 12.63 -1.75
N GLY C 87 -4.28 12.68 -0.75
CA GLY C 87 -2.85 12.76 -1.03
C GLY C 87 -2.51 13.93 -1.93
N ASP C 88 -1.90 13.62 -3.08
CA ASP C 88 -1.51 14.71 -3.97
C ASP C 88 -2.44 14.83 -5.18
N ALA C 89 -3.72 14.56 -5.00
CA ALA C 89 -4.67 14.39 -6.08
C ALA C 89 -5.94 15.22 -5.99
N LEU C 90 -6.29 15.90 -7.08
CA LEU C 90 -7.55 16.63 -7.19
C LEU C 90 -8.52 15.90 -8.11
N THR C 91 -9.68 15.50 -7.58
CA THR C 91 -10.70 14.77 -8.32
C THR C 91 -11.99 15.56 -8.52
N LEU C 92 -12.30 15.73 -9.81
CA LEU C 92 -13.43 16.44 -10.36
C LEU C 92 -14.41 15.50 -11.07
N LYS C 93 -15.64 15.47 -10.60
CA LYS C 93 -16.80 14.95 -11.28
C LYS C 93 -17.21 15.96 -12.36
N PHE C 94 -17.54 15.44 -13.53
CA PHE C 94 -18.12 16.30 -14.58
C PHE C 94 -19.53 16.71 -14.15
N VAL C 95 -20.38 15.69 -13.97
CA VAL C 95 -21.75 16.01 -13.60
C VAL C 95 -22.09 15.63 -12.18
N THR C 96 -22.84 16.47 -11.48
CA THR C 96 -23.21 16.01 -10.13
C THR C 96 -24.68 16.28 -9.83
N LYS C 97 -25.40 15.20 -9.56
CA LYS C 97 -26.78 15.24 -9.09
C LYS C 97 -26.82 14.82 -7.62
N HIS C 98 -27.12 15.75 -6.72
CA HIS C 98 -27.18 15.43 -5.30
C HIS C 98 -28.57 15.69 -4.74
N GLU C 99 -28.76 15.50 -3.44
CA GLU C 99 -30.00 15.44 -2.70
C GLU C 99 -30.97 16.58 -3.00
N TYR C 100 -30.48 17.67 -3.56
CA TYR C 100 -31.25 18.79 -4.05
C TYR C 100 -30.46 19.56 -5.11
N GLY C 101 -30.31 18.97 -6.30
CA GLY C 101 -29.70 19.65 -7.42
C GLY C 101 -28.60 18.95 -8.17
N THR C 102 -28.31 19.51 -9.33
CA THR C 102 -27.33 19.10 -10.34
C THR C 102 -26.23 20.15 -10.43
N ASN C 103 -25.14 19.91 -11.15
CA ASN C 103 -24.00 20.80 -11.30
C ASN C 103 -23.03 20.33 -12.38
N VAL C 104 -22.69 21.18 -13.35
CA VAL C 104 -21.81 20.68 -14.40
C VAL C 104 -20.40 21.28 -14.28
N GLY C 105 -19.47 20.36 -14.13
CA GLY C 105 -18.05 20.57 -13.94
C GLY C 105 -17.71 21.54 -12.83
N SER C 106 -16.41 21.87 -12.77
CA SER C 106 -15.91 22.74 -11.71
C SER C 106 -14.72 23.57 -12.18
N ARG C 107 -14.32 24.53 -11.34
CA ARG C 107 -13.12 25.32 -11.50
C ARG C 107 -12.67 25.81 -10.13
N PHE C 108 -11.45 25.43 -9.85
CA PHE C 108 -10.74 25.51 -8.60
C PHE C 108 -9.48 26.35 -8.67
N TYR C 109 -9.05 26.94 -7.56
CA TYR C 109 -7.72 27.56 -7.58
C TYR C 109 -6.75 26.87 -6.63
N LEU C 110 -5.43 26.98 -6.83
CA LEU C 110 -4.57 26.40 -5.79
C LEU C 110 -4.14 27.51 -4.84
N MET C 111 -4.23 27.25 -3.53
CA MET C 111 -3.92 28.31 -2.60
C MET C 111 -2.78 28.02 -1.63
N ASN C 112 -2.33 29.12 -1.04
CA ASN C 112 -1.24 29.16 -0.08
C ASN C 112 -1.76 29.73 1.24
N GLY C 113 -2.52 28.90 1.94
CA GLY C 113 -3.27 29.35 3.10
C GLY C 113 -4.71 29.56 2.68
N PRO C 114 -5.57 29.97 3.59
CA PRO C 114 -7.01 29.96 3.31
C PRO C 114 -7.45 31.29 2.69
N ASP C 115 -6.49 32.19 2.77
CA ASP C 115 -6.56 33.62 2.60
C ASP C 115 -6.05 34.07 1.25
N LYS C 116 -5.14 33.30 0.65
CA LYS C 116 -4.72 33.67 -0.70
C LYS C 116 -4.37 32.44 -1.54
N TYR C 117 -3.99 32.75 -2.77
CA TYR C 117 -3.63 31.88 -3.85
C TYR C 117 -2.15 31.55 -3.84
N GLN C 118 -1.82 30.32 -4.22
CA GLN C 118 -0.42 29.98 -4.43
C GLN C 118 0.02 30.55 -5.78
N MET C 119 1.00 31.44 -5.72
CA MET C 119 1.50 32.10 -6.91
C MET C 119 2.69 31.31 -7.45
N PHE C 120 2.85 31.41 -8.75
CA PHE C 120 3.97 30.90 -9.52
C PHE C 120 4.59 32.01 -10.37
N ASN C 121 5.91 32.05 -10.36
CA ASN C 121 6.66 32.75 -11.39
C ASN C 121 7.02 31.69 -12.44
N LEU C 122 6.75 31.98 -13.71
CA LEU C 122 6.91 31.00 -14.78
C LEU C 122 8.21 31.03 -15.55
N MET C 123 8.82 32.20 -15.71
CA MET C 123 10.01 32.29 -16.55
C MET C 123 11.21 31.67 -15.83
N GLY C 124 11.86 30.77 -16.55
CA GLY C 124 12.94 29.94 -16.03
C GLY C 124 12.41 28.68 -15.38
N ASN C 125 11.08 28.52 -15.34
CA ASN C 125 10.50 27.48 -14.48
C ASN C 125 9.72 26.43 -15.26
N GLU C 126 9.26 25.40 -14.56
CA GLU C 126 8.52 24.30 -15.17
C GLU C 126 7.53 23.73 -14.14
N LEU C 127 6.36 23.35 -14.60
CA LEU C 127 5.38 22.59 -13.84
C LEU C 127 5.24 21.18 -14.41
N ALA C 128 5.22 20.16 -13.57
CA ALA C 128 4.88 18.78 -13.85
C ALA C 128 3.62 18.30 -13.17
N PHE C 129 2.74 17.56 -13.85
CA PHE C 129 1.57 17.04 -13.14
C PHE C 129 1.19 15.69 -13.73
N ASP C 130 0.60 14.77 -12.95
CA ASP C 130 0.13 13.54 -13.60
C ASP C 130 -1.38 13.63 -13.83
N VAL C 131 -1.89 13.10 -14.94
CA VAL C 131 -3.34 13.17 -15.09
C VAL C 131 -3.97 11.85 -15.50
N ASP C 132 -5.17 11.68 -14.96
CA ASP C 132 -6.10 10.65 -15.38
C ASP C 132 -7.28 11.32 -16.08
N LEU C 133 -7.26 11.35 -17.42
CA LEU C 133 -8.45 11.88 -18.09
C LEU C 133 -9.07 10.79 -18.95
N SER C 134 -8.87 9.55 -18.52
CA SER C 134 -9.40 8.35 -19.16
C SER C 134 -10.85 8.51 -19.60
N THR C 135 -11.71 8.99 -18.71
CA THR C 135 -13.13 9.07 -18.99
C THR C 135 -13.57 10.49 -19.33
N VAL C 136 -12.65 11.39 -19.67
CA VAL C 136 -13.08 12.73 -20.06
C VAL C 136 -13.44 12.65 -21.54
N GLU C 137 -14.71 12.79 -21.90
CA GLU C 137 -15.06 12.41 -23.27
C GLU C 137 -15.11 13.62 -24.20
N CYS C 138 -15.24 13.31 -25.48
CA CYS C 138 -15.48 14.29 -26.54
C CYS C 138 -16.44 15.34 -26.01
N GLY C 139 -16.21 16.62 -26.29
CA GLY C 139 -17.17 17.61 -25.83
C GLY C 139 -16.82 18.13 -24.45
N ILE C 140 -16.13 17.31 -23.65
CA ILE C 140 -15.77 17.79 -22.31
C ILE C 140 -14.33 18.26 -22.22
N ASN C 141 -14.12 19.32 -21.44
CA ASN C 141 -12.73 19.77 -21.28
C ASN C 141 -12.27 19.78 -19.83
N SER C 142 -11.14 19.09 -19.62
CA SER C 142 -10.48 19.10 -18.32
C SER C 142 -9.22 19.95 -18.40
N ALA C 143 -9.27 21.22 -18.03
CA ALA C 143 -8.06 22.03 -18.26
C ALA C 143 -7.34 22.39 -16.96
N LEU C 144 -6.03 22.35 -16.99
CA LEU C 144 -5.14 22.83 -15.92
C LEU C 144 -4.37 24.01 -16.49
N TYR C 145 -4.36 25.15 -15.81
CA TYR C 145 -3.69 26.26 -16.51
C TYR C 145 -3.44 27.40 -15.54
N PHE C 146 -2.71 28.41 -16.01
CA PHE C 146 -2.22 29.57 -15.32
C PHE C 146 -2.88 30.85 -15.86
N VAL C 147 -3.24 31.75 -14.97
CA VAL C 147 -3.75 33.09 -15.29
C VAL C 147 -3.22 34.11 -14.28
N ALA C 148 -2.99 35.32 -14.76
CA ALA C 148 -2.49 36.44 -13.97
C ALA C 148 -3.55 37.00 -13.03
N MET C 149 -4.05 36.12 -12.16
CA MET C 149 -5.01 36.51 -11.14
C MET C 149 -4.31 37.28 -10.02
N GLU C 150 -5.09 37.94 -9.16
CA GLU C 150 -4.45 38.57 -8.01
C GLU C 150 -4.44 37.60 -6.82
N GLU C 151 -3.36 37.63 -6.05
CA GLU C 151 -3.09 36.76 -4.94
C GLU C 151 -4.24 36.69 -3.93
N ASP C 152 -4.86 37.84 -3.73
CA ASP C 152 -5.96 38.06 -2.79
C ASP C 152 -7.31 37.98 -3.47
N GLY C 153 -7.38 37.30 -4.63
CA GLY C 153 -8.64 37.23 -5.34
C GLY C 153 -9.22 38.57 -5.77
N GLY C 154 -8.54 39.69 -5.58
CA GLY C 154 -8.96 41.04 -5.88
C GLY C 154 -9.64 41.70 -4.69
N MET C 155 -9.22 41.32 -3.49
CA MET C 155 -9.79 41.78 -2.24
C MET C 155 -9.25 43.16 -1.87
N ALA C 156 -7.95 43.38 -2.08
CA ALA C 156 -7.37 44.69 -1.80
C ALA C 156 -7.46 45.65 -2.98
N SER C 157 -7.28 45.20 -4.22
CA SER C 157 -7.33 46.16 -5.33
C SER C 157 -8.76 46.70 -5.48
N TYR C 158 -9.72 45.86 -5.15
CA TYR C 158 -11.15 46.12 -5.08
C TYR C 158 -11.71 45.80 -3.69
N PRO C 159 -11.59 46.83 -2.86
CA PRO C 159 -12.09 46.77 -1.49
C PRO C 159 -13.56 46.42 -1.33
N SER C 160 -14.38 46.32 -2.37
CA SER C 160 -15.82 46.04 -2.24
C SER C 160 -16.10 44.54 -2.28
N ASN C 161 -15.04 43.82 -2.53
CA ASN C 161 -14.71 42.43 -2.45
C ASN C 161 -14.11 42.13 -1.08
N GLN C 162 -14.87 41.44 -0.23
CA GLN C 162 -14.35 41.15 1.11
C GLN C 162 -14.19 39.64 1.33
N ALA C 163 -14.36 38.92 0.25
CA ALA C 163 -14.45 37.49 0.05
C ALA C 163 -13.18 36.87 -0.53
N GLY C 164 -12.41 37.68 -1.23
CA GLY C 164 -11.16 37.36 -1.86
C GLY C 164 -10.97 35.91 -2.25
N ALA C 165 -9.72 35.48 -2.34
CA ALA C 165 -9.35 34.12 -2.69
C ALA C 165 -10.11 33.05 -1.94
N ARG C 166 -10.38 33.21 -0.64
CA ARG C 166 -10.98 32.15 0.15
C ARG C 166 -12.29 31.65 -0.46
N TYR C 167 -13.04 32.52 -1.11
CA TYR C 167 -14.27 32.17 -1.81
C TYR C 167 -14.00 32.01 -3.30
N GLY C 168 -12.76 32.29 -3.75
CA GLY C 168 -12.48 31.99 -5.16
C GLY C 168 -12.77 33.20 -6.04
N THR C 169 -12.56 34.39 -5.48
CA THR C 169 -12.75 35.61 -6.27
C THR C 169 -11.64 35.88 -7.27
N GLY C 170 -11.87 36.85 -8.15
CA GLY C 170 -10.94 37.49 -9.03
C GLY C 170 -10.44 36.72 -10.22
N TYR C 171 -11.16 35.66 -10.62
CA TYR C 171 -10.70 34.93 -11.78
C TYR C 171 -10.68 35.83 -13.01
N CYS C 172 -9.69 35.62 -13.87
CA CYS C 172 -9.64 36.41 -15.11
C CYS C 172 -9.11 35.50 -16.21
N ASP C 173 -9.24 35.86 -17.47
CA ASP C 173 -8.53 35.13 -18.51
C ASP C 173 -8.60 35.90 -19.83
N ALA C 174 -7.87 35.38 -20.80
CA ALA C 174 -7.65 36.03 -22.08
C ALA C 174 -8.92 36.11 -22.92
N GLN C 175 -10.02 35.51 -22.45
CA GLN C 175 -11.29 35.82 -23.11
C GLN C 175 -11.72 37.22 -22.68
N CYS C 176 -11.50 37.40 -21.39
CA CYS C 176 -12.10 38.38 -20.50
C CYS C 176 -13.30 37.68 -19.87
N ALA C 177 -13.47 37.66 -18.55
CA ALA C 177 -14.59 36.86 -18.04
C ALA C 177 -15.83 37.68 -17.70
N ARG C 178 -16.70 37.85 -18.69
CA ARG C 178 -17.97 38.53 -18.61
C ARG C 178 -19.08 37.64 -18.07
N ASP C 179 -18.78 36.37 -17.82
CA ASP C 179 -19.85 35.47 -17.37
C ASP C 179 -20.02 35.45 -15.85
N LEU C 180 -19.04 35.95 -15.11
CA LEU C 180 -19.04 35.93 -13.64
C LEU C 180 -20.15 36.81 -13.10
N LYS C 181 -20.47 36.74 -11.81
CA LYS C 181 -21.51 37.65 -11.30
C LYS C 181 -20.85 38.86 -10.65
N PHE C 182 -19.58 38.72 -10.24
CA PHE C 182 -18.89 39.94 -9.81
C PHE C 182 -17.57 40.02 -10.57
N VAL C 183 -17.26 41.21 -11.05
CA VAL C 183 -15.96 41.45 -11.69
C VAL C 183 -15.46 42.73 -11.04
N GLY C 184 -14.16 42.92 -10.81
CA GLY C 184 -13.77 44.18 -10.20
C GLY C 184 -14.39 44.48 -8.86
N GLY C 185 -15.07 43.55 -8.19
CA GLY C 185 -15.68 43.89 -6.91
C GLY C 185 -17.02 44.60 -7.08
N LYS C 186 -17.52 44.63 -8.30
CA LYS C 186 -18.79 45.23 -8.69
C LYS C 186 -19.63 44.18 -9.40
N ALA C 187 -20.95 44.28 -9.32
CA ALA C 187 -21.83 43.27 -9.87
C ALA C 187 -22.09 43.44 -11.36
N ASN C 188 -22.33 42.33 -12.05
CA ASN C 188 -22.69 42.39 -13.47
C ASN C 188 -24.19 42.52 -13.63
N ILE C 189 -24.87 42.91 -12.55
CA ILE C 189 -26.33 42.98 -12.59
C ILE C 189 -26.79 44.03 -13.60
N GLU C 190 -26.14 45.20 -13.60
CA GLU C 190 -26.62 46.30 -14.42
C GLU C 190 -26.49 45.94 -15.90
N GLY C 191 -27.47 45.18 -16.41
CA GLY C 191 -27.47 44.86 -17.82
C GLY C 191 -27.45 43.37 -18.13
N TRP C 192 -27.29 42.54 -17.12
CA TRP C 192 -27.15 41.09 -17.17
C TRP C 192 -27.92 40.44 -18.32
N LYS C 193 -27.31 39.46 -18.99
CA LYS C 193 -27.99 38.76 -20.07
C LYS C 193 -28.14 37.26 -19.84
N SER C 194 -29.31 36.85 -19.36
CA SER C 194 -29.55 35.44 -19.03
C SER C 194 -29.21 34.53 -20.20
N SER C 195 -28.25 33.63 -19.98
CA SER C 195 -27.83 32.71 -21.04
C SER C 195 -29.01 31.91 -21.56
N THR C 196 -29.30 32.05 -22.86
CA THR C 196 -30.47 31.37 -23.40
C THR C 196 -30.18 29.90 -23.70
N SER C 197 -29.20 29.31 -23.05
CA SER C 197 -28.88 27.89 -23.27
C SER C 197 -28.45 27.20 -21.97
N ASP C 198 -27.74 27.97 -21.16
CA ASP C 198 -27.25 27.61 -19.86
C ASP C 198 -28.18 28.19 -18.79
N PRO C 199 -28.62 27.33 -17.89
CA PRO C 199 -29.66 27.65 -16.91
C PRO C 199 -29.14 28.46 -15.75
N ASN C 200 -27.83 28.31 -15.47
CA ASN C 200 -27.33 29.09 -14.33
C ASN C 200 -26.46 30.23 -14.77
N ALA C 201 -26.24 30.34 -16.09
CA ALA C 201 -25.26 31.30 -16.60
C ALA C 201 -25.88 32.42 -17.42
N GLY C 202 -25.07 33.44 -17.63
CA GLY C 202 -25.38 34.72 -18.21
C GLY C 202 -24.18 35.60 -18.50
N VAL C 203 -24.40 36.83 -18.98
CA VAL C 203 -23.25 37.66 -19.39
C VAL C 203 -23.43 39.11 -19.00
N GLY C 204 -22.39 39.71 -18.41
CA GLY C 204 -22.43 41.08 -17.97
C GLY C 204 -21.61 42.07 -18.77
N PRO C 205 -21.82 43.34 -18.44
CA PRO C 205 -21.06 44.44 -19.01
C PRO C 205 -19.56 44.28 -18.82
N TYR C 206 -19.14 43.96 -17.61
CA TYR C 206 -17.75 43.98 -17.17
C TYR C 206 -17.08 42.63 -17.47
N GLY C 207 -15.80 42.70 -17.82
CA GLY C 207 -15.03 41.53 -18.15
C GLY C 207 -13.68 41.54 -17.47
N SER C 208 -13.28 40.43 -16.86
CA SER C 208 -11.93 40.43 -16.29
C SER C 208 -10.99 39.79 -17.33
N CYS C 209 -9.95 40.50 -17.69
CA CYS C 209 -8.95 40.07 -18.66
C CYS C 209 -7.57 39.97 -18.02
N CYS C 210 -6.83 38.94 -18.39
CA CYS C 210 -5.43 38.80 -18.00
C CYS C 210 -4.76 37.82 -18.96
N ALA C 211 -3.43 37.88 -19.03
CA ALA C 211 -2.72 36.87 -19.83
C ALA C 211 -3.10 35.48 -19.30
N GLU C 212 -3.17 34.52 -20.21
CA GLU C 212 -3.65 33.20 -19.86
C GLU C 212 -2.79 32.12 -20.49
N ILE C 213 -2.05 31.36 -19.67
CA ILE C 213 -1.24 30.31 -20.29
C ILE C 213 -1.95 28.97 -20.20
N ASP C 214 -2.58 28.59 -21.31
CA ASP C 214 -3.24 27.28 -21.36
C ASP C 214 -2.20 26.17 -21.37
N VAL C 215 -1.62 25.87 -20.20
CA VAL C 215 -0.68 24.76 -20.12
C VAL C 215 -1.28 23.50 -20.75
N TRP C 216 -2.56 23.32 -20.43
CA TRP C 216 -3.22 22.05 -20.77
C TRP C 216 -4.72 22.25 -20.91
N GLU C 217 -5.18 22.29 -22.15
CA GLU C 217 -6.55 22.06 -22.56
C GLU C 217 -6.57 20.61 -23.05
N SER C 218 -7.50 19.80 -22.55
CA SER C 218 -7.39 18.38 -22.87
C SER C 218 -8.67 17.60 -22.56
N ASN C 219 -8.64 16.35 -22.98
CA ASN C 219 -9.62 15.29 -22.93
C ASN C 219 -8.96 14.01 -23.45
N ALA C 220 -9.67 12.90 -23.43
CA ALA C 220 -9.20 11.59 -23.86
C ALA C 220 -8.82 11.50 -25.34
N TYR C 221 -8.98 12.58 -26.08
CA TYR C 221 -8.84 12.57 -27.53
C TYR C 221 -7.98 13.73 -28.05
N ALA C 222 -7.82 14.78 -27.24
CA ALA C 222 -7.06 15.91 -27.75
C ALA C 222 -6.58 16.82 -26.63
N PHE C 223 -5.70 17.73 -27.03
CA PHE C 223 -5.12 18.69 -26.11
C PHE C 223 -4.48 19.82 -26.93
N ALA C 224 -4.10 20.85 -26.19
CA ALA C 224 -3.47 22.06 -26.67
C ALA C 224 -2.76 22.82 -25.54
N PHE C 225 -1.55 23.25 -25.85
CA PHE C 225 -0.76 24.19 -25.06
C PHE C 225 -0.94 25.56 -25.67
N THR C 226 -1.52 26.54 -24.96
CA THR C 226 -1.88 27.79 -25.61
C THR C 226 -1.57 29.04 -24.81
N PRO C 227 -0.37 29.61 -24.96
CA PRO C 227 -0.11 30.93 -24.36
C PRO C 227 -1.05 31.99 -24.94
N HIS C 228 -1.51 32.87 -24.08
CA HIS C 228 -2.28 34.05 -24.39
C HIS C 228 -1.69 35.27 -23.66
N ALA C 229 -1.39 36.31 -24.42
CA ALA C 229 -1.00 37.59 -23.85
C ALA C 229 -2.07 38.64 -24.14
N CYS C 230 -2.02 39.74 -23.41
CA CYS C 230 -2.82 40.92 -23.71
C CYS C 230 -1.90 42.12 -23.79
N THR C 231 -2.34 43.24 -24.35
CA THR C 231 -1.50 44.43 -24.20
C THR C 231 -1.46 44.79 -22.72
N THR C 232 -2.56 44.50 -22.00
CA THR C 232 -2.41 44.70 -20.54
C THR C 232 -2.44 43.32 -19.89
N ASN C 233 -1.24 42.88 -19.52
CA ASN C 233 -1.09 41.47 -19.17
C ASN C 233 -1.71 41.13 -17.82
N GLU C 234 -1.82 42.11 -16.93
CA GLU C 234 -2.37 41.86 -15.61
C GLU C 234 -3.89 41.99 -15.63
N TYR C 235 -4.52 41.64 -14.51
CA TYR C 235 -5.96 41.78 -14.35
C TYR C 235 -6.42 43.21 -14.67
N HIS C 236 -7.27 43.38 -15.67
CA HIS C 236 -7.86 44.69 -15.96
C HIS C 236 -9.38 44.56 -16.09
N VAL C 237 -10.13 45.64 -15.87
CA VAL C 237 -11.56 45.48 -16.16
C VAL C 237 -11.90 46.13 -17.49
N CYS C 238 -12.53 45.39 -18.38
CA CYS C 238 -13.12 45.93 -19.58
C CYS C 238 -14.65 45.99 -19.43
N GLU C 239 -15.29 46.67 -20.36
CA GLU C 239 -16.73 46.88 -20.39
C GLU C 239 -17.36 46.73 -21.75
N THR C 240 -18.32 45.84 -21.96
CA THR C 240 -19.01 45.67 -23.23
C THR C 240 -18.07 45.57 -24.43
N THR C 241 -18.33 46.32 -25.49
CA THR C 241 -17.69 46.29 -26.79
C THR C 241 -16.19 46.59 -26.77
N ASN C 242 -15.68 46.95 -25.59
CA ASN C 242 -14.26 47.19 -25.43
C ASN C 242 -13.65 45.90 -24.85
N CYS C 243 -14.53 44.92 -24.70
CA CYS C 243 -14.15 43.59 -24.26
C CYS C 243 -13.98 42.71 -25.51
N GLY C 244 -13.22 41.64 -25.29
CA GLY C 244 -12.99 40.66 -26.33
C GLY C 244 -13.51 39.29 -25.94
N GLY C 245 -13.20 38.30 -26.76
CA GLY C 245 -13.41 36.90 -26.54
C GLY C 245 -14.84 36.42 -26.68
N THR C 246 -15.02 35.14 -26.38
CA THR C 246 -16.24 34.36 -26.54
C THR C 246 -17.50 35.05 -26.04
N TYR C 247 -17.42 35.80 -24.94
CA TYR C 247 -18.60 36.42 -24.37
C TYR C 247 -18.85 37.82 -24.89
N SER C 248 -18.09 38.27 -25.88
CA SER C 248 -18.40 39.63 -26.38
C SER C 248 -18.77 39.55 -27.86
N GLU C 249 -19.04 40.67 -28.51
CA GLU C 249 -19.56 40.74 -29.86
C GLU C 249 -18.45 40.77 -30.92
N ASP C 250 -17.34 41.40 -30.56
CA ASP C 250 -16.10 41.31 -31.32
C ASP C 250 -15.15 40.37 -30.58
N ARG C 251 -15.00 39.13 -31.03
CA ARG C 251 -14.04 38.20 -30.44
C ARG C 251 -12.61 38.77 -30.41
N PHE C 252 -12.30 39.78 -31.21
CA PHE C 252 -10.93 40.29 -31.25
C PHE C 252 -10.81 41.69 -30.68
N ALA C 253 -11.92 42.24 -30.20
CA ALA C 253 -11.86 43.52 -29.49
C ALA C 253 -11.08 43.35 -28.19
N GLY C 254 -11.03 44.36 -27.33
CA GLY C 254 -10.28 44.30 -26.08
C GLY C 254 -8.78 44.26 -26.28
N LYS C 255 -8.02 44.01 -25.24
CA LYS C 255 -6.55 44.01 -25.26
C LYS C 255 -5.92 42.62 -25.32
N CYS C 256 -6.73 41.57 -25.24
CA CYS C 256 -6.33 40.20 -25.06
C CYS C 256 -6.43 39.34 -26.30
N ASP C 257 -5.54 38.34 -26.38
CA ASP C 257 -5.54 37.38 -27.46
C ASP C 257 -6.38 36.16 -27.04
N ALA C 258 -7.66 36.24 -27.33
CA ALA C 258 -8.66 35.23 -27.00
C ALA C 258 -8.33 33.89 -27.66
N ASN C 259 -7.59 33.96 -28.76
CA ASN C 259 -7.19 32.80 -29.53
C ASN C 259 -5.84 32.23 -29.11
N GLY C 260 -4.77 33.01 -29.03
CA GLY C 260 -3.44 32.57 -28.63
C GLY C 260 -2.64 31.85 -29.71
N CYS C 261 -1.48 31.31 -29.34
CA CYS C 261 -0.56 30.56 -30.17
C CYS C 261 -0.56 29.12 -29.67
N ASP C 262 -1.18 28.22 -30.44
CA ASP C 262 -1.37 26.91 -29.84
C ASP C 262 -0.62 25.82 -30.61
N TYR C 263 -0.14 24.90 -29.80
CA TYR C 263 0.42 23.63 -30.20
C TYR C 263 -0.46 22.50 -29.61
N ASN C 264 -1.15 21.87 -30.53
CA ASN C 264 -1.95 20.66 -30.37
C ASN C 264 -1.46 19.71 -31.47
N PRO C 265 -0.95 18.55 -31.09
CA PRO C 265 -0.43 17.58 -32.05
C PRO C 265 -1.40 17.23 -33.16
N TYR C 266 -2.70 17.22 -32.88
CA TYR C 266 -3.60 16.80 -33.97
C TYR C 266 -3.79 18.00 -34.89
N ARG C 267 -3.92 19.20 -34.32
CA ARG C 267 -4.05 20.34 -35.24
C ARG C 267 -2.84 20.50 -36.14
N MET C 268 -1.67 20.07 -35.68
CA MET C 268 -0.41 20.28 -36.37
C MET C 268 0.03 19.13 -37.28
N GLY C 269 -0.76 18.08 -37.30
CA GLY C 269 -0.79 16.95 -38.17
C GLY C 269 -0.54 15.58 -37.61
N ASN C 270 -0.72 15.36 -36.31
CA ASN C 270 -0.40 14.06 -35.74
C ASN C 270 -1.60 13.29 -35.22
N PRO C 271 -2.43 12.75 -36.12
CA PRO C 271 -3.70 12.11 -35.77
C PRO C 271 -3.59 10.74 -35.12
N ASP C 272 -2.40 10.31 -34.73
CA ASP C 272 -2.26 9.04 -34.02
C ASP C 272 -1.24 9.16 -32.88
N PHE C 273 -0.97 10.35 -32.41
CA PHE C 273 -0.07 10.65 -31.31
C PHE C 273 -0.70 10.46 -29.92
N TYR C 274 -1.78 11.18 -29.66
CA TYR C 274 -2.54 11.30 -28.42
C TYR C 274 -3.99 10.84 -28.66
N GLY C 275 -4.47 9.98 -27.76
CA GLY C 275 -5.77 9.34 -27.88
C GLY C 275 -5.69 7.96 -27.24
N LYS C 276 -6.82 7.35 -26.96
CA LYS C 276 -6.80 6.07 -26.27
C LYS C 276 -6.01 5.04 -27.07
N GLY C 277 -5.10 4.36 -26.41
CA GLY C 277 -4.23 3.31 -26.88
C GLY C 277 -3.16 3.82 -27.83
N LYS C 278 -3.04 5.13 -27.98
CA LYS C 278 -2.11 5.78 -28.90
C LYS C 278 -0.71 5.92 -28.32
N THR C 279 0.16 6.64 -29.02
CA THR C 279 1.51 6.95 -28.54
C THR C 279 1.47 7.43 -27.10
N LEU C 280 0.82 8.58 -26.90
CA LEU C 280 0.45 9.02 -25.56
C LEU C 280 -0.93 8.39 -25.30
N ASP C 281 -0.96 7.39 -24.44
CA ASP C 281 -2.16 6.61 -24.16
C ASP C 281 -3.09 7.29 -23.18
N THR C 282 -4.14 7.94 -23.68
CA THR C 282 -4.98 8.81 -22.85
C THR C 282 -5.98 8.08 -21.97
N SER C 283 -6.06 6.75 -22.08
CA SER C 283 -7.02 6.04 -21.23
C SER C 283 -6.37 5.61 -19.92
N ARG C 284 -5.08 5.92 -19.77
CA ARG C 284 -4.39 5.63 -18.51
C ARG C 284 -3.54 6.83 -18.12
N LYS C 285 -3.03 6.80 -16.87
CA LYS C 285 -2.39 7.98 -16.33
C LYS C 285 -1.10 8.32 -17.06
N PHE C 286 -0.83 9.62 -17.19
CA PHE C 286 0.42 10.06 -17.82
C PHE C 286 0.86 11.37 -17.18
N THR C 287 2.17 11.66 -17.23
CA THR C 287 2.61 12.92 -16.63
C THR C 287 2.79 13.98 -17.70
N VAL C 288 2.64 15.25 -17.33
CA VAL C 288 2.84 16.33 -18.30
C VAL C 288 3.99 17.21 -17.86
N VAL C 289 4.98 17.53 -18.69
CA VAL C 289 5.88 18.55 -18.15
C VAL C 289 5.89 19.78 -19.09
N SER C 290 5.68 20.93 -18.49
CA SER C 290 5.61 22.29 -18.98
C SER C 290 6.75 23.15 -18.40
N ARG C 291 7.45 23.77 -19.31
CA ARG C 291 8.70 24.49 -19.31
C ARG C 291 8.53 25.93 -19.79
N PHE C 292 8.72 26.93 -18.95
CA PHE C 292 8.44 28.29 -19.45
C PHE C 292 9.67 29.17 -19.59
N GLU C 293 10.18 29.36 -20.80
CA GLU C 293 11.36 30.21 -20.96
C GLU C 293 11.23 31.27 -22.05
N GLU C 294 12.16 32.23 -22.01
CA GLU C 294 12.19 33.29 -23.00
C GLU C 294 12.20 32.72 -24.41
N ASN C 295 11.25 33.17 -25.22
CA ASN C 295 11.30 32.79 -26.63
C ASN C 295 11.27 31.28 -26.76
N LYS C 296 10.45 30.63 -25.92
CA LYS C 296 10.40 29.18 -25.94
C LYS C 296 9.46 28.57 -24.91
N LEU C 297 8.24 28.23 -25.34
CA LEU C 297 7.44 27.31 -24.51
C LEU C 297 7.63 25.92 -25.10
N SER C 298 7.82 24.91 -24.24
CA SER C 298 7.95 23.57 -24.81
C SER C 298 7.34 22.55 -23.87
N GLN C 299 7.09 21.34 -24.40
CA GLN C 299 6.37 20.46 -23.47
C GLN C 299 6.66 19.00 -23.76
N TYR C 300 6.59 18.14 -22.73
CA TYR C 300 6.81 16.71 -23.00
C TYR C 300 5.97 15.85 -22.09
N PHE C 301 5.96 14.52 -22.28
CA PHE C 301 5.23 13.61 -21.40
C PHE C 301 6.10 12.52 -20.80
N ILE C 302 5.58 11.93 -19.73
CA ILE C 302 6.17 10.74 -19.14
C ILE C 302 5.11 9.65 -18.92
N GLN C 303 5.28 8.50 -19.56
CA GLN C 303 4.36 7.41 -19.28
C GLN C 303 5.08 6.07 -19.13
N ASP C 304 4.66 5.35 -18.10
CA ASP C 304 5.25 4.05 -17.77
C ASP C 304 6.78 4.08 -17.83
N GLY C 305 7.35 5.03 -17.11
CA GLY C 305 8.75 5.36 -16.99
C GLY C 305 9.39 5.94 -18.22
N ARG C 306 8.64 6.13 -19.31
CA ARG C 306 9.31 6.49 -20.57
C ARG C 306 9.11 7.92 -21.01
N LYS C 307 10.19 8.63 -21.36
CA LYS C 307 10.07 10.00 -21.84
C LYS C 307 9.46 9.98 -23.23
N ILE C 308 8.47 10.81 -23.52
CA ILE C 308 7.96 10.92 -24.88
C ILE C 308 7.95 12.38 -25.33
N GLU C 309 8.23 12.60 -26.61
CA GLU C 309 8.19 13.96 -27.11
C GLU C 309 6.96 14.21 -27.97
N ILE C 310 6.64 15.49 -28.11
CA ILE C 310 5.61 15.89 -29.08
C ILE C 310 6.18 16.03 -30.47
N PRO C 311 5.53 15.64 -31.54
CA PRO C 311 6.21 15.74 -32.86
C PRO C 311 5.93 17.06 -33.57
N PRO C 312 6.79 17.47 -34.49
CA PRO C 312 6.67 18.77 -35.15
C PRO C 312 5.49 18.85 -36.12
N PRO C 313 5.17 20.04 -36.62
CA PRO C 313 4.04 20.13 -37.54
C PRO C 313 4.38 19.44 -38.85
N THR C 314 3.32 19.14 -39.59
CA THR C 314 3.52 18.52 -40.90
C THR C 314 3.31 19.58 -41.97
N TRP C 315 3.01 20.80 -41.53
CA TRP C 315 2.63 21.85 -42.45
C TRP C 315 3.82 22.50 -43.13
N GLU C 316 3.84 22.42 -44.46
CA GLU C 316 4.95 23.13 -45.13
C GLU C 316 4.79 24.62 -44.82
N GLY C 317 5.87 25.22 -44.33
CA GLY C 317 5.95 26.59 -43.90
C GLY C 317 6.32 26.73 -42.44
N MET C 318 5.94 25.76 -41.63
CA MET C 318 6.19 25.77 -40.18
C MET C 318 7.56 25.17 -39.88
N PRO C 319 8.12 25.39 -38.71
CA PRO C 319 9.47 24.87 -38.39
C PRO C 319 9.52 23.43 -37.91
N ASN C 320 10.74 22.86 -37.95
CA ASN C 320 10.91 21.46 -37.59
C ASN C 320 10.94 21.24 -36.07
N SER C 321 9.82 21.47 -35.40
CA SER C 321 9.84 21.36 -33.93
C SER C 321 8.51 21.73 -33.31
N SER C 322 8.20 20.97 -32.26
CA SER C 322 6.95 21.18 -31.54
C SER C 322 7.10 22.26 -30.49
N GLU C 323 8.19 23.02 -30.51
CA GLU C 323 8.41 24.09 -29.54
C GLU C 323 7.67 25.36 -29.90
N ILE C 324 7.01 25.98 -28.92
CA ILE C 324 6.34 27.25 -29.24
C ILE C 324 7.34 28.40 -29.04
N THR C 325 7.85 28.90 -30.14
CA THR C 325 8.85 29.91 -30.39
C THR C 325 8.30 31.07 -31.19
N PRO C 326 9.02 32.19 -31.29
CA PRO C 326 8.58 33.28 -32.16
C PRO C 326 8.34 32.82 -33.60
N GLU C 327 9.18 31.92 -34.07
CA GLU C 327 9.23 31.26 -35.35
C GLU C 327 8.00 30.42 -35.65
N LEU C 328 7.58 29.67 -34.63
CA LEU C 328 6.39 28.82 -34.71
C LEU C 328 5.09 29.60 -34.81
N CYS C 329 4.95 30.57 -33.89
CA CYS C 329 3.72 31.33 -33.78
C CYS C 329 3.47 32.23 -34.97
N SER C 330 4.59 32.60 -35.59
CA SER C 330 4.63 33.38 -36.81
C SER C 330 3.98 32.65 -37.97
N THR C 331 4.65 31.59 -38.42
CA THR C 331 4.30 30.85 -39.61
C THR C 331 2.94 30.19 -39.54
N MET C 332 2.59 29.73 -38.36
CA MET C 332 1.32 29.04 -38.11
C MET C 332 0.12 29.77 -38.69
N PHE C 333 -0.06 31.08 -38.48
CA PHE C 333 -1.31 31.71 -38.93
C PHE C 333 -1.28 31.97 -40.43
N ASP C 334 -0.13 31.76 -41.06
CA ASP C 334 -0.04 31.91 -42.51
C ASP C 334 -0.42 30.58 -43.16
N VAL C 335 -0.45 29.54 -42.33
CA VAL C 335 -0.85 28.22 -42.80
C VAL C 335 -2.33 28.08 -42.44
N PHE C 336 -2.55 28.16 -41.13
CA PHE C 336 -3.91 28.04 -40.62
C PHE C 336 -4.74 29.20 -41.10
N ASN C 337 -4.12 30.38 -41.20
CA ASN C 337 -4.85 31.50 -41.77
C ASN C 337 -6.10 31.78 -40.93
N ASP C 338 -5.85 31.98 -39.65
CA ASP C 338 -6.72 32.53 -38.64
C ASP C 338 -6.32 34.01 -38.50
N ARG C 339 -7.00 34.78 -37.68
CA ARG C 339 -6.57 36.16 -37.43
C ARG C 339 -5.27 36.11 -36.64
N ASN C 340 -4.23 36.83 -37.07
CA ASN C 340 -2.99 36.84 -36.29
C ASN C 340 -3.15 37.68 -35.04
N ARG C 341 -4.02 37.25 -34.12
CA ARG C 341 -4.24 38.19 -33.00
C ARG C 341 -3.03 38.18 -32.08
N PHE C 342 -2.35 37.05 -32.03
CA PHE C 342 -1.17 36.87 -31.16
C PHE C 342 -0.21 38.02 -31.48
N GLU C 343 0.10 38.14 -32.76
CA GLU C 343 0.96 39.20 -33.28
C GLU C 343 0.41 40.58 -32.95
N GLU C 344 -0.91 40.71 -33.12
CA GLU C 344 -1.49 42.04 -32.86
C GLU C 344 -1.22 42.53 -31.45
N VAL C 345 -1.23 41.68 -30.41
CA VAL C 345 -0.95 42.34 -29.12
C VAL C 345 0.55 42.34 -28.86
N GLY C 346 1.35 42.24 -29.92
CA GLY C 346 2.77 42.33 -29.81
C GLY C 346 3.58 41.06 -29.82
N GLY C 347 3.24 40.11 -30.67
CA GLY C 347 3.95 38.87 -30.83
C GLY C 347 4.36 38.19 -29.54
N PHE C 348 5.50 37.52 -29.61
CA PHE C 348 6.16 36.74 -28.61
C PHE C 348 6.75 37.60 -27.47
N GLU C 349 7.32 38.73 -27.81
CA GLU C 349 7.79 39.73 -26.88
C GLU C 349 6.71 40.15 -25.90
N GLN C 350 5.44 40.09 -26.31
CA GLN C 350 4.39 40.26 -25.31
C GLN C 350 4.38 39.03 -24.40
N LEU C 351 4.32 37.86 -25.04
CA LEU C 351 4.34 36.59 -24.32
C LEU C 351 5.48 36.53 -23.30
N ASN C 352 6.68 36.94 -23.70
CA ASN C 352 7.77 37.14 -22.75
C ASN C 352 7.29 37.99 -21.57
N ASN C 353 6.54 39.08 -21.80
CA ASN C 353 6.10 39.86 -20.63
C ASN C 353 5.16 39.07 -19.75
N ALA C 354 4.26 38.30 -20.36
CA ALA C 354 3.27 37.58 -19.57
C ALA C 354 3.90 36.54 -18.65
N LEU C 355 4.93 35.85 -19.14
CA LEU C 355 5.58 34.80 -18.36
C LEU C 355 6.27 35.32 -17.10
N ARG C 356 6.42 36.62 -17.04
CA ARG C 356 7.03 37.46 -16.05
C ARG C 356 6.04 38.04 -15.05
N VAL C 357 4.77 37.70 -15.22
CA VAL C 357 3.68 38.13 -14.35
C VAL C 357 3.25 36.99 -13.43
N PRO C 358 3.23 37.19 -12.12
CA PRO C 358 2.85 36.12 -11.20
C PRO C 358 1.49 35.50 -11.53
N MET C 359 1.49 34.17 -11.43
CA MET C 359 0.36 33.39 -11.88
C MET C 359 -0.19 32.50 -10.78
N VAL C 360 -1.49 32.32 -10.90
CA VAL C 360 -2.34 31.40 -10.18
C VAL C 360 -2.61 30.15 -10.98
N LEU C 361 -2.78 29.00 -10.32
CA LEU C 361 -2.98 27.73 -11.01
C LEU C 361 -4.47 27.38 -10.98
N VAL C 362 -5.00 26.92 -12.11
CA VAL C 362 -6.44 26.67 -12.24
C VAL C 362 -6.71 25.21 -12.56
N MET C 363 -7.71 24.57 -11.97
CA MET C 363 -7.97 23.17 -12.31
C MET C 363 -9.45 22.99 -12.62
N SER C 364 -9.81 22.37 -13.75
CA SER C 364 -11.22 22.46 -14.12
C SER C 364 -11.69 21.52 -15.22
N ILE C 365 -12.93 21.07 -15.04
CA ILE C 365 -13.62 20.22 -16.01
C ILE C 365 -14.88 20.92 -16.48
N TRP C 366 -15.13 21.02 -17.79
CA TRP C 366 -16.30 21.82 -18.19
C TRP C 366 -16.79 21.46 -19.60
N ASP C 367 -18.07 21.74 -19.80
CA ASP C 367 -18.67 21.54 -21.13
C ASP C 367 -18.54 22.84 -21.92
N ASP C 368 -18.95 22.84 -23.19
CA ASP C 368 -18.78 24.03 -24.00
C ASP C 368 -20.08 24.53 -24.61
N HIS C 369 -20.86 25.28 -23.85
CA HIS C 369 -22.07 25.89 -24.43
C HIS C 369 -21.80 26.75 -25.65
N TYR C 370 -20.57 27.18 -25.89
CA TYR C 370 -20.35 28.04 -27.05
C TYR C 370 -20.02 27.28 -28.30
N ALA C 371 -18.90 26.56 -28.36
CA ALA C 371 -18.49 25.99 -29.65
C ALA C 371 -18.40 24.47 -29.55
N ASN C 372 -18.93 23.98 -28.43
CA ASN C 372 -19.16 22.59 -28.12
C ASN C 372 -17.86 21.80 -28.11
N MET C 373 -16.85 22.56 -27.73
CA MET C 373 -15.46 22.20 -27.66
C MET C 373 -14.86 21.76 -28.99
N LEU C 374 -15.49 21.97 -30.14
CA LEU C 374 -14.85 21.40 -31.33
C LEU C 374 -13.45 21.96 -31.65
N TRP C 375 -13.06 23.11 -31.13
CA TRP C 375 -11.80 23.77 -31.41
C TRP C 375 -10.61 22.97 -30.85
N LEU C 376 -10.90 22.14 -29.86
CA LEU C 376 -10.05 21.19 -29.19
C LEU C 376 -9.95 19.84 -29.89
N ASP C 377 -11.12 19.19 -30.03
CA ASP C 377 -11.16 17.79 -30.40
C ASP C 377 -11.90 17.44 -31.69
N SER C 378 -12.42 18.41 -32.44
CA SER C 378 -13.14 18.06 -33.66
C SER C 378 -12.62 18.89 -34.83
N ILE C 379 -13.50 19.15 -35.80
CA ILE C 379 -13.19 20.05 -36.90
C ILE C 379 -13.76 21.45 -36.66
N TYR C 380 -12.88 22.44 -36.60
CA TYR C 380 -13.21 23.82 -36.30
C TYR C 380 -12.36 24.77 -37.15
N PRO C 381 -13.01 25.72 -37.80
CA PRO C 381 -14.46 25.87 -37.67
C PRO C 381 -15.22 24.98 -38.64
N PRO C 382 -16.51 24.87 -38.40
CA PRO C 382 -17.38 24.08 -39.29
C PRO C 382 -17.41 24.69 -40.71
N GLU C 383 -17.42 26.01 -40.76
CA GLU C 383 -17.55 26.86 -41.92
C GLU C 383 -16.77 26.34 -43.12
N LYS C 384 -15.63 25.67 -42.89
CA LYS C 384 -14.96 25.01 -44.00
C LYS C 384 -13.73 24.21 -43.56
N GLU C 385 -13.95 22.92 -43.35
CA GLU C 385 -12.94 21.93 -43.06
C GLU C 385 -12.28 21.40 -44.34
N GLY C 386 -11.11 20.82 -44.11
CA GLY C 386 -10.21 20.36 -45.15
C GLY C 386 -8.96 21.26 -45.12
N GLN C 387 -9.20 22.51 -44.74
CA GLN C 387 -8.24 23.58 -44.62
C GLN C 387 -7.26 23.36 -43.45
N PRO C 388 -5.96 23.49 -43.64
CA PRO C 388 -5.00 23.37 -42.53
C PRO C 388 -5.46 24.16 -41.30
N GLY C 389 -5.53 23.47 -40.17
CA GLY C 389 -5.91 24.09 -38.91
C GLY C 389 -7.37 23.84 -38.61
N ALA C 390 -8.05 23.27 -39.62
CA ALA C 390 -9.47 22.98 -39.47
C ALA C 390 -9.72 21.78 -38.57
N ALA C 391 -8.98 20.69 -38.69
CA ALA C 391 -9.23 19.55 -37.80
C ALA C 391 -8.40 19.61 -36.53
N ARG C 392 -8.98 19.21 -35.40
CA ARG C 392 -8.23 19.22 -34.15
C ARG C 392 -8.21 17.86 -33.47
N GLY C 393 -9.23 17.05 -33.68
CA GLY C 393 -9.35 15.72 -33.10
C GLY C 393 -10.22 14.88 -34.02
N ASP C 394 -10.46 13.58 -33.77
CA ASP C 394 -11.49 13.04 -34.68
C ASP C 394 -12.79 12.80 -33.91
N CYS C 395 -13.13 13.74 -33.05
CA CYS C 395 -14.40 13.72 -32.33
C CYS C 395 -15.47 14.14 -33.36
N PRO C 396 -16.59 13.46 -33.36
CA PRO C 396 -17.69 13.75 -34.30
C PRO C 396 -18.08 15.22 -34.28
N THR C 397 -18.45 15.76 -35.44
CA THR C 397 -18.74 17.17 -35.57
C THR C 397 -20.04 17.57 -34.91
N ASP C 398 -20.77 16.59 -34.36
CA ASP C 398 -21.90 17.02 -33.55
C ASP C 398 -21.37 17.48 -32.19
N SER C 399 -20.90 16.49 -31.46
CA SER C 399 -20.42 16.43 -30.09
C SER C 399 -20.15 17.81 -29.51
N GLY C 400 -20.22 17.90 -28.18
CA GLY C 400 -19.98 19.18 -27.52
C GLY C 400 -21.22 19.80 -26.93
N VAL C 401 -22.40 19.27 -27.26
CA VAL C 401 -23.63 19.84 -26.71
C VAL C 401 -23.75 19.54 -25.22
N PRO C 402 -23.86 20.59 -24.40
CA PRO C 402 -24.03 20.42 -22.95
C PRO C 402 -25.12 19.41 -22.61
N ALA C 403 -26.38 19.76 -22.83
CA ALA C 403 -27.54 18.94 -22.51
C ALA C 403 -27.35 17.45 -22.79
N GLU C 404 -26.60 17.10 -23.82
CA GLU C 404 -26.40 15.69 -24.11
C GLU C 404 -25.08 15.15 -23.58
N VAL C 405 -24.03 15.97 -23.57
CA VAL C 405 -22.77 15.42 -23.04
C VAL C 405 -22.98 15.05 -21.58
N GLU C 406 -23.83 15.86 -20.95
CA GLU C 406 -24.04 15.70 -19.51
C GLU C 406 -24.99 14.57 -19.18
N ALA C 407 -25.78 14.09 -20.13
CA ALA C 407 -26.67 12.97 -19.81
C ALA C 407 -26.04 11.63 -20.20
N GLN C 408 -25.16 11.71 -21.18
CA GLN C 408 -24.51 10.55 -21.79
C GLN C 408 -23.27 10.11 -21.05
N PHE C 409 -22.55 11.02 -20.40
CA PHE C 409 -21.41 10.59 -19.58
C PHE C 409 -21.36 11.47 -18.33
N PRO C 410 -22.29 11.31 -17.41
CA PRO C 410 -22.29 12.18 -16.22
C PRO C 410 -21.05 11.99 -15.33
N ASP C 411 -20.68 10.73 -15.15
CA ASP C 411 -19.63 10.28 -14.25
C ASP C 411 -18.23 10.49 -14.79
N ALA C 412 -18.10 11.22 -15.91
CA ALA C 412 -16.75 11.52 -16.37
C ALA C 412 -16.06 12.30 -15.24
N GLN C 413 -14.74 12.29 -15.33
CA GLN C 413 -13.94 12.87 -14.27
C GLN C 413 -12.46 13.02 -14.64
N VAL C 414 -11.77 13.94 -13.98
CA VAL C 414 -10.33 14.07 -14.12
C VAL C 414 -9.65 13.80 -12.78
N VAL C 415 -8.43 13.26 -12.80
CA VAL C 415 -7.73 13.32 -11.50
C VAL C 415 -6.30 13.81 -11.71
N TRP C 416 -6.09 15.04 -11.21
CA TRP C 416 -4.79 15.69 -11.28
C TRP C 416 -4.01 15.27 -10.02
N SER C 417 -2.74 14.89 -10.14
CA SER C 417 -1.93 14.48 -9.00
C SER C 417 -0.46 14.86 -9.23
N ASN C 418 0.30 14.64 -8.18
CA ASN C 418 1.73 14.80 -8.04
C ASN C 418 2.20 16.00 -8.88
N ILE C 419 1.61 17.13 -8.50
CA ILE C 419 1.91 18.46 -8.98
C ILE C 419 3.30 18.89 -8.50
N ARG C 420 4.12 19.32 -9.45
CA ARG C 420 5.44 19.85 -9.06
C ARG C 420 5.72 21.15 -9.82
N PHE C 421 6.66 21.89 -9.25
CA PHE C 421 7.09 23.17 -9.77
C PHE C 421 8.47 23.53 -9.21
N GLY C 422 9.27 24.14 -10.05
CA GLY C 422 10.64 24.56 -9.73
C GLY C 422 11.30 25.06 -11.01
N PRO C 423 12.63 25.08 -11.06
CA PRO C 423 13.36 25.51 -12.25
C PRO C 423 13.34 24.45 -13.35
N ILE C 424 13.65 24.82 -14.60
CA ILE C 424 13.58 23.74 -15.61
C ILE C 424 14.60 22.65 -15.27
N GLY C 425 14.24 21.40 -15.51
CA GLY C 425 15.12 20.28 -15.23
C GLY C 425 14.96 19.79 -13.80
N SER C 426 14.26 20.55 -12.96
CA SER C 426 14.16 20.24 -11.55
C SER C 426 13.09 19.24 -11.16
N THR C 427 12.01 19.06 -11.93
CA THR C 427 10.87 18.23 -11.55
C THR C 427 10.99 16.82 -12.06
N TYR C 428 11.69 16.64 -13.19
CA TYR C 428 11.99 15.26 -13.60
C TYR C 428 13.37 15.29 -14.23
N ASP C 429 14.14 14.23 -14.12
CA ASP C 429 15.45 14.07 -14.74
C ASP C 429 15.28 13.85 -16.24
N PHE C 430 14.89 14.92 -16.90
CA PHE C 430 14.66 14.87 -18.34
C PHE C 430 14.78 16.31 -18.83
N ARG D 2 23.91 -35.39 -14.14
CA ARG D 2 22.51 -35.59 -13.78
C ARG D 2 22.04 -34.45 -12.89
N ALA D 3 20.80 -34.48 -12.40
CA ALA D 3 20.30 -33.33 -11.66
C ALA D 3 20.39 -33.54 -10.15
N GLY D 4 20.81 -32.52 -9.40
CA GLY D 4 20.93 -32.67 -7.96
C GLY D 4 19.60 -33.00 -7.30
N ASN D 5 19.53 -32.79 -6.00
CA ASN D 5 18.33 -33.01 -5.20
C ASN D 5 18.31 -32.09 -3.99
N GLU D 6 19.50 -31.56 -3.70
CA GLU D 6 19.77 -30.85 -2.46
C GLU D 6 19.29 -29.41 -2.56
N THR D 7 19.07 -28.95 -3.79
CA THR D 7 18.51 -27.63 -4.05
C THR D 7 17.65 -27.60 -5.31
N PRO D 8 16.36 -27.33 -5.13
CA PRO D 8 15.47 -27.17 -6.28
C PRO D 8 15.97 -26.02 -7.16
N GLU D 9 15.84 -26.21 -8.46
CA GLU D 9 16.23 -25.21 -9.44
C GLU D 9 15.09 -24.25 -9.73
N ASN D 10 15.13 -23.13 -9.04
CA ASN D 10 14.06 -22.15 -9.17
C ASN D 10 14.42 -21.02 -10.14
N HIS D 11 13.85 -21.11 -11.34
CA HIS D 11 14.05 -20.10 -12.36
C HIS D 11 13.18 -18.86 -12.12
N PRO D 12 13.76 -17.67 -12.04
CA PRO D 12 13.01 -16.43 -11.82
C PRO D 12 12.37 -15.95 -13.14
N PRO D 13 11.06 -15.75 -13.10
CA PRO D 13 10.32 -15.39 -14.30
C PRO D 13 10.86 -14.09 -14.91
N LEU D 14 10.49 -13.87 -16.16
CA LEU D 14 10.89 -12.70 -16.90
C LEU D 14 10.07 -12.52 -18.17
N THR D 15 9.14 -11.55 -18.18
CA THR D 15 8.44 -11.29 -19.42
C THR D 15 9.35 -10.59 -20.43
N TRP D 16 9.10 -10.91 -21.69
CA TRP D 16 9.70 -10.26 -22.83
C TRP D 16 8.59 -9.98 -23.83
N GLN D 17 8.87 -9.38 -25.00
CA GLN D 17 7.70 -9.23 -25.89
C GLN D 17 8.06 -9.51 -27.34
N ARG D 18 7.08 -10.09 -28.02
CA ARG D 18 7.13 -10.31 -29.47
C ARG D 18 6.27 -9.27 -30.19
N CYS D 19 6.88 -8.39 -30.97
CA CYS D 19 6.22 -7.30 -31.66
C CYS D 19 6.03 -7.55 -33.15
N THR D 20 4.82 -7.91 -33.58
CA THR D 20 4.59 -8.34 -34.95
C THR D 20 4.60 -7.17 -35.93
N ALA D 21 4.85 -5.97 -35.41
CA ALA D 21 4.77 -4.74 -36.18
C ALA D 21 4.84 -3.55 -35.23
N PRO D 22 5.22 -2.37 -35.70
CA PRO D 22 5.45 -1.26 -34.79
C PRO D 22 4.19 -1.00 -33.95
N GLY D 23 4.38 -1.31 -32.68
CA GLY D 23 3.41 -1.32 -31.61
C GLY D 23 2.88 -2.70 -31.26
N ASN D 24 2.66 -3.53 -32.26
CA ASN D 24 2.06 -4.85 -32.10
C ASN D 24 2.96 -5.78 -31.29
N CYS D 25 3.13 -5.45 -30.02
CA CYS D 25 3.98 -6.16 -29.07
C CYS D 25 3.20 -7.10 -28.16
N GLN D 26 3.42 -8.40 -28.36
CA GLN D 26 2.78 -9.48 -27.65
C GLN D 26 3.71 -10.03 -26.56
N THR D 27 3.22 -10.02 -25.35
CA THR D 27 3.86 -10.38 -24.11
C THR D 27 3.98 -11.89 -23.95
N VAL D 28 5.20 -12.32 -23.69
CA VAL D 28 5.57 -13.70 -23.43
C VAL D 28 6.03 -13.88 -21.99
N ASN D 29 5.31 -14.69 -21.23
CA ASN D 29 5.71 -14.93 -19.84
C ASN D 29 6.79 -16.03 -19.84
N ALA D 30 7.99 -15.69 -19.40
CA ALA D 30 9.15 -16.55 -19.53
C ALA D 30 9.96 -16.70 -18.26
N GLU D 31 11.22 -17.04 -18.42
CA GLU D 31 12.10 -17.32 -17.30
C GLU D 31 13.56 -17.41 -17.75
N VAL D 32 14.45 -17.23 -16.78
CA VAL D 32 15.88 -17.43 -17.01
C VAL D 32 16.46 -18.39 -15.97
N VAL D 33 17.69 -18.79 -16.26
CA VAL D 33 18.43 -19.82 -15.56
C VAL D 33 19.92 -19.59 -15.74
N ILE D 34 20.71 -19.68 -14.67
CA ILE D 34 22.14 -19.41 -14.82
C ILE D 34 22.83 -20.66 -15.37
N ASP D 35 24.04 -20.46 -15.85
CA ASP D 35 24.90 -21.38 -16.58
C ASP D 35 25.42 -22.52 -15.69
N ALA D 36 25.51 -23.71 -16.26
CA ALA D 36 25.88 -24.91 -15.50
C ALA D 36 27.24 -24.75 -14.84
N ASN D 37 28.09 -23.81 -15.28
CA ASN D 37 29.39 -23.68 -14.64
C ASN D 37 29.28 -22.95 -13.31
N TRP D 38 28.15 -22.29 -13.02
CA TRP D 38 28.04 -21.62 -11.71
C TRP D 38 27.42 -22.53 -10.67
N ARG D 39 27.37 -23.84 -10.87
CA ARG D 39 26.59 -24.70 -10.01
C ARG D 39 27.41 -25.76 -9.27
N TRP D 40 27.00 -26.06 -8.05
CA TRP D 40 27.58 -27.10 -7.21
C TRP D 40 27.32 -28.49 -7.80
N LEU D 41 28.40 -29.21 -8.06
CA LEU D 41 28.38 -30.60 -8.48
C LEU D 41 28.65 -31.50 -7.28
N HIS D 42 28.22 -32.76 -7.29
CA HIS D 42 28.56 -33.62 -6.16
C HIS D 42 27.95 -35.01 -6.37
N ASP D 43 28.18 -35.90 -5.42
CA ASP D 43 27.79 -37.30 -5.51
C ASP D 43 26.57 -37.64 -4.66
N ASP D 44 26.21 -38.91 -4.68
CA ASP D 44 25.12 -39.52 -3.94
C ASP D 44 25.23 -39.21 -2.45
N ASN D 45 26.32 -39.66 -1.85
CA ASN D 45 26.60 -39.43 -0.43
C ASN D 45 27.56 -38.25 -0.32
N MET D 46 26.96 -37.07 -0.47
CA MET D 46 27.51 -35.74 -0.59
C MET D 46 29.00 -35.66 -0.25
N GLN D 47 29.69 -35.41 -1.35
CA GLN D 47 31.12 -35.27 -1.53
C GLN D 47 31.38 -34.50 -2.82
N ASN D 48 31.95 -33.32 -2.71
CA ASN D 48 32.12 -32.41 -3.83
C ASN D 48 32.76 -33.09 -5.01
N CYS D 49 32.30 -32.80 -6.23
CA CYS D 49 33.04 -33.36 -7.36
C CYS D 49 34.10 -32.33 -7.78
N TYR D 50 34.05 -31.17 -7.14
CA TYR D 50 34.88 -30.03 -7.54
C TYR D 50 34.77 -28.92 -6.52
N ASP D 51 35.85 -28.66 -5.78
CA ASP D 51 35.84 -27.56 -4.82
C ASP D 51 37.01 -26.65 -5.09
N GLY D 52 36.89 -25.32 -5.07
CA GLY D 52 38.09 -24.54 -5.37
C GLY D 52 38.26 -24.48 -6.88
N ASN D 53 39.30 -25.09 -7.46
CA ASN D 53 39.35 -24.94 -8.92
C ASN D 53 39.94 -26.19 -9.54
N GLN D 54 39.82 -27.26 -8.75
CA GLN D 54 40.30 -28.56 -9.19
C GLN D 54 39.19 -29.57 -8.96
N TRP D 55 39.24 -30.66 -9.70
CA TRP D 55 38.34 -31.80 -9.52
C TRP D 55 38.74 -32.57 -8.28
N THR D 56 37.95 -33.56 -7.89
CA THR D 56 38.16 -34.38 -6.70
C THR D 56 37.98 -35.86 -7.02
N ASN D 57 38.37 -36.76 -6.10
CA ASN D 57 38.34 -38.18 -6.47
C ASN D 57 36.99 -38.85 -6.24
N ALA D 58 35.95 -38.01 -6.20
CA ALA D 58 34.59 -38.56 -6.27
C ALA D 58 34.32 -39.04 -7.71
N CYS D 59 35.16 -38.59 -8.60
CA CYS D 59 35.43 -38.32 -9.95
C CYS D 59 36.78 -38.78 -10.47
N SER D 60 36.81 -39.47 -11.61
CA SER D 60 38.16 -39.74 -12.13
C SER D 60 38.25 -39.40 -13.62
N THR D 61 37.16 -39.49 -14.35
CA THR D 61 37.13 -39.37 -15.80
C THR D 61 35.98 -38.52 -16.35
N ALA D 62 36.20 -38.07 -17.58
CA ALA D 62 35.25 -37.36 -18.40
C ALA D 62 33.81 -37.88 -18.31
N THR D 63 33.67 -39.19 -18.39
CA THR D 63 32.43 -39.94 -18.52
C THR D 63 31.85 -40.34 -17.17
N ASP D 64 32.69 -40.91 -16.30
CA ASP D 64 32.23 -41.40 -15.01
C ASP D 64 31.87 -40.21 -14.13
N CYS D 65 32.43 -39.06 -14.51
CA CYS D 65 32.16 -37.85 -13.76
C CYS D 65 30.76 -37.30 -14.03
N ALA D 66 30.11 -37.74 -15.10
CA ALA D 66 28.73 -37.24 -15.29
C ALA D 66 27.72 -38.25 -14.77
N GLU D 67 28.11 -39.52 -14.66
CA GLU D 67 27.25 -40.57 -14.16
C GLU D 67 27.56 -40.85 -12.70
N LYS D 68 28.32 -39.95 -12.10
CA LYS D 68 28.64 -39.91 -10.68
C LYS D 68 28.39 -38.51 -10.15
N CYS D 69 28.57 -37.47 -10.97
CA CYS D 69 28.30 -36.14 -10.42
C CYS D 69 26.94 -35.58 -10.80
N MET D 70 26.43 -34.86 -9.82
CA MET D 70 25.15 -34.19 -9.81
C MET D 70 25.34 -32.68 -9.67
N ILE D 71 24.62 -31.88 -10.45
CA ILE D 71 24.67 -30.43 -10.32
C ILE D 71 23.39 -29.97 -9.62
N GLU D 72 23.51 -28.91 -8.85
CA GLU D 72 22.39 -28.48 -8.00
C GLU D 72 21.52 -27.41 -8.62
N GLY D 73 20.40 -27.13 -7.98
CA GLY D 73 19.53 -26.00 -8.29
C GLY D 73 20.17 -24.74 -7.72
N ALA D 74 19.80 -23.52 -8.12
CA ALA D 74 20.52 -22.38 -7.58
C ALA D 74 19.72 -21.57 -6.54
N GLY D 75 18.87 -22.24 -5.79
CA GLY D 75 18.07 -21.67 -4.71
C GLY D 75 17.66 -20.23 -4.96
N ASP D 76 17.81 -19.36 -3.99
CA ASP D 76 17.61 -17.93 -4.08
C ASP D 76 18.72 -17.25 -4.89
N TYR D 77 18.45 -17.04 -6.18
CA TYR D 77 19.42 -16.46 -7.09
C TYR D 77 19.98 -15.14 -6.57
N LEU D 78 19.12 -14.31 -5.98
CA LEU D 78 19.56 -13.03 -5.42
C LEU D 78 20.73 -13.27 -4.47
N GLY D 79 20.45 -14.03 -3.41
CA GLY D 79 21.31 -14.33 -2.31
C GLY D 79 22.76 -14.62 -2.61
N THR D 80 23.03 -15.45 -3.61
CA THR D 80 24.39 -15.91 -3.84
C THR D 80 24.91 -15.39 -5.17
N TYR D 81 24.02 -15.47 -6.15
CA TYR D 81 24.36 -15.08 -7.52
C TYR D 81 24.04 -13.62 -7.78
N GLY D 82 23.60 -12.91 -6.75
CA GLY D 82 23.17 -11.53 -6.81
C GLY D 82 22.32 -11.23 -8.04
N ALA D 83 21.51 -12.20 -8.43
CA ALA D 83 20.65 -12.25 -9.58
C ALA D 83 19.18 -12.19 -9.17
N SER D 84 18.41 -11.30 -9.77
CA SER D 84 17.01 -11.17 -9.46
C SER D 84 16.25 -10.39 -10.54
N THR D 85 14.96 -10.74 -10.61
CA THR D 85 14.14 -10.22 -11.69
C THR D 85 12.90 -9.55 -11.15
N SER D 86 12.35 -8.60 -11.91
CA SER D 86 11.12 -7.95 -11.47
C SER D 86 10.41 -7.40 -12.70
N GLY D 87 9.30 -8.05 -13.06
CA GLY D 87 8.59 -7.70 -14.28
C GLY D 87 9.43 -8.04 -15.50
N ASP D 88 9.80 -6.99 -16.22
CA ASP D 88 10.45 -7.06 -17.51
C ASP D 88 11.97 -6.93 -17.37
N ALA D 89 12.39 -6.92 -16.11
CA ALA D 89 13.76 -6.51 -15.84
C ALA D 89 14.60 -7.59 -15.15
N LEU D 90 15.81 -7.80 -15.65
CA LEU D 90 16.78 -8.68 -15.00
C LEU D 90 17.91 -7.85 -14.42
N THR D 91 18.29 -8.08 -13.18
CA THR D 91 19.40 -7.32 -12.62
C THR D 91 20.50 -8.28 -12.16
N LEU D 92 21.73 -7.94 -12.52
CA LEU D 92 22.92 -8.76 -12.33
C LEU D 92 23.98 -7.94 -11.61
N LYS D 93 24.22 -8.24 -10.34
CA LYS D 93 25.24 -7.48 -9.64
C LYS D 93 26.62 -8.08 -9.92
N PHE D 94 27.63 -7.22 -9.81
CA PHE D 94 28.96 -7.68 -10.26
C PHE D 94 29.52 -8.66 -9.25
N VAL D 95 29.84 -8.21 -8.04
CA VAL D 95 30.28 -9.15 -7.01
C VAL D 95 29.24 -9.29 -5.91
N THR D 96 28.90 -10.55 -5.59
CA THR D 96 28.11 -10.78 -4.39
C THR D 96 29.01 -11.45 -3.36
N LYS D 97 29.04 -10.91 -2.15
CA LYS D 97 29.82 -11.47 -1.04
C LYS D 97 28.83 -12.14 -0.10
N HIS D 98 29.12 -13.23 0.62
CA HIS D 98 28.07 -13.60 1.58
C HIS D 98 28.62 -14.51 2.67
N GLU D 99 27.72 -15.04 3.50
CA GLU D 99 28.03 -15.91 4.62
C GLU D 99 28.90 -17.11 4.26
N TYR D 100 28.93 -17.48 2.98
CA TYR D 100 29.75 -18.64 2.65
C TYR D 100 30.11 -18.65 1.17
N GLY D 101 30.62 -17.51 0.71
CA GLY D 101 30.97 -17.33 -0.68
C GLY D 101 31.01 -15.87 -1.10
N THR D 102 31.53 -15.69 -2.31
CA THR D 102 31.65 -14.46 -3.06
C THR D 102 31.57 -14.75 -4.56
N ASN D 103 30.42 -14.45 -5.14
CA ASN D 103 30.13 -14.69 -6.55
C ASN D 103 30.43 -13.48 -7.41
N VAL D 104 31.30 -13.64 -8.40
CA VAL D 104 31.63 -12.48 -9.23
C VAL D 104 31.11 -12.71 -10.62
N GLY D 105 30.11 -11.94 -11.05
CA GLY D 105 29.59 -12.07 -12.40
C GLY D 105 28.75 -13.30 -12.63
N SER D 106 27.86 -13.22 -13.62
CA SER D 106 26.95 -14.28 -13.99
C SER D 106 26.64 -14.30 -15.49
N ARG D 107 26.11 -15.43 -15.93
CA ARG D 107 25.62 -15.65 -17.28
C ARG D 107 24.23 -16.30 -17.23
N PHE D 108 23.26 -15.68 -17.89
CA PHE D 108 21.91 -16.22 -17.93
C PHE D 108 21.40 -16.37 -19.36
N TYR D 109 20.63 -17.42 -19.58
CA TYR D 109 19.98 -17.63 -20.87
C TYR D 109 18.49 -17.36 -20.74
N LEU D 110 17.87 -16.92 -21.83
CA LEU D 110 16.41 -16.81 -21.83
C LEU D 110 15.72 -18.14 -22.18
N MET D 111 14.65 -18.44 -21.44
CA MET D 111 13.95 -19.71 -21.48
C MET D 111 12.55 -19.54 -22.11
N ASN D 112 11.93 -20.67 -22.35
CA ASN D 112 10.68 -21.03 -23.01
C ASN D 112 10.14 -22.32 -22.38
N GLY D 113 9.71 -22.18 -21.15
CA GLY D 113 9.31 -23.27 -20.27
C GLY D 113 10.52 -23.66 -19.42
N PRO D 114 10.32 -24.38 -18.34
CA PRO D 114 11.42 -24.82 -17.46
C PRO D 114 12.38 -25.82 -18.06
N ASP D 115 12.24 -26.30 -19.31
CA ASP D 115 13.26 -27.24 -19.76
C ASP D 115 13.90 -26.90 -21.11
N LYS D 116 13.63 -25.76 -21.72
CA LYS D 116 14.13 -25.42 -23.04
C LYS D 116 14.52 -23.95 -23.11
N TYR D 117 15.55 -23.61 -23.88
CA TYR D 117 15.89 -22.23 -24.16
C TYR D 117 14.88 -21.65 -25.16
N GLN D 118 14.72 -20.33 -25.21
CA GLN D 118 13.95 -19.69 -26.27
C GLN D 118 14.84 -19.37 -27.46
N MET D 119 14.50 -20.06 -28.54
CA MET D 119 15.25 -20.02 -29.79
C MET D 119 14.80 -18.86 -30.67
N PHE D 120 15.77 -18.12 -31.20
CA PHE D 120 15.43 -17.00 -32.07
C PHE D 120 15.92 -17.28 -33.49
N ASN D 121 15.16 -16.85 -34.49
CA ASN D 121 15.61 -16.86 -35.89
C ASN D 121 15.99 -15.44 -36.26
N LEU D 122 17.27 -15.20 -36.54
CA LEU D 122 17.75 -13.83 -36.57
C LEU D 122 17.59 -13.12 -37.90
N MET D 123 17.79 -13.78 -39.04
CA MET D 123 17.75 -12.98 -40.27
C MET D 123 16.36 -12.38 -40.46
N GLY D 124 16.33 -11.12 -40.87
CA GLY D 124 15.14 -10.34 -41.08
C GLY D 124 14.34 -9.99 -39.85
N ASN D 125 14.91 -10.11 -38.66
CA ASN D 125 14.32 -9.75 -37.38
C ASN D 125 15.27 -8.81 -36.64
N GLU D 126 14.84 -8.29 -35.50
CA GLU D 126 15.58 -7.35 -34.68
C GLU D 126 15.33 -7.56 -33.19
N LEU D 127 16.42 -7.39 -32.43
CA LEU D 127 16.37 -7.37 -30.99
C LEU D 127 16.30 -5.91 -30.54
N ALA D 128 15.34 -5.55 -29.70
CA ALA D 128 15.40 -4.27 -29.01
C ALA D 128 15.53 -4.57 -27.52
N PHE D 129 16.19 -3.69 -26.79
CA PHE D 129 16.18 -3.77 -25.33
C PHE D 129 16.62 -2.43 -24.77
N ASP D 130 16.38 -2.25 -23.48
CA ASP D 130 16.88 -1.17 -22.66
C ASP D 130 17.85 -1.77 -21.62
N VAL D 131 18.78 -0.95 -21.18
CA VAL D 131 19.82 -1.34 -20.23
C VAL D 131 20.16 -0.18 -19.31
N ASP D 132 20.32 -0.49 -18.03
CA ASP D 132 20.99 0.37 -17.08
C ASP D 132 22.40 -0.20 -16.87
N LEU D 133 23.41 0.48 -17.38
CA LEU D 133 24.80 0.01 -17.24
C LEU D 133 25.67 1.15 -16.71
N SER D 134 25.06 2.14 -16.05
CA SER D 134 25.79 3.32 -15.63
C SER D 134 26.84 3.01 -14.58
N THR D 135 26.76 1.85 -13.93
CA THR D 135 27.72 1.62 -12.85
C THR D 135 28.72 0.56 -13.29
N VAL D 136 28.60 0.15 -14.55
CA VAL D 136 29.52 -0.82 -15.13
C VAL D 136 30.78 -0.07 -15.62
N GLU D 137 31.78 0.03 -14.76
CA GLU D 137 32.94 0.89 -15.00
C GLU D 137 33.99 0.16 -15.80
N CYS D 138 35.18 0.73 -16.00
CA CYS D 138 36.24 0.00 -16.70
C CYS D 138 36.48 -1.39 -16.11
N GLY D 139 36.94 -2.31 -16.96
CA GLY D 139 37.33 -3.64 -16.55
C GLY D 139 36.19 -4.60 -16.33
N ILE D 140 34.97 -4.08 -16.35
CA ILE D 140 33.78 -4.92 -16.26
C ILE D 140 33.13 -5.01 -17.64
N ASN D 141 32.31 -6.02 -17.84
CA ASN D 141 31.55 -6.18 -19.07
C ASN D 141 30.10 -6.57 -18.83
N SER D 142 29.16 -5.69 -19.16
CA SER D 142 27.75 -6.12 -19.18
C SER D 142 27.46 -6.68 -20.56
N ALA D 143 27.26 -7.99 -20.72
CA ALA D 143 27.20 -8.51 -22.09
C ALA D 143 25.85 -9.08 -22.48
N LEU D 144 25.37 -8.68 -23.65
CA LEU D 144 24.19 -9.35 -24.19
C LEU D 144 24.49 -9.74 -25.64
N TYR D 145 24.53 -11.03 -25.94
CA TYR D 145 24.81 -11.60 -27.24
C TYR D 145 23.94 -12.81 -27.56
N PHE D 146 24.03 -13.33 -28.78
CA PHE D 146 23.42 -14.58 -29.20
C PHE D 146 24.52 -15.60 -29.42
N VAL D 147 24.26 -16.87 -29.12
CA VAL D 147 25.17 -17.96 -29.47
C VAL D 147 24.33 -19.17 -29.88
N ALA D 148 24.90 -19.99 -30.74
CA ALA D 148 24.17 -21.08 -31.37
C ALA D 148 24.19 -22.32 -30.48
N MET D 149 23.71 -22.19 -29.25
CA MET D 149 23.47 -23.26 -28.30
C MET D 149 22.30 -24.12 -28.78
N GLU D 150 22.08 -25.24 -28.10
CA GLU D 150 21.03 -26.21 -28.37
C GLU D 150 19.85 -26.00 -27.40
N GLU D 151 18.68 -26.05 -27.99
CA GLU D 151 17.39 -25.85 -27.36
C GLU D 151 17.30 -26.53 -26.00
N ASP D 152 17.68 -27.79 -25.87
CA ASP D 152 17.58 -28.53 -24.62
C ASP D 152 18.81 -28.37 -23.74
N GLY D 153 19.85 -27.69 -24.20
CA GLY D 153 21.09 -27.54 -23.44
C GLY D 153 21.97 -28.76 -23.69
N GLY D 154 21.64 -29.51 -24.74
CA GLY D 154 22.45 -30.60 -25.21
C GLY D 154 22.17 -31.96 -24.57
N MET D 155 20.97 -32.11 -24.03
CA MET D 155 20.45 -33.32 -23.45
C MET D 155 20.19 -34.44 -24.46
N ALA D 156 19.61 -34.11 -25.61
CA ALA D 156 19.25 -35.08 -26.63
C ALA D 156 20.41 -35.43 -27.55
N SER D 157 21.38 -34.51 -27.72
CA SER D 157 22.51 -34.90 -28.56
C SER D 157 23.40 -35.81 -27.70
N TYR D 158 23.75 -35.24 -26.56
CA TYR D 158 24.45 -35.95 -25.49
C TYR D 158 23.44 -36.32 -24.41
N PRO D 159 22.98 -37.56 -24.47
CA PRO D 159 22.02 -38.09 -23.51
C PRO D 159 22.63 -38.23 -22.12
N SER D 160 23.95 -38.35 -22.05
CA SER D 160 24.75 -38.43 -20.85
C SER D 160 24.60 -37.22 -19.94
N ASN D 161 24.00 -36.15 -20.45
CA ASN D 161 23.72 -34.97 -19.61
C ASN D 161 22.22 -34.98 -19.36
N GLN D 162 21.78 -35.36 -18.17
CA GLN D 162 20.34 -35.46 -17.91
C GLN D 162 19.81 -34.16 -17.32
N ALA D 163 20.75 -33.29 -16.98
CA ALA D 163 20.36 -32.03 -16.38
C ALA D 163 19.57 -31.18 -17.36
N GLY D 164 20.07 -31.14 -18.59
CA GLY D 164 19.52 -30.37 -19.66
C GLY D 164 19.65 -28.86 -19.48
N ALA D 165 18.69 -28.12 -20.03
CA ALA D 165 18.86 -26.66 -20.06
C ALA D 165 18.28 -26.05 -18.80
N ARG D 166 17.45 -26.85 -18.13
CA ARG D 166 16.82 -26.52 -16.86
C ARG D 166 17.84 -26.11 -15.80
N TYR D 167 19.07 -26.57 -15.95
CA TYR D 167 20.23 -26.29 -15.12
C TYR D 167 21.28 -25.45 -15.85
N GLY D 168 20.89 -24.88 -16.98
CA GLY D 168 21.72 -23.97 -17.74
C GLY D 168 22.88 -24.61 -18.45
N THR D 169 22.78 -25.86 -18.88
CA THR D 169 23.85 -26.55 -19.58
C THR D 169 23.92 -26.19 -21.06
N GLY D 170 25.05 -26.46 -21.70
CA GLY D 170 25.22 -26.42 -23.12
C GLY D 170 25.87 -25.23 -23.78
N TYR D 171 26.25 -24.21 -23.05
CA TYR D 171 26.85 -23.00 -23.59
C TYR D 171 28.01 -23.32 -24.54
N CYS D 172 28.18 -22.40 -25.48
CA CYS D 172 29.19 -22.51 -26.53
C CYS D 172 29.32 -21.11 -27.11
N ASP D 173 30.48 -20.60 -27.45
CA ASP D 173 30.67 -19.33 -28.14
C ASP D 173 31.86 -19.40 -29.09
N ALA D 174 32.16 -18.30 -29.78
CA ALA D 174 33.21 -18.37 -30.81
C ALA D 174 34.62 -18.32 -30.22
N GLN D 175 34.70 -18.25 -28.91
CA GLN D 175 35.95 -18.39 -28.17
C GLN D 175 36.28 -19.87 -27.93
N CYS D 176 35.23 -20.69 -27.89
CA CYS D 176 35.34 -22.11 -27.60
C CYS D 176 35.57 -22.29 -26.11
N ALA D 177 34.53 -22.63 -25.36
CA ALA D 177 34.52 -22.52 -23.90
C ALA D 177 35.11 -23.71 -23.17
N ARG D 178 36.41 -23.86 -23.27
CA ARG D 178 37.24 -24.86 -22.60
C ARG D 178 37.22 -24.78 -21.09
N ASP D 179 36.73 -23.68 -20.53
CA ASP D 179 36.64 -23.54 -19.09
C ASP D 179 35.42 -24.25 -18.52
N LEU D 180 34.60 -24.83 -19.40
CA LEU D 180 33.36 -25.44 -18.96
C LEU D 180 33.71 -26.78 -18.30
N LYS D 181 33.07 -27.13 -17.19
CA LYS D 181 33.48 -28.41 -16.59
C LYS D 181 32.89 -29.54 -17.39
N PHE D 182 31.65 -29.34 -17.84
CA PHE D 182 31.06 -30.31 -18.77
C PHE D 182 30.82 -29.63 -20.11
N VAL D 183 30.96 -30.42 -21.15
CA VAL D 183 31.01 -30.00 -22.53
C VAL D 183 30.58 -31.16 -23.41
N GLY D 184 29.52 -31.03 -24.19
CA GLY D 184 29.07 -32.18 -24.95
C GLY D 184 28.78 -33.36 -24.03
N GLY D 185 28.13 -33.08 -22.90
CA GLY D 185 27.78 -34.09 -21.93
C GLY D 185 28.91 -34.64 -21.10
N LYS D 186 30.16 -34.30 -21.40
CA LYS D 186 31.32 -34.90 -20.75
C LYS D 186 32.24 -33.94 -20.02
N ALA D 187 32.66 -34.36 -18.85
CA ALA D 187 33.56 -33.82 -17.87
C ALA D 187 34.93 -33.43 -18.41
N ASN D 188 35.46 -32.36 -17.85
CA ASN D 188 36.69 -31.69 -18.23
C ASN D 188 37.75 -31.90 -17.17
N ILE D 189 37.68 -33.07 -16.53
CA ILE D 189 38.63 -33.48 -15.50
C ILE D 189 40.03 -33.73 -16.05
N GLU D 190 40.18 -34.53 -17.11
CA GLU D 190 41.54 -34.87 -17.54
C GLU D 190 42.35 -33.63 -17.92
N GLY D 191 43.46 -33.47 -17.22
CA GLY D 191 44.33 -32.32 -17.46
C GLY D 191 43.62 -31.01 -17.17
N TRP D 192 42.55 -31.07 -16.38
CA TRP D 192 41.90 -29.82 -16.01
C TRP D 192 42.92 -28.93 -15.28
N LYS D 193 43.21 -27.81 -15.90
CA LYS D 193 44.15 -26.82 -15.40
C LYS D 193 43.43 -25.75 -14.60
N SER D 194 43.55 -25.79 -13.27
CA SER D 194 42.98 -24.72 -12.45
C SER D 194 43.52 -23.38 -12.88
N SER D 195 43.02 -22.25 -12.37
CA SER D 195 43.67 -21.00 -12.81
C SER D 195 44.65 -20.50 -11.76
N THR D 196 45.79 -20.01 -12.23
CA THR D 196 46.77 -19.34 -11.40
C THR D 196 46.25 -17.99 -10.89
N SER D 197 45.08 -17.56 -11.36
CA SER D 197 44.50 -16.30 -10.92
C SER D 197 43.04 -16.43 -10.53
N ASP D 198 42.27 -17.33 -11.15
CA ASP D 198 40.87 -17.45 -10.74
C ASP D 198 40.64 -18.62 -9.79
N PRO D 199 40.33 -18.24 -8.56
CA PRO D 199 40.07 -19.17 -7.45
C PRO D 199 39.08 -20.29 -7.75
N ASN D 200 38.36 -20.33 -8.87
CA ASN D 200 37.47 -21.48 -9.13
C ASN D 200 37.44 -21.88 -10.61
N ALA D 201 38.22 -21.21 -11.45
CA ALA D 201 38.23 -21.37 -12.90
C ALA D 201 39.33 -22.30 -13.37
N GLY D 202 39.09 -23.07 -14.43
CA GLY D 202 40.14 -23.93 -14.97
C GLY D 202 39.94 -24.10 -16.46
N VAL D 203 40.83 -24.78 -17.16
CA VAL D 203 40.62 -25.03 -18.59
C VAL D 203 40.69 -26.51 -18.97
N GLY D 204 39.54 -27.01 -19.44
CA GLY D 204 39.44 -28.37 -19.88
C GLY D 204 40.04 -28.60 -21.26
N PRO D 205 40.16 -29.86 -21.65
CA PRO D 205 40.69 -30.23 -22.96
C PRO D 205 39.63 -30.18 -24.06
N TYR D 206 38.36 -30.15 -23.67
CA TYR D 206 37.20 -30.14 -24.55
C TYR D 206 36.62 -28.73 -24.68
N GLY D 207 36.30 -28.28 -25.89
CA GLY D 207 35.81 -26.93 -26.08
C GLY D 207 34.40 -26.78 -26.64
N SER D 208 33.60 -25.91 -26.04
CA SER D 208 32.24 -25.60 -26.53
C SER D 208 32.33 -24.54 -27.62
N CYS D 209 32.23 -24.96 -28.88
CA CYS D 209 32.40 -24.02 -29.97
C CYS D 209 31.13 -23.88 -30.79
N CYS D 210 30.68 -22.64 -30.99
CA CYS D 210 29.59 -22.38 -31.90
C CYS D 210 29.53 -20.89 -32.24
N ALA D 211 28.80 -20.57 -33.31
CA ALA D 211 28.64 -19.19 -33.73
C ALA D 211 28.17 -18.31 -32.59
N GLU D 212 28.40 -17.01 -32.77
CA GLU D 212 28.04 -16.16 -31.63
C GLU D 212 27.94 -14.74 -32.16
N ILE D 213 26.76 -14.15 -31.92
CA ILE D 213 26.68 -12.77 -32.45
C ILE D 213 26.58 -11.78 -31.31
N ASP D 214 27.75 -11.28 -30.89
CA ASP D 214 27.75 -10.30 -29.81
C ASP D 214 27.09 -9.01 -30.30
N VAL D 215 25.81 -8.92 -29.99
CA VAL D 215 25.00 -7.75 -30.27
C VAL D 215 25.42 -6.57 -29.44
N TRP D 216 25.88 -6.89 -28.23
CA TRP D 216 26.17 -5.79 -27.30
C TRP D 216 27.17 -6.28 -26.26
N GLU D 217 28.41 -5.85 -26.44
CA GLU D 217 29.47 -6.01 -25.45
C GLU D 217 29.73 -4.60 -24.92
N SER D 218 29.59 -4.36 -23.62
CA SER D 218 29.75 -2.98 -23.20
C SER D 218 30.21 -2.82 -21.76
N ASN D 219 30.47 -1.57 -21.45
CA ASN D 219 30.42 -0.91 -20.17
C ASN D 219 30.10 0.56 -20.42
N ALA D 220 30.12 1.44 -19.42
CA ALA D 220 29.75 2.84 -19.65
C ALA D 220 30.87 3.62 -20.34
N TYR D 221 31.84 2.94 -20.95
CA TYR D 221 32.98 3.60 -21.56
C TYR D 221 33.21 3.13 -22.99
N ALA D 222 32.63 1.98 -23.35
CA ALA D 222 32.78 1.58 -24.75
C ALA D 222 31.92 0.34 -24.99
N PHE D 223 31.45 0.18 -26.22
CA PHE D 223 30.75 -1.04 -26.58
C PHE D 223 31.26 -1.45 -27.98
N ALA D 224 30.77 -2.61 -28.34
CA ALA D 224 30.99 -3.39 -29.53
C ALA D 224 29.75 -4.19 -29.91
N PHE D 225 29.45 -4.15 -31.18
CA PHE D 225 28.56 -5.01 -31.93
C PHE D 225 29.47 -5.87 -32.81
N THR D 226 29.43 -7.19 -32.69
CA THR D 226 30.50 -8.04 -33.18
C THR D 226 30.15 -9.49 -33.42
N PRO D 227 29.59 -9.83 -34.58
CA PRO D 227 29.26 -11.24 -34.82
C PRO D 227 30.52 -12.04 -35.11
N HIS D 228 30.59 -13.30 -34.71
CA HIS D 228 31.65 -14.24 -35.10
C HIS D 228 30.99 -15.44 -35.77
N ALA D 229 31.60 -16.04 -36.79
CA ALA D 229 31.07 -17.29 -37.35
C ALA D 229 32.15 -18.38 -37.34
N CYS D 230 31.78 -19.62 -37.57
CA CYS D 230 32.64 -20.79 -37.65
C CYS D 230 32.39 -21.52 -38.96
N THR D 231 33.31 -22.39 -39.37
CA THR D 231 33.09 -23.21 -40.57
C THR D 231 32.12 -24.34 -40.22
N THR D 232 31.81 -24.45 -38.93
CA THR D 232 30.67 -25.19 -38.39
C THR D 232 30.02 -24.32 -37.32
N ASN D 233 28.90 -23.69 -37.70
CA ASN D 233 28.26 -22.72 -36.82
C ASN D 233 27.32 -23.35 -35.81
N GLU D 234 27.06 -24.66 -35.89
CA GLU D 234 26.26 -25.25 -34.81
C GLU D 234 27.20 -25.79 -33.73
N TYR D 235 26.74 -26.04 -32.51
CA TYR D 235 27.49 -26.61 -31.40
C TYR D 235 28.47 -27.67 -31.87
N HIS D 236 29.77 -27.49 -31.58
CA HIS D 236 30.75 -28.53 -31.86
C HIS D 236 31.79 -28.57 -30.75
N VAL D 237 32.41 -29.73 -30.60
CA VAL D 237 33.39 -29.97 -29.55
C VAL D 237 34.78 -29.98 -30.19
N CYS D 238 35.65 -29.09 -29.75
CA CYS D 238 37.04 -29.11 -30.18
C CYS D 238 37.85 -29.75 -29.08
N GLU D 239 39.00 -30.32 -29.44
CA GLU D 239 39.82 -30.94 -28.39
C GLU D 239 41.24 -30.38 -28.43
N THR D 240 41.63 -29.71 -27.36
CA THR D 240 43.03 -29.37 -27.09
C THR D 240 43.77 -28.68 -28.22
N THR D 241 44.56 -29.39 -29.04
CA THR D 241 45.43 -28.72 -30.02
C THR D 241 44.63 -28.17 -31.20
N ASN D 242 43.39 -28.64 -31.28
CA ASN D 242 42.55 -28.13 -32.37
C ASN D 242 41.48 -27.19 -31.86
N CYS D 243 41.81 -26.42 -30.81
CA CYS D 243 40.92 -25.39 -30.33
C CYS D 243 41.52 -24.00 -30.52
N GLY D 244 40.67 -23.01 -30.79
CA GLY D 244 41.16 -21.64 -30.85
C GLY D 244 40.65 -20.85 -29.65
N GLY D 245 40.60 -19.54 -29.73
CA GLY D 245 40.07 -18.71 -28.67
C GLY D 245 40.89 -18.69 -27.41
N THR D 246 40.77 -17.61 -26.67
CA THR D 246 41.48 -17.20 -25.48
C THR D 246 41.98 -18.34 -24.61
N TYR D 247 41.22 -19.43 -24.52
CA TYR D 247 41.63 -20.52 -23.63
C TYR D 247 42.64 -21.47 -24.27
N SER D 248 42.77 -21.32 -25.58
CA SER D 248 43.64 -22.09 -26.44
C SER D 248 45.02 -21.47 -26.61
N GLU D 249 46.04 -22.31 -26.66
CA GLU D 249 47.39 -21.79 -26.90
C GLU D 249 47.43 -21.00 -28.20
N ASP D 250 46.61 -21.42 -29.18
CA ASP D 250 46.51 -20.75 -30.46
C ASP D 250 45.09 -20.25 -30.67
N ARG D 251 44.84 -18.97 -30.39
CA ARG D 251 43.52 -18.36 -30.51
C ARG D 251 42.94 -18.57 -31.91
N PHE D 252 43.75 -18.83 -32.94
CA PHE D 252 43.21 -19.02 -34.28
C PHE D 252 43.09 -20.47 -34.72
N ALA D 253 43.30 -21.41 -33.81
CA ALA D 253 43.00 -22.79 -34.17
C ALA D 253 41.49 -23.01 -34.12
N GLY D 254 41.04 -24.24 -34.36
CA GLY D 254 39.60 -24.49 -34.38
C GLY D 254 38.96 -24.04 -35.67
N LYS D 255 37.63 -23.91 -35.65
CA LYS D 255 36.83 -23.61 -36.83
C LYS D 255 36.17 -22.25 -36.74
N CYS D 256 36.23 -21.61 -35.58
CA CYS D 256 35.61 -20.35 -35.28
C CYS D 256 36.63 -19.19 -35.23
N ASP D 257 36.05 -18.02 -35.42
CA ASP D 257 36.72 -16.73 -35.38
C ASP D 257 36.45 -16.02 -34.06
N ALA D 258 37.48 -16.00 -33.22
CA ALA D 258 37.38 -15.42 -31.89
C ALA D 258 37.41 -13.90 -31.90
N ASN D 259 37.65 -13.32 -33.09
CA ASN D 259 37.73 -11.85 -33.06
C ASN D 259 36.50 -11.23 -33.69
N GLY D 260 35.93 -11.89 -34.70
CA GLY D 260 34.71 -11.44 -35.36
C GLY D 260 34.89 -10.16 -36.16
N CYS D 261 33.79 -9.61 -36.68
CA CYS D 261 33.81 -8.31 -37.34
C CYS D 261 33.20 -7.29 -36.39
N ASP D 262 33.98 -6.32 -35.91
CA ASP D 262 33.46 -5.52 -34.82
C ASP D 262 33.18 -4.09 -35.26
N TYR D 263 32.06 -3.59 -34.75
CA TYR D 263 31.88 -2.15 -34.89
C TYR D 263 31.73 -1.60 -33.47
N ASN D 264 32.86 -1.08 -33.02
CA ASN D 264 33.00 -0.26 -31.82
C ASN D 264 33.18 1.17 -32.34
N PRO D 265 32.32 2.14 -32.06
CA PRO D 265 32.41 3.44 -32.73
C PRO D 265 33.56 4.31 -32.25
N TYR D 266 34.12 4.00 -31.07
CA TYR D 266 35.29 4.77 -30.64
C TYR D 266 36.47 4.31 -31.47
N ARG D 267 36.74 3.02 -31.38
CA ARG D 267 37.74 2.36 -32.19
C ARG D 267 37.62 2.72 -33.68
N MET D 268 36.41 3.01 -34.15
CA MET D 268 36.09 3.42 -35.50
C MET D 268 36.34 4.88 -35.79
N GLY D 269 36.84 5.63 -34.82
CA GLY D 269 37.22 7.02 -34.98
C GLY D 269 36.39 8.01 -34.19
N ASN D 270 35.32 7.55 -33.54
CA ASN D 270 34.49 8.44 -32.73
C ASN D 270 34.64 8.20 -31.22
N PRO D 271 35.54 9.02 -30.68
CA PRO D 271 35.91 9.02 -29.28
C PRO D 271 34.88 9.73 -28.40
N ASP D 272 33.99 10.46 -29.08
CA ASP D 272 33.06 11.31 -28.33
C ASP D 272 31.60 10.98 -28.55
N PHE D 273 31.27 9.74 -28.91
CA PHE D 273 29.86 9.43 -29.20
C PHE D 273 29.15 8.67 -28.09
N TYR D 274 29.84 7.93 -27.23
CA TYR D 274 29.21 7.14 -26.18
C TYR D 274 29.96 7.22 -24.87
N GLY D 275 29.34 7.68 -23.79
CA GLY D 275 29.99 7.44 -22.52
C GLY D 275 29.30 8.12 -21.36
N LYS D 276 30.09 8.45 -20.34
CA LYS D 276 29.58 9.28 -19.27
C LYS D 276 29.29 10.68 -19.78
N GLY D 277 28.03 11.03 -19.97
CA GLY D 277 27.64 12.35 -20.42
C GLY D 277 27.84 12.69 -21.88
N LYS D 278 27.87 11.74 -22.81
CA LYS D 278 28.15 12.14 -24.21
C LYS D 278 26.92 12.05 -25.13
N THR D 279 27.20 11.91 -26.41
CA THR D 279 26.22 11.75 -27.49
C THR D 279 25.23 10.66 -27.09
N LEU D 280 25.69 9.41 -27.11
CA LEU D 280 24.96 8.40 -26.33
C LEU D 280 25.50 8.49 -24.90
N ASP D 281 24.63 8.88 -23.96
CA ASP D 281 25.03 9.10 -22.57
C ASP D 281 24.73 7.88 -21.72
N THR D 282 25.76 7.19 -21.28
CA THR D 282 25.62 5.93 -20.57
C THR D 282 25.28 6.08 -19.10
N SER D 283 25.40 7.29 -18.57
CA SER D 283 25.00 7.56 -17.19
C SER D 283 23.49 7.32 -17.02
N ARG D 284 22.80 7.46 -18.14
CA ARG D 284 21.35 7.28 -18.21
C ARG D 284 20.97 5.96 -18.85
N LYS D 285 19.74 5.52 -18.60
CA LYS D 285 19.13 4.37 -19.23
C LYS D 285 18.98 4.60 -20.73
N PHE D 286 18.94 3.55 -21.56
CA PHE D 286 18.71 3.74 -22.98
C PHE D 286 18.27 2.45 -23.69
N THR D 287 17.93 2.58 -24.97
CA THR D 287 17.48 1.48 -25.80
C THR D 287 18.40 1.15 -26.97
N VAL D 288 18.71 -0.13 -27.14
CA VAL D 288 19.55 -0.69 -28.17
C VAL D 288 18.82 -1.59 -29.17
N VAL D 289 18.63 -1.12 -30.40
CA VAL D 289 18.00 -1.94 -31.42
C VAL D 289 19.01 -2.29 -32.51
N SER D 290 19.08 -3.58 -32.77
CA SER D 290 19.99 -4.33 -33.61
C SER D 290 19.28 -5.24 -34.59
N ARG D 291 19.47 -4.95 -35.88
CA ARG D 291 18.79 -5.63 -36.97
C ARG D 291 19.72 -6.64 -37.65
N PHE D 292 19.19 -7.82 -37.96
CA PHE D 292 20.01 -8.86 -38.59
C PHE D 292 19.39 -9.31 -39.92
N GLU D 293 20.11 -9.01 -41.00
CA GLU D 293 19.60 -9.39 -42.32
C GLU D 293 20.78 -9.75 -43.24
N GLU D 294 20.46 -10.43 -44.33
CA GLU D 294 21.48 -10.91 -45.26
C GLU D 294 22.45 -9.82 -45.66
N ASN D 295 23.72 -10.06 -45.39
CA ASN D 295 24.79 -9.16 -45.78
C ASN D 295 24.76 -7.82 -45.09
N LYS D 296 24.11 -7.70 -43.93
CA LYS D 296 24.18 -6.41 -43.24
C LYS D 296 23.56 -6.54 -41.86
N LEU D 297 24.38 -6.19 -40.90
CA LEU D 297 24.00 -6.06 -39.51
C LEU D 297 23.99 -4.56 -39.18
N SER D 298 22.91 -4.12 -38.55
CA SER D 298 22.88 -2.69 -38.21
C SER D 298 22.37 -2.52 -36.79
N GLN D 299 22.45 -1.30 -36.30
CA GLN D 299 22.18 -1.01 -34.91
C GLN D 299 21.74 0.44 -34.71
N TYR D 300 20.91 0.67 -33.69
CA TYR D 300 20.59 2.06 -33.36
C TYR D 300 20.19 2.18 -31.90
N PHE D 301 20.15 3.44 -31.47
CA PHE D 301 19.80 3.80 -30.11
C PHE D 301 18.58 4.74 -30.09
N ILE D 302 17.93 4.66 -28.95
CA ILE D 302 16.89 5.48 -28.39
C ILE D 302 17.28 5.87 -26.98
N GLN D 303 17.03 7.11 -26.61
CA GLN D 303 17.29 7.56 -25.25
C GLN D 303 16.45 8.81 -25.02
N ASP D 304 15.72 8.87 -23.93
CA ASP D 304 14.85 9.98 -23.55
C ASP D 304 13.99 10.44 -24.72
N GLY D 305 13.58 9.47 -25.52
CA GLY D 305 12.77 9.61 -26.70
C GLY D 305 13.52 9.95 -27.97
N ARG D 306 14.84 9.84 -27.97
CA ARG D 306 15.64 10.27 -29.12
C ARG D 306 16.33 9.14 -29.87
N LYS D 307 15.88 8.82 -31.08
CA LYS D 307 16.67 7.91 -31.91
C LYS D 307 18.08 8.47 -32.10
N ILE D 308 19.08 7.77 -31.56
CA ILE D 308 20.47 8.18 -31.72
C ILE D 308 21.19 7.18 -32.62
N GLU D 309 21.83 7.67 -33.67
CA GLU D 309 22.53 6.74 -34.57
C GLU D 309 24.02 6.75 -34.26
N ILE D 310 24.73 5.76 -34.76
CA ILE D 310 26.16 5.55 -34.65
C ILE D 310 26.88 6.19 -35.82
N PRO D 311 27.90 7.01 -35.60
CA PRO D 311 28.55 7.63 -36.76
C PRO D 311 29.32 6.55 -37.50
N PRO D 312 29.80 6.85 -38.69
CA PRO D 312 30.61 5.86 -39.43
C PRO D 312 32.06 6.01 -38.99
N PRO D 313 32.96 5.19 -39.50
CA PRO D 313 34.37 5.41 -39.20
C PRO D 313 34.87 6.74 -39.75
N THR D 314 36.10 7.05 -39.36
CA THR D 314 36.77 8.23 -39.89
C THR D 314 38.02 7.79 -40.66
N TRP D 315 38.40 6.52 -40.47
CA TRP D 315 39.50 5.91 -41.19
C TRP D 315 39.28 5.97 -42.70
N GLU D 316 40.28 6.54 -43.36
CA GLU D 316 40.31 6.66 -44.81
C GLU D 316 40.35 5.27 -45.45
N GLY D 317 39.39 5.00 -46.32
CA GLY D 317 39.31 3.70 -46.96
C GLY D 317 38.21 2.81 -46.44
N MET D 318 37.54 3.15 -45.35
CA MET D 318 36.41 2.33 -44.92
C MET D 318 35.11 2.95 -45.45
N PRO D 319 33.99 2.24 -45.48
CA PRO D 319 32.80 2.84 -46.09
C PRO D 319 32.16 3.89 -45.19
N ASN D 320 31.37 4.74 -45.84
CA ASN D 320 30.63 5.82 -45.19
C ASN D 320 29.46 5.30 -44.37
N SER D 321 29.59 4.17 -43.69
CA SER D 321 28.46 3.61 -42.95
C SER D 321 28.90 2.97 -41.64
N SER D 322 28.02 2.85 -40.66
CA SER D 322 28.35 2.11 -39.44
C SER D 322 27.71 0.73 -39.48
N GLU D 323 27.15 0.38 -40.62
CA GLU D 323 26.57 -0.95 -40.87
C GLU D 323 27.67 -1.98 -41.00
N ILE D 324 27.51 -3.15 -40.38
CA ILE D 324 28.49 -4.22 -40.54
C ILE D 324 28.11 -5.05 -41.78
N THR D 325 28.76 -4.71 -42.88
CA THR D 325 28.52 -5.32 -44.17
C THR D 325 29.81 -5.93 -44.69
N PRO D 326 29.77 -6.74 -45.74
CA PRO D 326 31.04 -7.25 -46.27
C PRO D 326 32.00 -6.11 -46.58
N GLU D 327 31.47 -4.98 -47.05
CA GLU D 327 32.33 -3.82 -47.30
C GLU D 327 33.16 -3.50 -46.05
N LEU D 328 32.45 -3.16 -44.99
CA LEU D 328 33.05 -2.82 -43.70
C LEU D 328 34.11 -3.86 -43.34
N CYS D 329 33.68 -5.12 -43.36
CA CYS D 329 34.47 -6.16 -42.72
C CYS D 329 35.81 -6.39 -43.39
N SER D 330 35.84 -6.43 -44.72
CA SER D 330 37.11 -6.57 -45.42
C SER D 330 37.95 -5.31 -45.31
N THR D 331 37.40 -4.12 -45.58
CA THR D 331 38.28 -2.96 -45.57
C THR D 331 38.84 -2.68 -44.19
N MET D 332 38.18 -3.14 -43.13
CA MET D 332 38.61 -2.73 -41.79
C MET D 332 39.92 -3.41 -41.39
N PHE D 333 40.05 -4.73 -41.56
CA PHE D 333 41.26 -5.38 -41.08
C PHE D 333 42.49 -4.80 -41.78
N ASP D 334 42.29 -4.29 -42.99
CA ASP D 334 43.24 -3.49 -43.75
C ASP D 334 43.81 -2.33 -42.91
N VAL D 335 42.90 -1.61 -42.25
CA VAL D 335 43.29 -0.47 -41.43
C VAL D 335 43.82 -0.89 -40.07
N PHE D 336 43.22 -1.93 -39.49
CA PHE D 336 43.60 -2.34 -38.14
C PHE D 336 44.77 -3.31 -38.14
N ASN D 337 45.14 -3.86 -39.30
CA ASN D 337 46.39 -4.61 -39.29
C ASN D 337 46.38 -5.81 -38.35
N ASP D 338 45.20 -6.33 -38.09
CA ASP D 338 44.87 -7.51 -37.33
C ASP D 338 44.88 -8.73 -38.25
N ARG D 339 44.98 -9.93 -37.69
CA ARG D 339 44.80 -11.14 -38.51
C ARG D 339 43.35 -11.21 -38.96
N ASN D 340 43.07 -11.40 -40.25
CA ASN D 340 41.67 -11.44 -40.72
C ASN D 340 41.00 -12.79 -40.55
N ARG D 341 40.68 -13.22 -39.32
CA ARG D 341 40.04 -14.53 -39.26
C ARG D 341 38.60 -14.47 -39.79
N PHE D 342 38.00 -13.30 -39.96
CA PHE D 342 36.62 -13.22 -40.49
C PHE D 342 36.57 -13.92 -41.85
N GLU D 343 37.27 -13.37 -42.83
CA GLU D 343 37.48 -14.08 -44.08
C GLU D 343 37.91 -15.53 -43.87
N GLU D 344 38.70 -15.79 -42.82
CA GLU D 344 39.37 -17.10 -42.77
C GLU D 344 38.35 -18.23 -42.68
N VAL D 345 37.28 -18.04 -41.93
CA VAL D 345 36.20 -19.03 -41.85
C VAL D 345 35.07 -18.79 -42.82
N GLY D 346 35.29 -18.08 -43.93
CA GLY D 346 34.20 -17.95 -44.90
C GLY D 346 33.63 -16.56 -45.05
N GLY D 347 34.21 -15.57 -44.38
CA GLY D 347 33.77 -14.20 -44.55
C GLY D 347 32.29 -14.00 -44.34
N PHE D 348 31.71 -12.94 -44.95
CA PHE D 348 30.34 -12.63 -44.56
C PHE D 348 29.35 -13.70 -44.99
N GLU D 349 29.72 -14.59 -45.90
CA GLU D 349 28.68 -15.57 -46.29
C GLU D 349 28.51 -16.59 -45.17
N GLN D 350 29.66 -16.90 -44.54
CA GLN D 350 29.64 -17.81 -43.41
C GLN D 350 28.84 -17.14 -42.29
N LEU D 351 28.93 -15.82 -42.19
CA LEU D 351 28.14 -15.05 -41.23
C LEU D 351 26.65 -15.10 -41.56
N ASN D 352 26.32 -14.93 -42.84
CA ASN D 352 24.94 -15.07 -43.28
C ASN D 352 24.43 -16.45 -42.88
N ASN D 353 25.28 -17.48 -43.01
CA ASN D 353 24.77 -18.82 -42.71
C ASN D 353 24.46 -19.00 -41.24
N ALA D 354 25.14 -18.24 -40.37
CA ALA D 354 24.88 -18.39 -38.94
C ALA D 354 23.63 -17.63 -38.52
N LEU D 355 23.25 -16.56 -39.23
CA LEU D 355 22.10 -15.83 -38.66
C LEU D 355 20.77 -16.49 -39.05
N ARG D 356 20.87 -17.65 -39.68
CA ARG D 356 19.78 -18.56 -40.00
C ARG D 356 19.92 -19.86 -39.20
N VAL D 357 20.95 -19.98 -38.37
CA VAL D 357 21.06 -21.01 -37.35
C VAL D 357 20.31 -20.54 -36.09
N PRO D 358 19.24 -21.20 -35.66
CA PRO D 358 18.46 -20.75 -34.48
C PRO D 358 19.37 -20.52 -33.28
N MET D 359 19.02 -19.53 -32.46
CA MET D 359 19.90 -19.03 -31.40
C MET D 359 19.20 -18.69 -30.09
N VAL D 360 20.00 -18.79 -29.02
CA VAL D 360 19.60 -18.53 -27.64
C VAL D 360 20.12 -17.15 -27.23
N LEU D 361 19.37 -16.42 -26.42
CA LEU D 361 19.78 -15.09 -25.96
C LEU D 361 20.63 -15.13 -24.70
N VAL D 362 21.71 -14.37 -24.59
CA VAL D 362 22.52 -14.44 -23.37
C VAL D 362 22.58 -13.10 -22.65
N MET D 363 22.48 -13.18 -21.32
CA MET D 363 22.77 -11.97 -20.56
C MET D 363 23.81 -12.24 -19.49
N SER D 364 24.80 -11.35 -19.34
CA SER D 364 25.89 -11.58 -18.41
C SER D 364 26.62 -10.34 -17.91
N ILE D 365 27.28 -10.58 -16.77
CA ILE D 365 28.27 -9.64 -16.26
C ILE D 365 29.52 -10.47 -15.89
N TRP D 366 30.67 -9.98 -16.29
CA TRP D 366 32.01 -10.53 -16.10
C TRP D 366 33.08 -9.45 -16.29
N ASP D 367 34.26 -9.81 -15.82
CA ASP D 367 35.52 -9.08 -16.05
C ASP D 367 36.52 -10.13 -16.58
N ASP D 368 37.61 -9.67 -17.15
CA ASP D 368 38.63 -10.44 -17.88
C ASP D 368 39.88 -10.69 -17.04
N HIS D 369 40.20 -11.97 -16.84
CA HIS D 369 41.42 -12.36 -16.14
C HIS D 369 42.55 -12.54 -17.17
N TYR D 370 42.21 -12.83 -18.42
CA TYR D 370 43.19 -13.00 -19.48
C TYR D 370 43.64 -11.68 -20.07
N ALA D 371 42.73 -10.71 -20.16
CA ALA D 371 43.08 -9.48 -20.86
C ALA D 371 42.53 -8.25 -20.17
N ASN D 372 41.88 -8.40 -19.02
CA ASN D 372 41.47 -7.19 -18.30
C ASN D 372 40.57 -6.27 -19.12
N MET D 373 39.89 -6.83 -20.11
CA MET D 373 38.86 -6.12 -20.87
C MET D 373 39.36 -4.91 -21.64
N LEU D 374 40.67 -4.86 -21.83
CA LEU D 374 41.28 -3.67 -22.42
C LEU D 374 40.82 -3.49 -23.87
N TRP D 375 40.37 -4.58 -24.45
CA TRP D 375 40.03 -4.71 -25.86
C TRP D 375 38.68 -4.05 -26.20
N LEU D 376 37.86 -3.88 -25.19
CA LEU D 376 36.56 -3.23 -25.14
C LEU D 376 36.65 -1.74 -24.84
N ASP D 377 37.51 -1.42 -23.86
CA ASP D 377 37.51 -0.04 -23.39
C ASP D 377 38.90 0.57 -23.29
N SER D 378 39.99 -0.09 -23.68
CA SER D 378 41.31 0.50 -23.50
C SER D 378 42.07 0.61 -24.81
N ILE D 379 43.36 0.89 -24.74
CA ILE D 379 44.24 0.79 -25.91
C ILE D 379 44.72 -0.65 -25.99
N TYR D 380 44.49 -1.37 -27.06
CA TYR D 380 44.79 -2.80 -27.04
C TYR D 380 45.36 -3.30 -28.35
N PRO D 381 46.41 -4.11 -28.28
CA PRO D 381 47.21 -4.23 -27.07
C PRO D 381 48.11 -3.01 -26.88
N PRO D 382 48.44 -2.70 -25.62
CA PRO D 382 49.18 -1.49 -25.28
C PRO D 382 50.45 -1.33 -26.12
N GLU D 383 51.05 -2.44 -26.45
CA GLU D 383 52.21 -2.70 -27.28
C GLU D 383 52.95 -1.46 -27.75
N LYS D 384 52.35 -0.50 -28.46
CA LYS D 384 53.16 0.65 -28.90
C LYS D 384 52.44 1.98 -28.69
N GLU D 385 51.33 2.19 -29.38
CA GLU D 385 50.39 3.27 -29.41
C GLU D 385 50.51 4.16 -30.65
N GLY D 386 49.33 4.62 -31.10
CA GLY D 386 49.17 5.55 -32.19
C GLY D 386 48.47 5.01 -33.43
N GLN D 387 48.47 3.70 -33.59
CA GLN D 387 48.07 2.97 -34.78
C GLN D 387 46.59 2.65 -34.89
N PRO D 388 45.99 2.95 -36.04
CA PRO D 388 44.61 2.60 -36.35
C PRO D 388 44.15 1.27 -35.77
N GLY D 389 43.22 1.39 -34.82
CA GLY D 389 42.57 0.24 -34.22
C GLY D 389 42.97 0.01 -32.78
N ALA D 390 44.03 0.68 -32.35
CA ALA D 390 44.50 0.62 -30.98
C ALA D 390 43.32 0.97 -30.05
N ALA D 391 43.17 2.26 -29.79
CA ALA D 391 42.08 2.80 -29.01
C ALA D 391 40.75 2.11 -29.32
N ARG D 392 40.03 1.83 -28.24
CA ARG D 392 38.69 1.26 -28.21
C ARG D 392 37.86 1.94 -27.12
N GLY D 393 38.48 2.42 -26.05
CA GLY D 393 37.86 3.18 -24.98
C GLY D 393 38.76 4.21 -24.31
N ASP D 394 38.26 4.85 -23.25
CA ASP D 394 38.85 5.93 -22.50
C ASP D 394 39.46 5.46 -21.17
N CYS D 395 39.55 4.14 -21.02
CA CYS D 395 40.03 3.61 -19.74
C CYS D 395 41.55 3.56 -19.71
N PRO D 396 42.19 3.87 -18.59
CA PRO D 396 43.63 3.63 -18.48
C PRO D 396 43.99 2.18 -18.80
N THR D 397 45.22 1.99 -19.24
CA THR D 397 45.77 0.67 -19.48
C THR D 397 46.07 -0.04 -18.15
N ASP D 398 45.97 0.73 -17.09
CA ASP D 398 46.10 0.32 -15.70
C ASP D 398 44.88 -0.48 -15.26
N SER D 399 43.78 -0.21 -15.96
CA SER D 399 42.46 -0.72 -15.60
C SER D 399 42.27 -2.18 -15.95
N GLY D 400 41.28 -2.80 -15.30
CA GLY D 400 40.88 -4.12 -15.74
C GLY D 400 41.27 -5.32 -14.94
N VAL D 401 42.29 -5.19 -14.08
CA VAL D 401 42.69 -6.33 -13.24
C VAL D 401 41.57 -6.82 -12.33
N PRO D 402 41.12 -8.04 -12.57
CA PRO D 402 40.04 -8.71 -11.83
C PRO D 402 39.95 -8.39 -10.35
N ALA D 403 40.93 -8.88 -9.61
CA ALA D 403 41.07 -8.68 -8.19
C ALA D 403 40.95 -7.21 -7.81
N GLU D 404 41.64 -6.33 -8.56
CA GLU D 404 41.62 -4.93 -8.12
C GLU D 404 40.22 -4.34 -8.31
N VAL D 405 39.71 -4.50 -9.52
CA VAL D 405 38.40 -3.99 -9.92
C VAL D 405 37.25 -4.71 -9.21
N GLU D 406 37.52 -5.88 -8.66
CA GLU D 406 36.60 -6.73 -7.92
C GLU D 406 36.55 -6.27 -6.46
N ALA D 407 37.22 -5.16 -6.20
CA ALA D 407 37.45 -4.56 -4.90
C ALA D 407 37.06 -3.08 -4.89
N GLN D 408 37.34 -2.41 -6.02
CA GLN D 408 36.92 -1.01 -6.10
C GLN D 408 35.45 -0.92 -6.51
N PHE D 409 34.95 -1.80 -7.37
CA PHE D 409 33.52 -1.63 -7.69
C PHE D 409 32.69 -2.88 -7.51
N PRO D 410 32.72 -3.53 -6.35
CA PRO D 410 31.88 -4.71 -6.10
C PRO D 410 30.42 -4.51 -6.46
N ASP D 411 29.82 -3.34 -6.17
CA ASP D 411 28.39 -3.21 -6.44
C ASP D 411 28.06 -2.78 -7.87
N ALA D 412 28.99 -2.88 -8.82
CA ALA D 412 28.55 -2.47 -10.18
C ALA D 412 27.47 -3.42 -10.62
N GLN D 413 26.48 -2.94 -11.37
CA GLN D 413 25.45 -3.88 -11.78
C GLN D 413 24.87 -3.49 -13.13
N VAL D 414 24.31 -4.47 -13.85
CA VAL D 414 23.68 -4.06 -15.10
C VAL D 414 22.18 -4.25 -15.00
N VAL D 415 21.35 -3.38 -15.61
CA VAL D 415 19.97 -3.92 -15.61
C VAL D 415 19.55 -4.02 -17.07
N TRP D 416 19.12 -5.22 -17.44
CA TRP D 416 18.52 -5.43 -18.76
C TRP D 416 16.99 -5.48 -18.59
N SER D 417 16.26 -4.87 -19.50
CA SER D 417 14.81 -4.80 -19.39
C SER D 417 14.20 -4.56 -20.77
N ASN D 418 12.88 -4.68 -20.79
CA ASN D 418 12.03 -4.41 -21.93
C ASN D 418 12.61 -4.98 -23.23
N ILE D 419 12.95 -6.26 -23.17
CA ILE D 419 13.46 -6.98 -24.34
C ILE D 419 12.35 -7.12 -25.37
N ARG D 420 12.64 -6.99 -26.65
CA ARG D 420 11.65 -7.15 -27.73
C ARG D 420 12.33 -7.81 -28.94
N PHE D 421 11.56 -8.43 -29.80
CA PHE D 421 11.98 -9.21 -30.95
C PHE D 421 10.86 -9.42 -31.97
N GLY D 422 11.25 -9.33 -33.24
CA GLY D 422 10.28 -9.49 -34.32
C GLY D 422 10.90 -8.97 -35.61
N PRO D 423 10.18 -9.04 -36.71
CA PRO D 423 10.70 -8.49 -37.98
C PRO D 423 11.22 -7.07 -37.82
N ILE D 424 12.19 -6.75 -38.68
CA ILE D 424 12.84 -5.45 -38.62
C ILE D 424 11.79 -4.35 -38.72
N GLY D 425 11.88 -3.38 -37.81
CA GLY D 425 10.93 -2.28 -37.74
C GLY D 425 9.84 -2.47 -36.69
N SER D 426 9.63 -3.65 -36.15
CA SER D 426 8.45 -3.89 -35.31
C SER D 426 8.64 -3.50 -33.86
N THR D 427 9.82 -3.73 -33.28
CA THR D 427 10.03 -3.38 -31.87
C THR D 427 9.80 -1.90 -31.62
N TYR D 428 10.13 -1.06 -32.61
CA TYR D 428 9.97 0.38 -32.45
C TYR D 428 9.76 1.05 -33.81
N ASP D 429 9.05 2.17 -33.81
CA ASP D 429 8.71 2.85 -35.06
C ASP D 429 9.84 3.76 -35.53
N PHE D 430 11.01 3.17 -35.74
CA PHE D 430 12.16 3.96 -36.19
C PHE D 430 12.76 3.33 -37.45
#